data_3R4I
#
_entry.id   3R4I
#
_cell.length_a   148.468
_cell.length_b   148.468
_cell.length_c   79.570
_cell.angle_alpha   90.000
_cell.angle_beta   90.000
_cell.angle_gamma   120.000
#
_symmetry.space_group_name_H-M   'P 3'
#
loop_
_entity.id
_entity.type
_entity.pdbx_description
1 polymer 'Citrate Lyase'
2 non-polymer 'CALCIUM ION'
3 non-polymer 'CHLORIDE ION'
4 non-polymer 'ACETATE ION'
5 water water
#
_entity_poly.entity_id   1
_entity_poly.type   'polypeptide(L)'
_entity_poly.pdbx_seq_one_letter_code
;G(MSE)RALTPAEVLFDGEVPPAVLPACDHYAGSEKL(MSE)LKSLALQQQLGPVFDITLDCEDGAQVGREAQHAELVAS
LLGSEHDRFGRVGVRIHDFDHAHWRDDVRLILRAAKRAPAYITLPKIRHVHDAAE(MSE)VAFIEATRRELGIAQPVPVQ
LLVETHGALTRVFDLAALPGVEALSFGL(MSE)DFVSAHDGAIPDTA(MSE)RSPGQFDHPLVRRAKLEISAACHAYGKV
PSHNVSTEVRD(MSE)SVVANDAARARNEFGYTR(MSE)WSIHPAQIEAIVAAFAPRDEEITTATEILLAAQSAQWGPTR
YHDTLHDRASYRYYWSVLRRAQATGRAVPQDAAPLFTKVGTNVQAAS
;
_entity_poly.pdbx_strand_id   A,B,C,D,E,F
#
# COMPACT_ATOMS: atom_id res chain seq x y z
N ALA A 4 43.90 -23.47 38.50
CA ALA A 4 42.89 -24.20 39.24
C ALA A 4 42.34 -25.37 38.40
N LEU A 5 41.49 -26.18 39.00
CA LEU A 5 40.97 -27.36 38.31
C LEU A 5 39.60 -27.09 37.68
N THR A 6 39.40 -27.59 36.45
CA THR A 6 38.17 -27.39 35.72
C THR A 6 37.15 -28.50 36.00
N PRO A 7 35.85 -28.20 35.85
CA PRO A 7 34.83 -29.23 36.12
C PRO A 7 35.05 -30.46 35.26
N ALA A 8 35.46 -30.25 34.02
CA ALA A 8 35.69 -31.32 33.07
C ALA A 8 36.68 -32.37 33.60
N GLU A 9 37.59 -31.96 34.47
CA GLU A 9 38.62 -32.87 34.95
C GLU A 9 38.42 -33.40 36.37
N VAL A 10 37.38 -32.94 37.06
CA VAL A 10 37.14 -33.40 38.42
C VAL A 10 35.79 -34.09 38.59
N LEU A 11 34.86 -33.81 37.69
CA LEU A 11 33.47 -34.27 37.84
C LEU A 11 33.16 -35.56 37.09
N PHE A 12 32.34 -36.40 37.72
CA PHE A 12 31.94 -37.71 37.21
C PHE A 12 31.11 -37.61 35.89
N ASP A 13 31.52 -38.33 34.86
CA ASP A 13 30.95 -38.18 33.51
C ASP A 13 30.98 -36.73 33.00
N PRO A 18 25.36 -38.05 26.00
CA PRO A 18 23.98 -37.54 25.95
C PRO A 18 23.47 -37.48 24.53
N ALA A 19 22.28 -38.02 24.28
CA ALA A 19 21.74 -38.11 22.92
C ALA A 19 20.93 -36.87 22.49
N VAL A 20 21.10 -36.47 21.24
CA VAL A 20 20.44 -35.25 20.75
C VAL A 20 19.90 -35.35 19.31
N LEU A 21 18.60 -35.14 19.18
CA LEU A 21 17.89 -35.06 17.90
C LEU A 21 16.97 -33.85 17.97
N PRO A 22 16.50 -33.35 16.83
CA PRO A 22 15.54 -32.25 16.85
C PRO A 22 14.35 -32.58 17.76
N ALA A 23 13.80 -31.57 18.41
CA ALA A 23 12.83 -31.79 19.47
C ALA A 23 11.44 -32.12 18.95
N CYS A 24 11.20 -31.88 17.67
CA CYS A 24 9.88 -32.17 17.10
C CYS A 24 9.99 -33.12 15.92
N ASP A 25 9.17 -34.16 15.94
CA ASP A 25 9.13 -35.16 14.87
C ASP A 25 7.77 -35.08 14.21
N HIS A 26 7.69 -34.33 13.11
CA HIS A 26 6.42 -34.06 12.46
C HIS A 26 6.03 -35.14 11.46
N TYR A 27 4.86 -35.75 11.68
CA TYR A 27 4.40 -36.85 10.82
C TYR A 27 3.49 -36.41 9.67
N ALA A 28 3.76 -36.93 8.47
CA ALA A 28 2.92 -36.70 7.29
C ALA A 28 2.73 -38.00 6.51
N GLY A 29 1.47 -38.40 6.32
CA GLY A 29 1.16 -39.69 5.74
C GLY A 29 0.50 -39.62 4.38
N SER A 30 0.41 -38.43 3.82
CA SER A 30 -0.13 -38.25 2.48
C SER A 30 0.67 -37.20 1.71
N GLU A 31 0.67 -37.33 0.38
CA GLU A 31 1.49 -36.48 -0.47
C GLU A 31 1.31 -34.99 -0.19
N LYS A 32 0.04 -34.55 -0.11
CA LYS A 32 -0.23 -33.14 0.13
C LYS A 32 0.44 -32.65 1.41
N LEU A 33 0.33 -33.46 2.46
CA LEU A 33 0.88 -33.12 3.77
C LEU A 33 2.40 -33.20 3.78
N LEU A 35 4.32 -32.65 1.22
CA LEU A 35 4.83 -31.52 0.44
C LEU A 35 4.71 -30.21 1.20
N LYS A 36 3.60 -30.04 1.90
CA LYS A 36 3.41 -28.85 2.72
C LYS A 36 4.37 -28.83 3.91
N SER A 37 4.60 -30.00 4.52
CA SER A 37 5.54 -30.11 5.64
C SER A 37 6.95 -29.79 5.16
N LEU A 38 7.32 -30.32 4.01
CA LEU A 38 8.64 -30.08 3.46
C LEU A 38 8.83 -28.59 3.18
N ALA A 39 7.81 -27.95 2.63
CA ALA A 39 7.85 -26.52 2.35
C ALA A 39 8.00 -25.70 3.64
N LEU A 40 7.26 -26.11 4.67
CA LEU A 40 7.31 -25.45 5.96
C LEU A 40 8.69 -25.61 6.60
N GLN A 41 9.30 -26.78 6.42
CA GLN A 41 10.63 -27.04 6.97
C GLN A 41 11.66 -26.12 6.30
N GLN A 42 11.47 -25.84 5.02
CA GLN A 42 12.34 -24.93 4.29
C GLN A 42 12.20 -23.52 4.86
N GLN A 43 10.98 -23.13 5.23
CA GLN A 43 10.75 -21.81 5.81
C GLN A 43 11.33 -21.68 7.20
N LEU A 44 10.98 -22.60 8.09
CA LEU A 44 11.43 -22.55 9.48
C LEU A 44 12.87 -23.02 9.69
N GLY A 45 13.44 -23.69 8.70
CA GLY A 45 14.69 -24.38 8.89
C GLY A 45 14.46 -25.69 9.64
N PRO A 46 15.52 -26.46 9.90
CA PRO A 46 15.34 -27.81 10.46
C PRO A 46 15.15 -27.84 11.99
N VAL A 47 14.18 -27.08 12.50
CA VAL A 47 13.83 -27.11 13.92
C VAL A 47 12.95 -28.34 14.24
N PHE A 48 12.42 -28.96 13.20
CA PHE A 48 11.68 -30.20 13.34
C PHE A 48 12.11 -31.20 12.26
N ASP A 49 12.02 -32.48 12.58
CA ASP A 49 12.20 -33.53 11.60
C ASP A 49 10.85 -33.76 10.93
N ILE A 50 10.87 -34.36 9.75
CA ILE A 50 9.65 -34.82 9.14
C ILE A 50 9.77 -36.32 8.98
N THR A 51 8.73 -37.05 9.38
CA THR A 51 8.65 -38.47 9.08
C THR A 51 7.58 -38.71 8.02
N LEU A 52 8.01 -39.22 6.87
CA LEU A 52 7.09 -39.58 5.81
C LEU A 52 6.54 -40.94 6.16
N ASP A 53 5.23 -41.01 6.38
CA ASP A 53 4.63 -42.17 7.04
C ASP A 53 3.97 -43.15 6.07
N CYS A 54 4.35 -44.43 6.17
CA CYS A 54 3.72 -45.49 5.39
C CYS A 54 2.69 -46.28 6.20
N GLU A 55 2.72 -46.12 7.52
CA GLU A 55 1.89 -46.94 8.41
C GLU A 55 0.57 -46.24 8.75
N ASP A 56 0.32 -46.03 10.04
CA ASP A 56 -1.01 -45.60 10.50
C ASP A 56 -1.45 -44.22 10.03
N GLY A 57 -0.49 -43.39 9.63
CA GLY A 57 -0.80 -42.07 9.11
C GLY A 57 -1.30 -42.10 7.68
N ALA A 58 -1.21 -43.26 7.05
CA ALA A 58 -1.65 -43.40 5.67
C ALA A 58 -2.80 -44.39 5.57
N GLN A 59 -3.63 -44.21 4.55
CA GLN A 59 -4.67 -45.20 4.24
C GLN A 59 -4.02 -46.49 3.81
N VAL A 60 -4.79 -47.58 3.85
CA VAL A 60 -4.28 -48.88 3.41
C VAL A 60 -4.56 -49.13 1.92
N GLY A 61 -3.86 -50.09 1.32
CA GLY A 61 -4.17 -50.51 -0.04
C GLY A 61 -3.29 -50.05 -1.19
N ARG A 62 -2.48 -49.01 -0.98
CA ARG A 62 -1.60 -48.54 -2.04
C ARG A 62 -0.12 -48.65 -1.63
N GLU A 63 0.20 -49.73 -0.93
CA GLU A 63 1.48 -49.86 -0.22
C GLU A 63 2.71 -49.62 -1.09
N ALA A 64 2.75 -50.22 -2.26
CA ALA A 64 3.90 -50.08 -3.17
C ALA A 64 4.00 -48.66 -3.72
N GLN A 65 2.88 -48.15 -4.24
CA GLN A 65 2.81 -46.78 -4.74
C GLN A 65 3.25 -45.77 -3.67
N HIS A 66 2.83 -46.00 -2.42
CA HIS A 66 3.11 -45.10 -1.30
C HIS A 66 4.59 -45.01 -0.93
N ALA A 67 5.25 -46.17 -0.88
CA ALA A 67 6.67 -46.25 -0.58
C ALA A 67 7.50 -45.55 -1.66
N GLU A 68 7.03 -45.58 -2.90
CA GLU A 68 7.70 -44.90 -4.00
C GLU A 68 7.51 -43.39 -3.90
N LEU A 69 6.33 -42.96 -3.50
CA LEU A 69 6.08 -41.54 -3.26
C LEU A 69 7.07 -41.05 -2.21
N VAL A 70 7.13 -41.79 -1.10
CA VAL A 70 8.04 -41.47 -0.01
C VAL A 70 9.49 -41.42 -0.50
N ALA A 71 9.90 -42.44 -1.25
CA ALA A 71 11.26 -42.53 -1.78
C ALA A 71 11.59 -41.37 -2.72
N SER A 72 10.58 -40.88 -3.44
CA SER A 72 10.79 -39.80 -4.41
C SER A 72 11.07 -38.46 -3.73
N LEU A 73 10.67 -38.34 -2.47
CA LEU A 73 10.81 -37.07 -1.75
C LEU A 73 12.12 -36.99 -0.99
N LEU A 74 12.63 -38.14 -0.57
CA LEU A 74 13.89 -38.19 0.18
C LEU A 74 15.05 -37.71 -0.67
N GLY A 75 15.73 -36.67 -0.19
CA GLY A 75 16.88 -36.14 -0.90
C GLY A 75 16.53 -35.37 -2.15
N SER A 76 15.24 -35.06 -2.32
CA SER A 76 14.77 -34.28 -3.47
C SER A 76 14.94 -32.79 -3.19
N GLU A 77 14.40 -31.96 -4.08
CA GLU A 77 14.48 -30.51 -3.94
C GLU A 77 13.76 -30.03 -2.68
N HIS A 78 12.81 -30.83 -2.20
CA HIS A 78 12.00 -30.47 -1.02
C HIS A 78 12.72 -30.82 0.29
N ASP A 79 13.56 -31.85 0.23
CA ASP A 79 14.38 -32.27 1.37
C ASP A 79 15.64 -31.44 1.41
N ARG A 80 15.59 -30.29 2.09
CA ARG A 80 16.67 -29.34 2.03
C ARG A 80 17.78 -29.60 3.05
N PHE A 81 17.47 -30.30 4.14
CA PHE A 81 18.43 -30.41 5.25
C PHE A 81 18.87 -31.83 5.62
N GLY A 82 18.24 -32.82 4.99
CA GLY A 82 18.55 -34.22 5.30
C GLY A 82 17.89 -34.66 6.58
N ARG A 83 16.91 -33.89 7.03
CA ARG A 83 16.21 -34.16 8.27
C ARG A 83 14.81 -34.66 7.97
N VAL A 84 14.72 -35.64 7.07
CA VAL A 84 13.47 -36.26 6.70
C VAL A 84 13.62 -37.78 6.81
N GLY A 85 12.87 -38.39 7.72
CA GLY A 85 12.93 -39.82 7.92
C GLY A 85 11.69 -40.51 7.42
N VAL A 86 11.54 -41.79 7.72
CA VAL A 86 10.31 -42.49 7.35
C VAL A 86 9.82 -43.44 8.45
N ARG A 87 8.51 -43.72 8.44
CA ARG A 87 7.99 -44.86 9.19
C ARG A 87 7.44 -45.92 8.25
N ILE A 88 7.86 -47.17 8.44
CA ILE A 88 7.45 -48.28 7.60
C ILE A 88 6.45 -49.18 8.32
N HIS A 89 6.09 -50.30 7.70
CA HIS A 89 5.13 -51.23 8.30
C HIS A 89 5.79 -52.11 9.34
N ASP A 90 4.98 -52.83 10.11
CA ASP A 90 5.46 -53.65 11.23
C ASP A 90 6.00 -55.00 10.79
N PHE A 91 6.65 -55.71 11.73
CA PHE A 91 7.31 -56.99 11.45
C PHE A 91 6.36 -58.07 10.97
N ASP A 92 5.14 -58.07 11.49
CA ASP A 92 4.15 -59.07 11.11
C ASP A 92 3.33 -58.61 9.89
N HIS A 93 3.82 -57.58 9.21
CA HIS A 93 3.16 -57.09 7.99
C HIS A 93 3.87 -57.62 6.75
N ALA A 94 3.11 -57.78 5.67
CA ALA A 94 3.64 -58.35 4.42
C ALA A 94 4.60 -57.43 3.67
N HIS A 95 4.43 -56.12 3.85
CA HIS A 95 5.13 -55.16 3.01
C HIS A 95 6.35 -54.50 3.69
N TRP A 96 6.74 -54.95 4.87
CA TRP A 96 7.80 -54.22 5.57
C TRP A 96 9.18 -54.32 4.92
N ARG A 97 9.54 -55.49 4.41
CA ARG A 97 10.78 -55.65 3.66
C ARG A 97 10.71 -54.88 2.34
N ASP A 98 9.54 -54.87 1.72
CA ASP A 98 9.31 -54.15 0.47
C ASP A 98 9.43 -52.64 0.67
N ASP A 99 9.04 -52.18 1.85
CA ASP A 99 9.18 -50.77 2.21
C ASP A 99 10.66 -50.41 2.22
N VAL A 100 11.45 -51.24 2.89
CA VAL A 100 12.88 -50.99 3.05
C VAL A 100 13.59 -51.00 1.69
N ARG A 101 13.29 -52.00 0.87
CA ARG A 101 13.92 -52.15 -0.43
C ARG A 101 13.50 -51.05 -1.38
N LEU A 102 12.21 -50.85 -1.54
CA LEU A 102 11.71 -49.81 -2.45
C LEU A 102 12.30 -48.45 -2.08
N ILE A 103 12.28 -48.12 -0.79
CA ILE A 103 12.71 -46.81 -0.32
C ILE A 103 14.23 -46.60 -0.41
N LEU A 104 15.00 -47.56 0.09
CA LEU A 104 16.47 -47.43 0.03
C LEU A 104 17.01 -47.44 -1.40
N ARG A 105 16.38 -48.21 -2.29
CA ARG A 105 16.78 -48.27 -3.72
C ARG A 105 16.54 -46.98 -4.51
N ALA A 106 15.43 -46.30 -4.23
CA ALA A 106 14.99 -45.19 -5.06
C ALA A 106 15.26 -43.80 -4.47
N ALA A 107 15.50 -43.72 -3.17
CA ALA A 107 15.73 -42.43 -2.52
C ALA A 107 17.08 -41.84 -2.95
N LYS A 108 17.05 -40.64 -3.52
CA LYS A 108 18.27 -39.95 -3.91
C LYS A 108 19.26 -39.83 -2.75
N ARG A 109 18.74 -39.62 -1.53
CA ARG A 109 19.54 -39.75 -0.32
C ARG A 109 18.77 -40.60 0.68
N ALA A 110 19.48 -41.38 1.48
CA ALA A 110 18.84 -42.27 2.43
C ALA A 110 18.03 -41.47 3.46
N PRO A 111 16.98 -42.09 4.02
CA PRO A 111 16.18 -41.44 5.07
C PRO A 111 17.04 -41.08 6.28
N ALA A 112 16.70 -40.00 6.97
CA ALA A 112 17.44 -39.60 8.16
C ALA A 112 17.36 -40.68 9.25
N TYR A 113 16.26 -41.44 9.22
CA TYR A 113 16.06 -42.58 10.13
C TYR A 113 14.90 -43.40 9.63
N ILE A 114 14.80 -44.63 10.12
CA ILE A 114 13.65 -45.47 9.81
C ILE A 114 12.96 -45.87 11.12
N THR A 115 11.67 -45.57 11.19
CA THR A 115 10.88 -45.81 12.38
C THR A 115 10.16 -47.13 12.23
N LEU A 116 10.33 -48.01 13.22
CA LEU A 116 9.72 -49.33 13.22
C LEU A 116 8.54 -49.39 14.21
N PRO A 117 7.32 -49.59 13.68
CA PRO A 117 6.14 -49.59 14.54
C PRO A 117 5.82 -50.98 15.10
N LYS A 118 5.14 -51.02 16.22
CA LYS A 118 4.53 -52.26 16.73
C LYS A 118 5.49 -53.43 16.98
N ILE A 119 6.70 -53.13 17.44
CA ILE A 119 7.62 -54.15 17.91
C ILE A 119 6.99 -54.99 19.04
N ARG A 120 6.94 -56.30 18.84
CA ARG A 120 6.40 -57.22 19.85
C ARG A 120 7.51 -57.89 20.65
N HIS A 121 8.59 -58.24 19.96
CA HIS A 121 9.71 -58.96 20.57
CA HIS A 121 9.71 -58.89 20.63
C HIS A 121 11.04 -58.32 20.20
N VAL A 122 12.03 -58.45 21.07
CA VAL A 122 13.35 -57.87 20.86
C VAL A 122 14.00 -58.40 19.59
N HIS A 123 13.77 -59.67 19.30
CA HIS A 123 14.36 -60.27 18.11
C HIS A 123 13.74 -59.73 16.84
N ASP A 124 12.45 -59.40 16.90
CA ASP A 124 11.77 -58.76 15.77
C ASP A 124 12.51 -57.49 15.37
N ALA A 125 12.80 -56.64 16.35
CA ALA A 125 13.45 -55.36 16.08
C ALA A 125 14.87 -55.55 15.54
N ALA A 126 15.63 -56.38 16.22
CA ALA A 126 17.00 -56.66 15.83
C ALA A 126 17.06 -57.15 14.39
N GLU A 127 16.11 -58.01 14.03
CA GLU A 127 16.07 -58.62 12.71
C GLU A 127 15.79 -57.54 11.67
N VAL A 129 16.36 -54.25 12.06
CA VAL A 129 17.55 -53.40 12.04
C VAL A 129 18.60 -54.03 11.15
N ALA A 130 18.74 -55.35 11.26
CA ALA A 130 19.74 -56.10 10.50
C ALA A 130 19.43 -56.12 9.01
N PHE A 131 18.17 -56.24 8.65
CA PHE A 131 17.78 -56.20 7.23
C PHE A 131 18.06 -54.84 6.63
N ILE A 132 17.82 -53.78 7.39
CA ILE A 132 18.08 -52.43 6.90
C ILE A 132 19.57 -52.24 6.64
N GLU A 133 20.40 -52.70 7.58
CA GLU A 133 21.84 -52.64 7.42
C GLU A 133 22.30 -53.40 6.17
N ALA A 134 21.82 -54.63 6.03
CA ALA A 134 22.16 -55.47 4.89
C ALA A 134 21.80 -54.79 3.57
N THR A 135 20.56 -54.30 3.50
CA THR A 135 20.07 -53.65 2.28
C THR A 135 20.88 -52.42 1.91
N ARG A 136 21.23 -51.60 2.89
CA ARG A 136 21.92 -50.36 2.57
C ARG A 136 23.35 -50.70 2.21
N ARG A 137 23.87 -51.78 2.82
CA ARG A 137 25.23 -52.22 2.52
C ARG A 137 25.35 -52.70 1.08
N GLU A 138 24.39 -53.49 0.62
CA GLU A 138 24.45 -53.98 -0.77
C GLU A 138 24.16 -52.88 -1.80
N LEU A 139 23.35 -51.89 -1.43
CA LEU A 139 23.08 -50.77 -2.32
C LEU A 139 24.25 -49.81 -2.34
N GLY A 140 25.27 -50.12 -1.54
CA GLY A 140 26.47 -49.30 -1.48
C GLY A 140 26.22 -47.95 -0.84
N ILE A 141 25.15 -47.85 -0.08
CA ILE A 141 24.90 -46.65 0.72
C ILE A 141 26.05 -46.48 1.73
N ALA A 142 26.57 -45.26 1.81
CA ALA A 142 27.80 -44.96 2.57
C ALA A 142 27.73 -45.24 4.08
N GLN A 143 26.78 -44.62 4.76
CA GLN A 143 26.62 -44.79 6.21
C GLN A 143 25.37 -45.60 6.55
N PRO A 144 25.34 -46.19 7.75
CA PRO A 144 24.15 -46.89 8.23
C PRO A 144 22.96 -45.96 8.47
N VAL A 145 21.75 -46.48 8.33
CA VAL A 145 20.54 -45.71 8.56
C VAL A 145 20.10 -45.90 10.01
N PRO A 146 20.03 -44.80 10.77
CA PRO A 146 19.52 -44.88 12.15
C PRO A 146 18.09 -45.41 12.21
N VAL A 147 17.79 -46.16 13.26
CA VAL A 147 16.46 -46.71 13.46
C VAL A 147 15.86 -46.15 14.74
N GLN A 148 14.56 -45.88 14.72
CA GLN A 148 13.83 -45.49 15.90
C GLN A 148 12.73 -46.54 16.09
N LEU A 149 12.53 -47.00 17.31
CA LEU A 149 11.52 -48.02 17.62
C LEU A 149 10.31 -47.46 18.35
N LEU A 150 9.12 -47.87 17.94
CA LEU A 150 7.92 -47.60 18.69
C LEU A 150 7.80 -48.60 19.83
N VAL A 151 7.60 -48.09 21.04
CA VAL A 151 7.22 -48.94 22.17
C VAL A 151 5.72 -48.76 22.39
N GLU A 152 4.92 -49.68 21.86
CA GLU A 152 3.47 -49.52 21.88
C GLU A 152 2.72 -50.84 21.98
N THR A 153 3.44 -51.88 22.42
CA THR A 153 2.84 -53.18 22.69
C THR A 153 3.25 -53.63 24.07
N HIS A 154 2.60 -54.66 24.56
CA HIS A 154 3.00 -55.25 25.84
C HIS A 154 4.41 -55.80 25.76
N GLY A 155 4.70 -56.52 24.68
CA GLY A 155 5.99 -57.14 24.47
C GLY A 155 7.14 -56.16 24.46
N ALA A 156 6.92 -55.00 23.85
CA ALA A 156 7.96 -53.97 23.77
C ALA A 156 8.18 -53.27 25.11
N LEU A 157 7.09 -53.03 25.84
CA LEU A 157 7.22 -52.38 27.13
C LEU A 157 7.94 -53.27 28.14
N THR A 158 7.57 -54.55 28.16
CA THR A 158 8.22 -55.50 29.07
C THR A 158 9.73 -55.56 28.84
N ARG A 159 10.16 -55.57 27.57
CA ARG A 159 11.56 -55.69 27.23
C ARG A 159 12.11 -54.35 26.73
N VAL A 160 11.54 -53.26 27.22
CA VAL A 160 11.88 -51.91 26.75
C VAL A 160 13.35 -51.52 27.03
N PHE A 161 13.92 -52.03 28.12
CA PHE A 161 15.34 -51.80 28.38
C PHE A 161 16.23 -52.56 27.40
N ASP A 162 15.77 -53.73 26.99
CA ASP A 162 16.48 -54.52 25.99
C ASP A 162 16.42 -53.80 24.65
N LEU A 163 15.29 -53.17 24.37
CA LEU A 163 15.14 -52.36 23.16
C LEU A 163 16.05 -51.13 23.17
N ALA A 164 16.10 -50.41 24.28
CA ALA A 164 16.94 -49.22 24.39
C ALA A 164 18.41 -49.56 24.14
N ALA A 165 18.80 -50.77 24.54
CA ALA A 165 20.18 -51.22 24.43
C ALA A 165 20.61 -51.63 23.02
N LEU A 166 19.66 -51.79 22.10
CA LEU A 166 19.98 -52.27 20.76
C LEU A 166 20.90 -51.30 20.02
N PRO A 167 21.99 -51.83 19.45
CA PRO A 167 23.02 -50.99 18.81
CA PRO A 167 22.85 -51.07 18.54
C PRO A 167 22.61 -49.92 17.75
C PRO A 167 22.05 -50.83 17.29
N GLY A 168 21.76 -50.27 16.76
N GLY A 168 22.20 -49.64 16.71
CA GLY A 168 21.43 -49.34 15.67
CA GLY A 168 21.44 -49.27 15.56
C GLY A 168 20.20 -48.45 15.90
N VAL A 169 19.82 -48.40 17.17
CA VAL A 169 18.61 -47.69 17.60
C VAL A 169 18.94 -46.36 18.30
N GLU A 170 18.46 -45.26 17.74
CA GLU A 170 18.84 -43.95 18.24
C GLU A 170 17.80 -43.36 19.19
N ALA A 171 16.56 -43.84 19.10
CA ALA A 171 15.49 -43.32 19.95
C ALA A 171 14.38 -44.35 20.11
N LEU A 172 13.62 -44.22 21.20
CA LEU A 172 12.36 -44.97 21.37
C LEU A 172 11.21 -43.97 21.45
N SER A 173 10.10 -44.27 20.79
CA SER A 173 8.90 -43.43 20.83
C SER A 173 7.77 -44.17 21.54
N PHE A 174 6.99 -43.45 22.32
CA PHE A 174 5.81 -44.03 22.92
C PHE A 174 4.62 -43.96 21.94
N GLY A 175 3.97 -45.10 21.72
CA GLY A 175 2.73 -45.15 20.98
C GLY A 175 1.53 -45.20 21.93
N LEU A 176 0.99 -44.03 22.25
CA LEU A 176 -0.06 -43.90 23.27
C LEU A 176 -1.37 -44.60 22.91
N ASP A 178 -2.00 -46.93 20.48
CA ASP A 178 -1.80 -48.38 20.38
C ASP A 178 -1.62 -49.02 21.75
N PHE A 179 -0.94 -48.32 22.67
CA PHE A 179 -0.73 -48.86 24.02
C PHE A 179 -2.02 -48.97 24.81
N VAL A 180 -2.86 -47.95 24.71
CA VAL A 180 -4.17 -47.95 25.36
C VAL A 180 -5.04 -49.03 24.73
N SER A 181 -5.10 -49.05 23.41
CA SER A 181 -5.87 -50.08 22.66
C SER A 181 -5.41 -51.50 22.98
N ALA A 182 -4.12 -51.64 23.32
CA ALA A 182 -3.54 -52.94 23.64
C ALA A 182 -4.12 -53.54 24.90
N HIS A 183 -4.79 -52.72 25.71
CA HIS A 183 -5.40 -53.21 26.94
C HIS A 183 -6.86 -53.59 26.75
N ASP A 184 -7.31 -53.56 25.50
CA ASP A 184 -8.62 -54.11 25.12
C ASP A 184 -9.77 -53.50 25.92
N GLY A 185 -9.68 -52.21 26.22
CA GLY A 185 -10.75 -51.53 26.94
C GLY A 185 -10.53 -51.38 28.44
N ALA A 186 -9.57 -52.11 29.01
CA ALA A 186 -9.28 -52.03 30.44
C ALA A 186 -8.80 -50.63 30.82
N ILE A 187 -8.11 -49.96 29.89
CA ILE A 187 -7.79 -48.55 30.06
C ILE A 187 -8.77 -47.71 29.25
N PRO A 188 -9.48 -46.80 29.93
CA PRO A 188 -10.47 -45.96 29.23
C PRO A 188 -9.82 -45.14 28.10
N ASP A 189 -10.59 -44.82 27.06
CA ASP A 189 -10.09 -43.97 25.97
C ASP A 189 -9.74 -42.54 26.44
N THR A 190 -10.15 -42.18 27.65
CA THR A 190 -9.79 -40.89 28.22
C THR A 190 -8.30 -40.82 28.48
N ALA A 191 -7.63 -41.97 28.48
CA ALA A 191 -6.18 -42.04 28.69
C ALA A 191 -5.43 -41.67 27.41
N ARG A 193 -6.33 -38.92 25.87
CA ARG A 193 -6.44 -37.46 25.89
C ARG A 193 -5.69 -36.97 27.11
N SER A 194 -5.40 -35.68 27.17
CA SER A 194 -4.83 -35.10 28.38
C SER A 194 -6.00 -34.68 29.28
N PRO A 195 -5.83 -34.79 30.63
CA PRO A 195 -4.60 -35.17 31.34
C PRO A 195 -4.46 -36.68 31.56
N GLY A 196 -5.45 -37.46 31.15
CA GLY A 196 -5.42 -38.90 31.33
C GLY A 196 -4.15 -39.56 30.86
N GLN A 197 -3.61 -39.07 29.75
CA GLN A 197 -2.40 -39.64 29.17
C GLN A 197 -1.15 -39.43 30.03
N PHE A 198 -1.27 -38.59 31.07
CA PHE A 198 -0.18 -38.36 32.01
C PHE A 198 -0.52 -38.88 33.39
N ASP A 199 -1.82 -38.90 33.71
CA ASP A 199 -2.29 -39.20 35.06
C ASP A 199 -2.81 -40.63 35.24
N HIS A 200 -3.30 -41.26 34.18
CA HIS A 200 -3.66 -42.67 34.27
C HIS A 200 -2.45 -43.51 34.63
N PRO A 201 -2.48 -44.14 35.82
CA PRO A 201 -1.35 -44.86 36.42
C PRO A 201 -0.60 -45.82 35.47
N LEU A 202 -1.32 -46.57 34.62
CA LEU A 202 -0.66 -47.54 33.74
C LEU A 202 0.02 -46.87 32.57
N VAL A 203 -0.55 -45.77 32.10
CA VAL A 203 0.05 -45.02 30.99
C VAL A 203 1.25 -44.21 31.47
N ARG A 204 1.09 -43.60 32.64
CA ARG A 204 2.17 -42.91 33.30
C ARG A 204 3.33 -43.86 33.58
N ARG A 205 3.01 -45.06 34.03
CA ARG A 205 4.01 -46.09 34.27
C ARG A 205 4.78 -46.45 33.00
N ALA A 206 4.06 -46.67 31.91
CA ALA A 206 4.71 -47.04 30.65
C ALA A 206 5.63 -45.94 30.14
N LYS A 207 5.19 -44.68 30.21
CA LYS A 207 5.97 -43.53 29.74
C LYS A 207 7.30 -43.39 30.51
N LEU A 208 7.26 -43.66 31.81
CA LEU A 208 8.45 -43.54 32.66
C LEU A 208 9.44 -44.68 32.41
N GLU A 209 8.92 -45.88 32.11
CA GLU A 209 9.78 -47.00 31.76
C GLU A 209 10.58 -46.70 30.50
N ILE A 210 9.88 -46.24 29.47
CA ILE A 210 10.50 -45.90 28.20
C ILE A 210 11.54 -44.81 28.42
N SER A 211 11.17 -43.78 29.15
CA SER A 211 12.09 -42.68 29.46
C SER A 211 13.34 -43.14 30.22
N ALA A 212 13.15 -43.91 31.30
CA ALA A 212 14.29 -44.38 32.10
C ALA A 212 15.22 -45.24 31.27
N ALA A 213 14.64 -46.04 30.38
CA ALA A 213 15.39 -46.97 29.54
C ALA A 213 16.25 -46.19 28.54
N CYS A 214 15.65 -45.19 27.90
CA CYS A 214 16.39 -44.34 26.97
C CYS A 214 17.56 -43.62 27.65
N HIS A 215 17.32 -43.07 28.83
CA HIS A 215 18.37 -42.32 29.50
C HIS A 215 19.49 -43.25 29.93
N ALA A 216 19.12 -44.45 30.35
CA ALA A 216 20.08 -45.47 30.76
C ALA A 216 21.05 -45.85 29.65
N TYR A 217 20.61 -45.74 28.40
CA TYR A 217 21.42 -46.20 27.26
C TYR A 217 21.73 -45.09 26.25
N GLY A 218 21.61 -43.84 26.69
CA GLY A 218 21.93 -42.70 25.84
C GLY A 218 21.10 -42.58 24.56
N LYS A 219 19.84 -43.01 24.60
CA LYS A 219 18.95 -42.89 23.45
C LYS A 219 17.99 -41.72 23.66
N VAL A 220 17.35 -41.24 22.59
CA VAL A 220 16.37 -40.16 22.73
C VAL A 220 14.98 -40.71 23.03
N PRO A 221 14.39 -40.27 24.14
CA PRO A 221 13.00 -40.62 24.43
C PRO A 221 12.09 -39.66 23.68
N SER A 222 11.24 -40.20 22.80
CA SER A 222 10.36 -39.38 21.98
C SER A 222 8.91 -39.57 22.40
N HIS A 223 8.24 -38.46 22.73
CA HIS A 223 6.87 -38.49 23.23
C HIS A 223 5.83 -38.62 22.10
N ASN A 224 4.72 -39.28 22.38
CA ASN A 224 3.61 -39.40 21.44
C ASN A 224 3.02 -38.03 21.09
N VAL A 225 2.31 -37.97 19.96
CA VAL A 225 1.61 -36.75 19.54
C VAL A 225 0.47 -36.40 20.46
N SER A 226 0.10 -35.13 20.43
CA SER A 226 -1.17 -34.67 20.97
C SER A 226 -2.19 -34.82 19.84
N THR A 227 -3.29 -35.53 20.09
CA THR A 227 -4.29 -35.73 19.05
C THR A 227 -5.24 -34.54 18.98
N GLU A 228 -5.09 -33.63 19.92
CA GLU A 228 -5.84 -32.38 19.95
C GLU A 228 -5.36 -31.51 18.80
N VAL A 229 -6.24 -31.24 17.83
CA VAL A 229 -5.84 -30.44 16.68
C VAL A 229 -6.41 -29.02 16.65
N ARG A 230 -7.13 -28.61 17.71
CA ARG A 230 -7.67 -27.26 17.81
C ARG A 230 -6.93 -26.42 18.85
N ASP A 231 -6.97 -26.87 20.11
CA ASP A 231 -6.34 -26.13 21.22
C ASP A 231 -4.86 -26.38 21.32
N SER A 233 -2.92 -24.68 23.06
CA SER A 233 -2.64 -24.49 24.48
C SER A 233 -2.47 -25.84 25.18
N VAL A 234 -3.29 -26.80 24.78
CA VAL A 234 -3.21 -28.15 25.31
C VAL A 234 -1.92 -28.83 24.84
N VAL A 235 -1.66 -28.73 23.54
CA VAL A 235 -0.47 -29.28 22.93
C VAL A 235 0.82 -28.77 23.58
N ALA A 236 0.85 -27.47 23.90
CA ALA A 236 2.02 -26.83 24.50
C ALA A 236 2.22 -27.29 25.93
N ASN A 237 1.10 -27.56 26.61
CA ASN A 237 1.16 -28.06 27.97
C ASN A 237 1.62 -29.53 28.03
N ASP A 238 1.14 -30.33 27.06
CA ASP A 238 1.59 -31.71 26.91
C ASP A 238 3.10 -31.78 26.78
N ALA A 239 3.62 -30.91 25.93
CA ALA A 239 5.04 -30.89 25.62
C ALA A 239 5.85 -30.52 26.85
N ALA A 240 5.29 -29.65 27.69
CA ALA A 240 5.93 -29.21 28.93
C ALA A 240 5.98 -30.29 30.00
N ARG A 241 4.91 -31.08 30.10
CA ARG A 241 4.85 -32.18 31.04
C ARG A 241 5.76 -33.32 30.57
N ALA A 242 5.78 -33.58 29.27
CA ALA A 242 6.63 -34.62 28.68
C ALA A 242 8.09 -34.28 29.00
N ARG A 243 8.42 -33.01 28.85
CA ARG A 243 9.77 -32.54 29.12
C ARG A 243 10.12 -32.51 30.61
N ASN A 244 9.29 -31.81 31.40
CA ASN A 244 9.66 -31.44 32.76
C ASN A 244 9.26 -32.43 33.85
N GLU A 245 8.32 -33.33 33.53
CA GLU A 245 7.93 -34.37 34.45
C GLU A 245 8.40 -35.76 34.01
N PHE A 246 8.40 -36.00 32.71
CA PHE A 246 8.66 -37.33 32.18
C PHE A 246 10.02 -37.53 31.54
N GLY A 247 10.74 -36.44 31.30
CA GLY A 247 12.12 -36.53 30.85
C GLY A 247 12.30 -36.87 29.37
N TYR A 248 11.26 -36.62 28.58
CA TYR A 248 11.36 -36.73 27.12
C TYR A 248 12.11 -35.53 26.55
N THR A 249 12.83 -35.76 25.45
CA THR A 249 13.61 -34.71 24.83
C THR A 249 13.17 -34.45 23.39
N ARG A 250 12.08 -35.09 22.98
CA ARG A 250 11.55 -34.98 21.63
C ARG A 250 10.06 -35.31 21.68
N TRP A 252 6.45 -35.97 18.99
CA TRP A 252 5.80 -36.05 17.69
C TRP A 252 4.80 -34.91 17.49
N SER A 253 4.65 -34.52 16.23
CA SER A 253 3.69 -33.51 15.80
C SER A 253 2.82 -34.12 14.69
N ILE A 254 1.54 -33.78 14.67
CA ILE A 254 0.63 -34.33 13.66
C ILE A 254 -0.10 -33.25 12.87
N HIS A 255 0.22 -32.00 13.18
CA HIS A 255 -0.41 -30.83 12.57
C HIS A 255 0.62 -29.68 12.66
N PRO A 256 0.80 -28.93 11.58
CA PRO A 256 1.88 -27.94 11.51
C PRO A 256 1.76 -26.86 12.58
N ALA A 257 0.56 -26.71 13.14
CA ALA A 257 0.31 -25.71 14.16
C ALA A 257 0.83 -26.18 15.52
N GLN A 258 1.11 -27.48 15.62
CA GLN A 258 1.64 -28.08 16.83
C GLN A 258 3.15 -27.88 16.91
N ILE A 259 3.76 -27.71 15.76
CA ILE A 259 5.21 -27.72 15.64
C ILE A 259 5.87 -26.62 16.43
N GLU A 260 5.38 -25.40 16.35
CA GLU A 260 6.01 -24.30 17.07
CA GLU A 260 6.04 -24.34 17.08
C GLU A 260 5.77 -24.39 18.58
N ALA A 261 4.61 -24.93 18.98
CA ALA A 261 4.33 -25.10 20.40
C ALA A 261 5.30 -26.12 21.02
N ILE A 262 5.56 -27.19 20.27
CA ILE A 262 6.44 -28.25 20.73
C ILE A 262 7.90 -27.80 20.75
N VAL A 263 8.34 -27.15 19.67
CA VAL A 263 9.71 -26.64 19.61
C VAL A 263 10.00 -25.64 20.71
N ALA A 264 9.05 -24.75 20.98
CA ALA A 264 9.17 -23.77 22.07
C ALA A 264 9.28 -24.44 23.44
N ALA A 265 8.46 -25.47 23.67
CA ALA A 265 8.44 -26.17 24.96
C ALA A 265 9.78 -26.81 25.26
N PHE A 266 10.54 -27.14 24.23
CA PHE A 266 11.82 -27.84 24.39
C PHE A 266 13.01 -26.90 24.24
N ALA A 267 12.71 -25.61 24.08
CA ALA A 267 13.76 -24.60 24.00
C ALA A 267 14.58 -24.58 25.28
N PRO A 268 15.86 -24.20 25.17
CA PRO A 268 16.74 -24.11 26.35
C PRO A 268 16.31 -23.02 27.32
N ARG A 269 16.42 -23.31 28.62
CA ARG A 269 16.17 -22.31 29.64
C ARG A 269 17.46 -21.55 29.94
N ASP A 270 17.60 -20.36 29.36
CA ASP A 270 18.81 -19.56 29.56
C ASP A 270 18.97 -19.07 30.99
N GLU A 271 17.87 -19.09 31.74
CA GLU A 271 17.87 -18.71 33.15
C GLU A 271 18.84 -19.58 33.98
N GLU A 272 19.17 -20.77 33.44
CA GLU A 272 19.97 -21.77 34.16
C GLU A 272 21.45 -21.45 34.16
N ILE A 273 21.88 -20.69 33.15
CA ILE A 273 23.30 -20.44 32.88
C ILE A 273 24.04 -19.61 33.93
N THR A 274 23.43 -18.51 34.38
CA THR A 274 24.06 -17.71 35.43
C THR A 274 24.14 -18.47 36.74
N THR A 275 23.09 -19.20 37.07
CA THR A 275 23.07 -20.00 38.28
C THR A 275 24.19 -21.04 38.30
N ALA A 276 24.32 -21.76 37.18
CA ALA A 276 25.39 -22.76 36.99
C ALA A 276 26.79 -22.17 37.11
N THR A 277 26.98 -21.01 36.48
CA THR A 277 28.24 -20.28 36.55
C THR A 277 28.60 -19.96 37.99
N GLU A 278 27.68 -19.31 38.71
CA GLU A 278 27.90 -18.91 40.10
C GLU A 278 28.28 -20.08 40.98
N ILE A 279 27.47 -21.13 40.93
CA ILE A 279 27.69 -22.32 41.74
C ILE A 279 29.04 -22.96 41.43
N LEU A 280 29.35 -23.10 40.14
CA LEU A 280 30.58 -23.79 39.72
C LEU A 280 31.86 -22.99 40.04
N LEU A 281 31.83 -21.68 39.84
CA LEU A 281 32.98 -20.84 40.17
C LEU A 281 33.30 -20.96 41.65
N ALA A 282 32.25 -20.96 42.49
CA ALA A 282 32.41 -21.12 43.92
C ALA A 282 32.92 -22.52 44.29
N ALA A 283 32.41 -23.54 43.60
CA ALA A 283 32.86 -24.91 43.81
C ALA A 283 34.35 -25.00 43.53
N GLN A 284 34.75 -24.44 42.38
CA GLN A 284 36.13 -24.37 41.96
C GLN A 284 37.07 -23.82 43.06
N SER A 285 36.62 -22.74 43.72
CA SER A 285 37.40 -22.07 44.76
C SER A 285 37.49 -22.87 46.05
N ALA A 286 36.55 -23.79 46.24
CA ALA A 286 36.54 -24.62 47.43
C ALA A 286 37.24 -25.95 47.12
N GLN A 287 37.98 -25.96 46.01
CA GLN A 287 38.65 -27.17 45.54
C GLN A 287 37.66 -28.30 45.37
N TRP A 288 36.50 -27.95 44.82
CA TRP A 288 35.50 -28.93 44.45
C TRP A 288 35.04 -29.76 45.63
N GLY A 289 35.25 -29.22 46.83
CA GLY A 289 34.63 -29.76 48.02
C GLY A 289 33.23 -29.20 48.08
N PRO A 290 32.44 -29.61 49.07
CA PRO A 290 31.06 -29.12 49.21
C PRO A 290 31.00 -27.61 49.44
N THR A 291 29.93 -26.98 48.95
CA THR A 291 29.70 -25.56 49.19
C THR A 291 28.26 -25.29 49.65
N ARG A 292 28.04 -24.08 50.15
CA ARG A 292 26.70 -23.60 50.45
C ARG A 292 26.29 -22.52 49.44
N TYR A 293 25.11 -22.69 48.86
CA TYR A 293 24.58 -21.70 47.94
C TYR A 293 23.11 -21.45 48.31
N HIS A 294 22.72 -20.25 48.70
N HIS A 294 22.85 -20.18 48.60
CA HIS A 294 21.29 -20.01 48.97
CA HIS A 294 21.67 -19.74 49.31
C HIS A 294 20.60 -21.06 49.88
C HIS A 294 21.68 -20.47 50.64
N ASP A 295 21.07 -21.19 51.11
N ASP A 295 20.70 -21.37 50.80
CA ASP A 295 20.55 -22.16 52.10
CA ASP A 295 20.50 -22.13 52.03
C ASP A 295 20.58 -23.62 51.69
N THR A 296 21.24 -23.92 50.58
CA THR A 296 21.28 -25.26 50.01
C THR A 296 22.71 -25.81 49.95
N LEU A 297 22.90 -27.06 50.36
CA LEU A 297 24.22 -27.67 50.23
C LEU A 297 24.43 -28.22 48.84
N HIS A 298 25.61 -27.93 48.28
CA HIS A 298 26.05 -28.50 47.00
C HIS A 298 27.36 -29.23 47.13
N ASP A 299 27.54 -30.27 46.33
CA ASP A 299 28.82 -30.95 46.21
C ASP A 299 28.97 -31.45 44.76
N ARG A 300 30.00 -32.23 44.48
CA ARG A 300 30.26 -32.68 43.10
C ARG A 300 29.06 -33.35 42.40
N ALA A 301 28.14 -33.93 43.16
CA ALA A 301 26.95 -34.61 42.62
C ALA A 301 25.95 -33.66 41.95
N SER A 302 25.84 -32.45 42.49
CA SER A 302 25.00 -31.42 41.89
C SER A 302 25.80 -30.55 40.92
N TYR A 303 27.09 -30.33 41.21
CA TYR A 303 27.96 -29.59 40.29
C TYR A 303 27.84 -30.18 38.89
N ARG A 304 27.76 -31.50 38.81
CA ARG A 304 27.64 -32.20 37.54
C ARG A 304 26.51 -31.62 36.70
N TYR A 305 25.36 -31.43 37.34
CA TYR A 305 24.19 -30.89 36.69
C TYR A 305 24.48 -29.54 36.06
N TYR A 306 25.11 -28.66 36.83
CA TYR A 306 25.36 -27.28 36.39
C TYR A 306 26.46 -27.20 35.36
N TRP A 307 27.37 -28.16 35.38
CA TRP A 307 28.40 -28.26 34.34
C TRP A 307 27.78 -28.79 33.05
N SER A 308 26.84 -29.72 33.19
CA SER A 308 26.08 -30.20 32.06
C SER A 308 25.33 -29.04 31.39
N VAL A 309 24.79 -28.16 32.21
CA VAL A 309 24.06 -26.99 31.73
C VAL A 309 24.96 -25.99 30.98
N LEU A 310 26.13 -25.70 31.54
CA LEU A 310 27.11 -24.81 30.90
C LEU A 310 27.70 -25.38 29.63
N ARG A 311 28.05 -26.66 29.68
CA ARG A 311 28.61 -27.37 28.54
C ARG A 311 27.67 -27.35 27.33
N ARG A 312 26.39 -27.62 27.56
CA ARG A 312 25.36 -27.61 26.50
C ARG A 312 25.16 -26.21 25.94
N ALA A 313 25.27 -25.21 26.80
CA ALA A 313 25.02 -23.83 26.41
C ALA A 313 26.14 -23.32 25.51
N GLN A 314 27.38 -23.60 25.90
CA GLN A 314 28.53 -23.15 25.13
C GLN A 314 28.62 -23.91 23.81
N ALA A 315 28.44 -25.22 23.87
CA ALA A 315 28.39 -26.04 22.67
C ALA A 315 27.36 -25.52 21.66
N THR A 316 26.10 -25.40 22.08
CA THR A 316 25.03 -24.90 21.20
C THR A 316 25.10 -23.39 20.94
N GLY A 317 26.29 -22.80 21.12
CA GLY A 317 26.51 -21.39 20.83
C GLY A 317 25.55 -20.46 21.54
N ARG A 318 25.19 -20.78 22.78
CA ARG A 318 24.37 -19.90 23.60
C ARG A 318 25.25 -19.01 24.45
N ALA A 319 24.72 -17.88 24.90
CA ALA A 319 25.52 -16.88 25.60
C ALA A 319 25.96 -17.36 26.98
N VAL A 320 27.27 -17.54 27.14
CA VAL A 320 27.86 -17.90 28.42
C VAL A 320 28.64 -16.70 28.98
N PRO A 321 28.42 -16.37 30.26
CA PRO A 321 29.07 -15.23 30.91
C PRO A 321 30.59 -15.30 30.87
N GLN A 322 31.23 -14.14 30.69
CA GLN A 322 32.70 -14.05 30.61
C GLN A 322 33.35 -14.58 31.90
N ASP A 323 32.61 -14.47 32.99
CA ASP A 323 33.03 -14.96 34.30
C ASP A 323 33.29 -16.47 34.31
N ALA A 324 32.67 -17.19 33.38
CA ALA A 324 32.74 -18.64 33.36
C ALA A 324 34.02 -19.16 32.69
N ALA A 325 34.83 -18.26 32.17
CA ALA A 325 36.05 -18.63 31.42
C ALA A 325 36.98 -19.64 32.11
N PRO A 326 37.26 -19.43 33.41
CA PRO A 326 38.13 -20.38 34.10
C PRO A 326 37.51 -21.75 34.33
N LEU A 327 36.30 -21.99 33.83
CA LEU A 327 35.67 -23.31 33.93
C LEU A 327 35.89 -24.10 32.65
N PHE A 328 36.41 -23.44 31.62
CA PHE A 328 36.68 -24.08 30.32
C PHE A 328 38.16 -24.21 30.03
N ALA B 4 -30.27 -15.20 10.40
CA ALA B 4 -31.32 -14.22 10.68
C ALA B 4 -30.83 -13.26 11.75
N LEU B 5 -31.13 -13.59 12.98
CA LEU B 5 -30.81 -12.74 14.13
C LEU B 5 -29.34 -12.85 14.56
N THR B 6 -28.74 -11.72 14.95
CA THR B 6 -27.34 -11.70 15.36
C THR B 6 -27.21 -11.92 16.87
N PRO B 7 -26.05 -12.43 17.32
CA PRO B 7 -25.86 -12.66 18.76
C PRO B 7 -26.06 -11.39 19.56
N ALA B 8 -25.58 -10.28 19.01
CA ALA B 8 -25.68 -8.99 19.69
C ALA B 8 -27.11 -8.64 20.10
N GLU B 9 -28.09 -9.14 19.35
CA GLU B 9 -29.48 -8.78 19.59
C GLU B 9 -30.33 -9.86 20.28
N VAL B 10 -29.75 -11.03 20.55
CA VAL B 10 -30.51 -12.07 21.23
C VAL B 10 -29.89 -12.47 22.56
N LEU B 11 -28.60 -12.19 22.72
CA LEU B 11 -27.86 -12.69 23.88
C LEU B 11 -27.73 -11.69 25.04
N PHE B 12 -27.85 -12.21 26.25
CA PHE B 12 -27.80 -11.45 27.50
C PHE B 12 -26.45 -10.75 27.69
N ASP B 13 -26.46 -9.46 27.99
CA ASP B 13 -25.24 -8.63 28.04
C ASP B 13 -24.39 -8.74 26.76
N VAL B 20 -10.60 -3.08 30.55
CA VAL B 20 -9.37 -3.40 29.83
C VAL B 20 -8.25 -2.38 30.03
N LEU B 21 -7.13 -2.86 30.56
CA LEU B 21 -5.89 -2.12 30.76
C LEU B 21 -4.77 -3.03 30.26
N PRO B 22 -3.59 -2.45 29.96
CA PRO B 22 -2.44 -3.27 29.57
C PRO B 22 -2.18 -4.37 30.59
N ALA B 23 -1.72 -5.54 30.12
CA ALA B 23 -1.68 -6.74 30.97
C ALA B 23 -0.50 -6.76 31.92
N CYS B 24 0.42 -5.82 31.76
CA CYS B 24 1.59 -5.81 32.64
C CYS B 24 1.73 -4.42 33.23
N ASP B 25 1.94 -4.36 34.55
CA ASP B 25 2.14 -3.11 35.28
C ASP B 25 3.55 -3.15 35.88
N HIS B 26 4.51 -2.56 35.17
CA HIS B 26 5.92 -2.62 35.57
C HIS B 26 6.30 -1.54 36.56
N TYR B 27 6.79 -1.94 37.73
CA TYR B 27 7.14 -1.00 38.79
C TYR B 27 8.61 -0.59 38.80
N ALA B 28 8.85 0.72 38.93
CA ALA B 28 10.20 1.28 39.05
C ALA B 28 10.26 2.35 40.14
N GLY B 29 11.14 2.15 41.12
CA GLY B 29 11.13 2.99 42.31
C GLY B 29 12.38 3.83 42.48
N SER B 30 13.24 3.83 41.47
CA SER B 30 14.43 4.69 41.48
C SER B 30 14.69 5.23 40.09
N GLU B 31 15.39 6.36 40.01
CA GLU B 31 15.56 7.08 38.76
C GLU B 31 16.16 6.23 37.65
N LYS B 32 17.22 5.49 37.97
CA LYS B 32 17.87 4.63 36.98
C LYS B 32 16.90 3.65 36.37
N LEU B 33 16.10 3.01 37.22
CA LEU B 33 15.11 2.02 36.77
C LEU B 33 13.96 2.67 35.99
N LEU B 35 14.09 5.41 34.23
CA LEU B 35 14.61 5.81 32.91
C LEU B 35 14.82 4.60 31.99
N LYS B 36 15.34 3.51 32.53
CA LYS B 36 15.52 2.31 31.74
C LYS B 36 14.18 1.71 31.34
N SER B 37 13.21 1.75 32.26
CA SER B 37 11.87 1.22 31.98
C SER B 37 11.22 2.05 30.90
N LEU B 38 11.40 3.36 30.98
CA LEU B 38 10.80 4.26 30.01
C LEU B 38 11.40 4.01 28.63
N ALA B 39 12.72 3.82 28.61
CA ALA B 39 13.41 3.53 27.36
C ALA B 39 12.95 2.22 26.75
N LEU B 40 12.75 1.22 27.59
CA LEU B 40 12.28 -0.09 27.14
C LEU B 40 10.85 -0.02 26.60
N GLN B 41 10.03 0.84 27.21
CA GLN B 41 8.65 1.01 26.79
C GLN B 41 8.61 1.66 25.41
N GLN B 42 9.57 2.53 25.13
CA GLN B 42 9.69 3.13 23.80
C GLN B 42 10.06 2.06 22.76
N GLN B 43 10.92 1.13 23.12
CA GLN B 43 11.31 0.03 22.23
C GLN B 43 10.16 -0.95 21.97
N LEU B 44 9.56 -1.47 23.04
CA LEU B 44 8.52 -2.49 22.93
C LEU B 44 7.15 -1.90 22.53
N GLY B 45 7.01 -0.59 22.69
CA GLY B 45 5.68 0.01 22.60
C GLY B 45 4.91 -0.22 23.89
N PRO B 46 3.69 0.32 23.99
CA PRO B 46 2.97 0.29 25.27
C PRO B 46 2.27 -1.04 25.59
N VAL B 47 3.02 -2.15 25.54
CA VAL B 47 2.47 -3.47 25.92
C VAL B 47 2.46 -3.65 27.45
N PHE B 48 3.17 -2.76 28.12
CA PHE B 48 3.12 -2.69 29.57
C PHE B 48 2.97 -1.24 30.03
N ASP B 49 2.32 -1.05 31.18
CA ASP B 49 2.34 0.23 31.85
C ASP B 49 3.60 0.32 32.71
N ILE B 50 3.97 1.55 33.08
CA ILE B 50 5.02 1.76 34.05
C ILE B 50 4.43 2.51 35.21
N THR B 51 4.69 2.02 36.41
CA THR B 51 4.33 2.77 37.62
C THR B 51 5.61 3.32 38.26
N LEU B 52 5.69 4.64 38.31
CA LEU B 52 6.77 5.31 39.03
C LEU B 52 6.41 5.29 40.51
N ASP B 53 7.23 4.62 41.31
CA ASP B 53 6.83 4.26 42.65
C ASP B 53 7.46 5.19 43.69
N CYS B 54 6.61 5.74 44.56
CA CYS B 54 7.08 6.54 45.68
C CYS B 54 7.04 5.76 47.00
N GLU B 55 6.36 4.61 47.01
CA GLU B 55 6.18 3.85 48.24
C GLU B 55 7.26 2.78 48.46
N ASP B 56 6.85 1.52 48.57
CA ASP B 56 7.74 0.43 48.97
C ASP B 56 8.88 0.11 47.99
N GLY B 57 8.72 0.53 46.74
CA GLY B 57 9.74 0.29 45.74
C GLY B 57 10.86 1.31 45.84
N ALA B 58 10.66 2.32 46.67
CA ALA B 58 11.68 3.35 46.91
C ALA B 58 12.20 3.34 48.34
N GLN B 59 13.43 3.80 48.53
CA GLN B 59 13.97 4.00 49.87
C GLN B 59 13.21 5.11 50.54
N VAL B 60 13.29 5.18 51.86
CA VAL B 60 12.64 6.25 52.61
C VAL B 60 13.55 7.47 52.78
N GLY B 61 12.96 8.62 53.11
CA GLY B 61 13.74 9.76 53.52
C GLY B 61 13.91 10.89 52.52
N ARG B 62 13.63 10.64 51.25
CA ARG B 62 13.76 11.69 50.24
C ARG B 62 12.42 11.98 49.59
N GLU B 63 11.36 11.94 50.39
CA GLU B 63 9.98 11.95 49.90
C GLU B 63 9.63 13.08 48.93
N ALA B 64 9.99 14.30 49.27
CA ALA B 64 9.69 15.44 48.42
C ALA B 64 10.49 15.38 47.12
N GLN B 65 11.80 15.20 47.25
CA GLN B 65 12.69 15.06 46.09
C GLN B 65 12.22 13.97 45.14
N HIS B 66 11.77 12.86 45.70
CA HIS B 66 11.33 11.70 44.92
C HIS B 66 10.06 11.98 44.11
N ALA B 67 9.08 12.62 44.74
CA ALA B 67 7.84 12.99 44.07
C ALA B 67 8.09 13.93 42.91
N GLU B 68 9.10 14.80 43.05
CA GLU B 68 9.49 15.72 41.99
C GLU B 68 10.19 15.00 40.84
N LEU B 69 11.03 14.03 41.18
CA LEU B 69 11.65 13.17 40.16
C LEU B 69 10.55 12.51 39.34
N VAL B 70 9.59 11.91 40.04
CA VAL B 70 8.46 11.23 39.41
C VAL B 70 7.68 12.20 38.52
N ALA B 71 7.34 13.36 39.07
CA ALA B 71 6.60 14.37 38.31
C ALA B 71 7.37 14.86 37.07
N SER B 72 8.70 14.86 37.13
CA SER B 72 9.51 15.36 36.03
C SER B 72 9.49 14.40 34.83
N LEU B 73 9.13 13.15 35.11
CA LEU B 73 9.16 12.12 34.07
C LEU B 73 7.81 11.99 33.37
N LEU B 74 6.73 12.28 34.10
CA LEU B 74 5.38 12.21 33.53
C LEU B 74 5.16 13.22 32.41
N GLY B 75 4.83 12.71 31.22
CA GLY B 75 4.59 13.55 30.07
C GLY B 75 5.85 14.16 29.49
N SER B 76 7.01 13.63 29.89
CA SER B 76 8.30 14.08 29.36
C SER B 76 8.64 13.37 28.05
N GLU B 77 9.85 13.58 27.57
CA GLU B 77 10.32 12.95 26.34
C GLU B 77 10.38 11.42 26.47
N HIS B 78 10.52 10.93 27.69
CA HIS B 78 10.59 9.49 27.94
C HIS B 78 9.21 8.84 27.99
N ASP B 79 8.20 9.61 28.37
CA ASP B 79 6.80 9.15 28.42
C ASP B 79 6.19 9.32 27.05
N ARG B 80 6.33 8.30 26.22
CA ARG B 80 5.94 8.42 24.82
C ARG B 80 4.46 8.13 24.54
N PHE B 81 3.81 7.36 25.42
CA PHE B 81 2.46 6.87 25.11
C PHE B 81 1.36 7.28 26.10
N GLY B 82 1.76 7.90 27.20
CA GLY B 82 0.82 8.30 28.24
C GLY B 82 0.40 7.12 29.09
N ARG B 83 1.21 6.07 29.05
CA ARG B 83 0.92 4.87 29.82
C ARG B 83 1.94 4.74 30.96
N VAL B 84 2.09 5.83 31.71
CA VAL B 84 2.95 5.87 32.88
C VAL B 84 2.16 6.40 34.07
N GLY B 85 1.99 5.58 35.11
CA GLY B 85 1.22 6.00 36.25
C GLY B 85 2.12 6.14 37.45
N VAL B 86 1.56 6.30 38.64
CA VAL B 86 2.38 6.41 39.85
C VAL B 86 1.77 5.67 41.03
N ARG B 87 2.62 5.30 41.98
CA ARG B 87 2.15 4.87 43.28
C ARG B 87 2.64 5.83 44.35
N ILE B 88 1.72 6.31 45.18
CA ILE B 88 2.04 7.29 46.24
C ILE B 88 2.03 6.62 47.61
N HIS B 89 2.14 7.42 48.67
CA HIS B 89 2.12 6.88 50.03
C HIS B 89 0.70 6.60 50.53
N ASP B 90 0.59 5.90 51.66
CA ASP B 90 -0.70 5.50 52.21
C ASP B 90 -1.42 6.59 53.01
N PHE B 91 -2.69 6.35 53.31
CA PHE B 91 -3.54 7.33 53.96
C PHE B 91 -3.02 7.77 55.32
N ASP B 92 -2.40 6.85 56.05
CA ASP B 92 -1.89 7.15 57.39
C ASP B 92 -0.44 7.65 57.32
N HIS B 93 -0.01 8.04 56.11
CA HIS B 93 1.33 8.60 55.93
C HIS B 93 1.26 10.11 55.86
N ALA B 94 2.36 10.77 56.23
CA ALA B 94 2.39 12.22 56.30
C ALA B 94 2.47 12.89 54.93
N HIS B 95 3.03 12.18 53.95
CA HIS B 95 3.41 12.79 52.68
CA HIS B 95 3.40 12.79 52.68
C HIS B 95 2.41 12.50 51.55
N TRP B 96 1.29 11.83 51.86
CA TRP B 96 0.42 11.39 50.77
C TRP B 96 -0.26 12.53 49.99
N ARG B 97 -0.73 13.54 50.72
CA ARG B 97 -1.32 14.71 50.09
C ARG B 97 -0.25 15.49 49.33
N ASP B 98 0.95 15.52 49.90
CA ASP B 98 2.09 16.19 49.26
C ASP B 98 2.52 15.48 47.98
N ASP B 99 2.37 14.15 47.96
CA ASP B 99 2.64 13.39 46.75
C ASP B 99 1.68 13.83 45.65
N VAL B 100 0.40 13.92 46.00
CA VAL B 100 -0.64 14.27 45.03
C VAL B 100 -0.45 15.69 44.49
N ARG B 101 -0.18 16.62 45.40
CA ARG B 101 0.01 18.02 45.02
C ARG B 101 1.28 18.25 44.20
N LEU B 102 2.42 17.79 44.72
CA LEU B 102 3.68 17.95 44.01
C LEU B 102 3.60 17.34 42.61
N ILE B 103 3.03 16.14 42.52
CA ILE B 103 3.00 15.42 41.25
C ILE B 103 2.03 16.01 40.23
N LEU B 104 0.79 16.28 40.67
CA LEU B 104 -0.19 16.87 39.76
C LEU B 104 0.18 18.28 39.31
N ARG B 105 0.85 19.05 40.17
CA ARG B 105 1.26 20.42 39.85
C ARG B 105 2.38 20.47 38.82
N ALA B 106 3.33 19.55 38.92
CA ALA B 106 4.57 19.63 38.13
C ALA B 106 4.62 18.73 36.91
N ALA B 107 3.77 17.70 36.87
CA ALA B 107 3.78 16.78 35.74
C ALA B 107 3.27 17.45 34.45
N LYS B 108 4.08 17.42 33.39
CA LYS B 108 3.69 18.01 32.11
C LYS B 108 2.36 17.42 31.63
N ARG B 109 2.16 16.13 31.89
CA ARG B 109 0.86 15.49 31.68
C ARG B 109 0.53 14.67 32.92
N ALA B 110 -0.76 14.56 33.24
CA ALA B 110 -1.16 13.85 34.45
C ALA B 110 -0.80 12.38 34.35
N PRO B 111 -0.58 11.72 35.51
CA PRO B 111 -0.26 10.29 35.51
C PRO B 111 -1.40 9.49 34.92
N ALA B 112 -1.07 8.36 34.28
CA ALA B 112 -2.10 7.52 33.68
C ALA B 112 -3.09 7.03 34.72
N TYR B 113 -2.61 6.87 35.95
CA TYR B 113 -3.43 6.48 37.09
C TYR B 113 -2.64 6.75 38.37
N ILE B 114 -3.32 6.76 39.51
CA ILE B 114 -2.64 6.87 40.79
C ILE B 114 -2.98 5.66 41.64
N THR B 115 -1.94 4.96 42.09
CA THR B 115 -2.11 3.73 42.86
C THR B 115 -2.04 4.06 44.34
N LEU B 116 -3.07 3.64 45.07
CA LEU B 116 -3.14 3.91 46.51
C LEU B 116 -2.84 2.64 47.28
N PRO B 117 -1.74 2.65 48.07
CA PRO B 117 -1.34 1.48 48.85
C PRO B 117 -1.99 1.41 50.21
N LYS B 118 -2.10 0.20 50.76
CA LYS B 118 -2.44 0.00 52.17
C LYS B 118 -3.77 0.63 52.66
N ILE B 119 -4.77 0.65 51.80
CA ILE B 119 -6.12 1.00 52.19
C ILE B 119 -6.64 0.13 53.34
N ARG B 120 -6.97 0.76 54.46
CA ARG B 120 -7.51 0.04 55.62
C ARG B 120 -9.03 0.04 55.63
N HIS B 121 -9.60 1.16 55.21
CA HIS B 121 -11.04 1.33 55.27
C HIS B 121 -11.57 2.02 54.02
N VAL B 122 -12.84 1.78 53.74
CA VAL B 122 -13.45 2.24 52.50
C VAL B 122 -13.46 3.77 52.43
N HIS B 123 -13.64 4.41 53.59
CA HIS B 123 -13.70 5.87 53.64
C HIS B 123 -12.33 6.48 53.39
N ASP B 124 -11.27 5.77 53.80
CA ASP B 124 -9.90 6.20 53.52
C ASP B 124 -9.68 6.35 52.00
N ALA B 125 -10.08 5.33 51.24
CA ALA B 125 -9.90 5.32 49.78
C ALA B 125 -10.74 6.39 49.11
N ALA B 126 -12.01 6.46 49.49
CA ALA B 126 -12.93 7.46 48.94
C ALA B 126 -12.41 8.88 49.16
N GLU B 127 -11.88 9.13 50.35
CA GLU B 127 -11.32 10.43 50.71
C GLU B 127 -10.12 10.77 49.84
N VAL B 129 -9.43 9.43 46.86
CA VAL B 129 -9.93 9.59 45.49
C VAL B 129 -10.50 11.00 45.33
N ALA B 130 -11.18 11.46 46.38
CA ALA B 130 -11.80 12.78 46.40
C ALA B 130 -10.77 13.91 46.38
N PHE B 131 -9.67 13.73 47.10
CA PHE B 131 -8.62 14.73 47.13
C PHE B 131 -7.93 14.85 45.77
N ILE B 132 -7.75 13.71 45.12
CA ILE B 132 -7.13 13.70 43.80
C ILE B 132 -8.03 14.43 42.82
N GLU B 133 -9.33 14.18 42.88
CA GLU B 133 -10.26 14.86 42.01
C GLU B 133 -10.24 16.36 42.26
N ALA B 134 -10.32 16.76 43.53
CA ALA B 134 -10.28 18.18 43.88
C ALA B 134 -9.02 18.83 43.34
N THR B 135 -7.87 18.20 43.57
CA THR B 135 -6.59 18.80 43.20
C THR B 135 -6.46 18.97 41.70
N ARG B 136 -6.92 17.99 40.95
CA ARG B 136 -6.76 18.07 39.51
C ARG B 136 -7.76 19.07 38.97
N ARG B 137 -8.91 19.18 39.63
CA ARG B 137 -9.92 20.15 39.24
C ARG B 137 -9.42 21.59 39.40
N GLU B 138 -8.80 21.90 40.53
CA GLU B 138 -8.29 23.24 40.75
C GLU B 138 -7.07 23.56 39.87
N LEU B 139 -6.28 22.54 39.54
CA LEU B 139 -5.13 22.74 38.65
C LEU B 139 -5.59 22.85 37.21
N GLY B 140 -6.90 22.70 37.01
CA GLY B 140 -7.46 22.87 35.68
C GLY B 140 -7.09 21.74 34.77
N ILE B 141 -6.70 20.61 35.36
CA ILE B 141 -6.45 19.40 34.58
C ILE B 141 -7.76 18.93 33.94
N ALA B 142 -7.68 18.59 32.64
CA ALA B 142 -8.88 18.38 31.81
C ALA B 142 -9.78 17.22 32.25
N GLN B 143 -9.20 16.03 32.34
CA GLN B 143 -9.94 14.82 32.73
C GLN B 143 -9.54 14.35 34.13
N PRO B 144 -10.40 13.52 34.76
CA PRO B 144 -10.09 12.94 36.06
C PRO B 144 -8.98 11.91 35.97
N VAL B 145 -8.23 11.74 37.06
CA VAL B 145 -7.14 10.78 37.11
C VAL B 145 -7.64 9.45 37.67
N PRO B 146 -7.55 8.37 36.87
CA PRO B 146 -7.97 7.05 37.37
C PRO B 146 -7.16 6.63 38.58
N VAL B 147 -7.82 5.92 39.50
CA VAL B 147 -7.18 5.42 40.71
C VAL B 147 -7.20 3.90 40.68
N GLN B 148 -6.12 3.30 41.17
CA GLN B 148 -6.07 1.87 41.40
C GLN B 148 -5.79 1.68 42.87
N LEU B 149 -6.49 0.74 43.50
CA LEU B 149 -6.32 0.49 44.93
C LEU B 149 -5.60 -0.82 45.17
N LEU B 150 -4.65 -0.81 46.11
CA LEU B 150 -4.09 -2.06 46.65
C LEU B 150 -5.06 -2.68 47.66
N VAL B 151 -5.34 -3.97 47.51
CA VAL B 151 -5.99 -4.72 48.57
C VAL B 151 -4.96 -5.59 49.28
N GLU B 152 -4.45 -5.11 50.42
CA GLU B 152 -3.34 -5.79 51.05
C GLU B 152 -3.39 -5.66 52.56
N THR B 153 -4.58 -5.39 53.08
CA THR B 153 -4.82 -5.27 54.52
CA THR B 153 -4.76 -5.39 54.51
C THR B 153 -6.07 -6.06 54.84
N HIS B 154 -6.28 -6.34 56.13
CA HIS B 154 -7.49 -7.04 56.54
C HIS B 154 -8.72 -6.20 56.24
N GLY B 155 -8.62 -4.91 56.56
CA GLY B 155 -9.71 -3.97 56.33
C GLY B 155 -10.15 -3.88 54.89
N ALA B 156 -9.17 -3.87 53.96
CA ALA B 156 -9.47 -3.80 52.53
C ALA B 156 -10.08 -5.10 51.99
N LEU B 157 -9.58 -6.24 52.45
CA LEU B 157 -10.12 -7.52 52.00
C LEU B 157 -11.57 -7.70 52.46
N THR B 158 -11.82 -7.40 53.72
CA THR B 158 -13.17 -7.52 54.27
C THR B 158 -14.17 -6.70 53.46
N ARG B 159 -13.81 -5.46 53.15
CA ARG B 159 -14.70 -4.58 52.40
C ARG B 159 -14.28 -4.44 50.93
N VAL B 160 -13.70 -5.52 50.38
CA VAL B 160 -13.15 -5.52 49.03
C VAL B 160 -14.20 -5.29 47.93
N PHE B 161 -15.42 -5.78 48.16
CA PHE B 161 -16.52 -5.51 47.25
C PHE B 161 -16.93 -4.03 47.27
N ASP B 162 -16.90 -3.44 48.46
CA ASP B 162 -17.16 -2.00 48.61
C ASP B 162 -16.09 -1.19 47.90
N LEU B 163 -14.86 -1.69 47.92
CA LEU B 163 -13.76 -1.05 47.20
C LEU B 163 -13.95 -1.14 45.69
N ALA B 164 -14.28 -2.32 45.19
CA ALA B 164 -14.48 -2.51 43.76
C ALA B 164 -15.56 -1.58 43.24
N ALA B 165 -16.52 -1.27 44.09
CA ALA B 165 -17.68 -0.49 43.69
C ALA B 165 -17.42 1.03 43.64
N LEU B 166 -16.27 1.46 44.17
CA LEU B 166 -15.98 2.88 44.21
C LEU B 166 -15.86 3.50 42.84
N PRO B 167 -16.60 4.60 42.60
CA PRO B 167 -16.45 5.36 41.36
C PRO B 167 -15.07 5.95 41.37
N GLY B 168 -14.40 5.96 40.22
CA GLY B 168 -13.08 6.55 40.15
C GLY B 168 -11.96 5.55 40.33
N VAL B 169 -12.33 4.33 40.73
CA VAL B 169 -11.36 3.24 40.83
C VAL B 169 -11.48 2.32 39.63
N GLU B 170 -10.37 2.16 38.89
CA GLU B 170 -10.38 1.36 37.66
C GLU B 170 -9.88 -0.08 37.84
N ALA B 171 -9.12 -0.32 38.90
CA ALA B 171 -8.57 -1.65 39.17
C ALA B 171 -8.25 -1.86 40.65
N LEU B 172 -8.27 -3.11 41.08
CA LEU B 172 -7.75 -3.48 42.41
C LEU B 172 -6.54 -4.38 42.19
N SER B 173 -5.49 -4.18 42.98
CA SER B 173 -4.29 -5.01 42.93
C SER B 173 -4.12 -5.74 44.24
N PHE B 174 -3.67 -6.99 44.16
CA PHE B 174 -3.39 -7.76 45.36
C PHE B 174 -1.97 -7.44 45.83
N GLY B 175 -1.84 -7.12 47.12
CA GLY B 175 -0.53 -6.98 47.72
C GLY B 175 -0.18 -8.20 48.54
N LEU B 176 0.51 -9.15 47.91
CA LEU B 176 0.79 -10.47 48.48
C LEU B 176 1.66 -10.41 49.74
N ASP B 178 2.46 -7.78 51.72
CA ASP B 178 1.79 -7.06 52.79
C ASP B 178 0.66 -7.89 53.41
N PHE B 179 -0.07 -8.63 52.58
CA PHE B 179 -1.17 -9.47 53.06
C PHE B 179 -0.68 -10.60 53.95
N VAL B 180 0.38 -11.28 53.52
CA VAL B 180 0.99 -12.33 54.33
C VAL B 180 1.53 -11.73 55.64
N SER B 181 2.26 -10.63 55.54
CA SER B 181 2.86 -9.95 56.70
C SER B 181 1.78 -9.51 57.68
N ALA B 182 0.60 -9.23 57.15
CA ALA B 182 -0.51 -8.75 57.95
C ALA B 182 -1.02 -9.81 58.93
N HIS B 183 -0.65 -11.07 58.70
CA HIS B 183 -1.11 -12.15 59.57
C HIS B 183 -0.09 -12.43 60.65
N ASP B 184 0.94 -11.60 60.71
CA ASP B 184 1.89 -11.61 61.83
C ASP B 184 2.54 -12.97 62.05
N GLY B 185 2.84 -13.69 60.97
CA GLY B 185 3.53 -14.96 61.08
C GLY B 185 2.62 -16.19 61.06
N ALA B 186 1.32 -15.99 61.18
CA ALA B 186 0.36 -17.08 61.10
C ALA B 186 0.37 -17.73 59.70
N ILE B 187 0.64 -16.92 58.69
CA ILE B 187 0.89 -17.46 57.35
C ILE B 187 2.39 -17.52 57.11
N PRO B 188 2.93 -18.71 56.81
CA PRO B 188 4.37 -18.85 56.56
C PRO B 188 4.82 -17.96 55.38
N ASP B 189 6.07 -17.52 55.40
CA ASP B 189 6.63 -16.73 54.30
C ASP B 189 6.71 -17.53 52.99
N THR B 190 6.52 -18.85 53.07
CA THR B 190 6.44 -19.69 51.87
C THR B 190 5.22 -19.36 51.02
N ALA B 191 4.26 -18.67 51.63
CA ALA B 191 3.09 -18.19 50.91
C ALA B 191 3.38 -16.96 50.04
N ARG B 193 6.01 -17.05 48.04
CA ARG B 193 6.64 -17.68 46.89
C ARG B 193 5.61 -18.55 46.21
N SER B 194 5.91 -18.98 44.99
CA SER B 194 5.10 -20.02 44.35
C SER B 194 5.62 -21.40 44.75
N PRO B 195 4.72 -22.39 44.89
CA PRO B 195 3.28 -22.35 44.61
C PRO B 195 2.44 -21.92 45.81
N GLY B 196 3.06 -21.73 46.96
CA GLY B 196 2.33 -21.32 48.15
C GLY B 196 1.42 -20.14 47.92
N GLN B 197 1.82 -19.19 47.07
CA GLN B 197 1.04 -17.98 46.89
C GLN B 197 -0.26 -18.24 46.14
N PHE B 198 -0.39 -19.46 45.62
CA PHE B 198 -1.62 -19.91 44.97
C PHE B 198 -2.32 -21.01 45.75
N ASP B 199 -1.54 -21.81 46.48
CA ASP B 199 -2.08 -22.98 47.16
C ASP B 199 -2.37 -22.79 48.65
N HIS B 200 -1.66 -21.89 49.32
CA HIS B 200 -2.02 -21.55 50.69
C HIS B 200 -3.47 -21.04 50.74
N PRO B 201 -4.35 -21.79 51.45
CA PRO B 201 -5.79 -21.55 51.50
C PRO B 201 -6.22 -20.10 51.77
N LEU B 202 -5.53 -19.40 52.68
CA LEU B 202 -5.93 -18.03 53.04
C LEU B 202 -5.51 -17.02 51.97
N VAL B 203 -4.38 -17.30 51.31
CA VAL B 203 -3.92 -16.42 50.23
C VAL B 203 -4.76 -16.65 48.96
N ARG B 204 -5.05 -17.92 48.69
CA ARG B 204 -5.91 -18.28 47.59
C ARG B 204 -7.29 -17.67 47.78
N ARG B 205 -7.79 -17.76 49.00
CA ARG B 205 -9.07 -17.15 49.36
C ARG B 205 -9.08 -15.65 49.10
N ALA B 206 -8.07 -14.94 49.57
CA ALA B 206 -7.99 -13.49 49.35
C ALA B 206 -7.93 -13.11 47.87
N LYS B 207 -7.13 -13.85 47.09
CA LYS B 207 -7.00 -13.59 45.65
C LYS B 207 -8.31 -13.75 44.89
N LEU B 208 -9.09 -14.76 45.28
CA LEU B 208 -10.39 -15.00 44.66
C LEU B 208 -11.45 -13.95 45.02
N GLU B 209 -11.39 -13.41 46.23
CA GLU B 209 -12.32 -12.37 46.65
C GLU B 209 -12.10 -11.14 45.81
N ILE B 210 -10.83 -10.76 45.70
CA ILE B 210 -10.46 -9.56 44.95
C ILE B 210 -10.91 -9.71 43.50
N SER B 211 -10.63 -10.87 42.93
CA SER B 211 -11.00 -11.17 41.56
C SER B 211 -12.52 -11.11 41.33
N ALA B 212 -13.28 -11.81 42.16
CA ALA B 212 -14.74 -11.83 42.04
C ALA B 212 -15.32 -10.42 42.20
N ALA B 213 -14.73 -9.62 43.08
CA ALA B 213 -15.21 -8.26 43.33
C ALA B 213 -14.98 -7.42 42.10
N CYS B 214 -13.79 -7.52 41.53
CA CYS B 214 -13.47 -6.76 40.33
C CYS B 214 -14.39 -7.11 39.17
N HIS B 215 -14.60 -8.40 38.94
CA HIS B 215 -15.49 -8.81 37.85
C HIS B 215 -16.92 -8.36 38.07
N ALA B 216 -17.36 -8.38 39.33
CA ALA B 216 -18.71 -7.99 39.68
C ALA B 216 -18.99 -6.52 39.33
N TYR B 217 -17.95 -5.69 39.34
CA TYR B 217 -18.11 -4.24 39.15
C TYR B 217 -17.34 -3.71 37.95
N GLY B 218 -17.00 -4.59 37.02
CA GLY B 218 -16.28 -4.20 35.81
C GLY B 218 -14.93 -3.51 35.99
N LYS B 219 -14.21 -3.87 37.04
CA LYS B 219 -12.87 -3.33 37.30
C LYS B 219 -11.80 -4.33 36.88
N VAL B 220 -10.55 -3.89 36.73
CA VAL B 220 -9.46 -4.81 36.38
C VAL B 220 -8.83 -5.41 37.61
N PRO B 221 -8.86 -6.74 37.71
CA PRO B 221 -8.11 -7.41 38.79
C PRO B 221 -6.63 -7.51 38.40
N SER B 222 -5.76 -6.91 39.20
CA SER B 222 -4.34 -6.89 38.90
C SER B 222 -3.56 -7.76 39.89
N HIS B 223 -2.75 -8.71 39.39
CA HIS B 223 -2.06 -9.69 40.22
C HIS B 223 -0.74 -9.14 40.74
N ASN B 224 -0.38 -9.55 41.96
CA ASN B 224 0.91 -9.19 42.54
C ASN B 224 2.07 -9.64 41.66
N VAL B 225 3.24 -9.01 41.86
CA VAL B 225 4.47 -9.40 41.19
C VAL B 225 4.97 -10.75 41.64
N SER B 226 5.76 -11.37 40.76
CA SER B 226 6.59 -12.50 41.16
CA SER B 226 6.59 -12.50 41.14
C SER B 226 7.89 -11.93 41.71
N THR B 227 8.25 -12.30 42.94
CA THR B 227 9.50 -11.79 43.52
C THR B 227 10.72 -12.58 43.06
N GLU B 228 10.48 -13.65 42.31
CA GLU B 228 11.51 -14.44 41.68
C GLU B 228 12.16 -13.66 40.55
N VAL B 229 13.43 -13.28 40.72
CA VAL B 229 14.11 -12.45 39.71
C VAL B 229 15.13 -13.19 38.85
N ARG B 230 15.22 -14.51 39.00
CA ARG B 230 16.11 -15.34 38.18
C ARG B 230 15.36 -16.23 37.20
N ASP B 231 14.53 -17.13 37.74
CA ASP B 231 13.76 -18.07 36.93
C ASP B 231 12.50 -17.48 36.32
N SER B 233 10.83 -18.80 34.02
CA SER B 233 9.93 -19.93 33.88
C SER B 233 8.87 -19.94 35.00
N VAL B 234 9.30 -19.54 36.20
CA VAL B 234 8.41 -19.41 37.34
C VAL B 234 7.44 -18.24 37.16
N VAL B 235 8.00 -17.10 36.78
CA VAL B 235 7.22 -15.89 36.52
C VAL B 235 6.16 -16.13 35.46
N ALA B 236 6.50 -16.87 34.41
CA ALA B 236 5.56 -17.18 33.33
C ALA B 236 4.44 -18.10 33.80
N ASN B 237 4.78 -18.98 34.74
CA ASN B 237 3.78 -19.91 35.25
C ASN B 237 2.84 -19.22 36.22
N ASP B 238 3.37 -18.29 37.01
CA ASP B 238 2.56 -17.49 37.89
C ASP B 238 1.50 -16.75 37.11
N ALA B 239 1.91 -16.15 36.01
CA ALA B 239 1.04 -15.32 35.19
C ALA B 239 -0.09 -16.16 34.58
N ALA B 240 0.24 -17.40 34.23
CA ALA B 240 -0.72 -18.35 33.67
C ALA B 240 -1.77 -18.79 34.69
N ARG B 241 -1.34 -19.02 35.92
CA ARG B 241 -2.26 -19.40 37.00
C ARG B 241 -3.14 -18.21 37.38
N ALA B 242 -2.54 -17.01 37.46
CA ALA B 242 -3.30 -15.80 37.75
C ALA B 242 -4.40 -15.61 36.73
N ARG B 243 -4.04 -15.82 35.47
CA ARG B 243 -4.98 -15.69 34.37
C ARG B 243 -6.05 -16.79 34.31
N ASN B 244 -5.60 -18.05 34.29
CA ASN B 244 -6.45 -19.18 33.95
C ASN B 244 -7.16 -19.87 35.11
N GLU B 245 -6.63 -19.69 36.32
CA GLU B 245 -7.29 -20.22 37.50
C GLU B 245 -7.95 -19.12 38.35
N PHE B 246 -7.33 -17.94 38.40
CA PHE B 246 -7.79 -16.88 39.30
C PHE B 246 -8.51 -15.71 38.64
N GLY B 247 -8.48 -15.62 37.32
CA GLY B 247 -9.31 -14.65 36.63
C GLY B 247 -8.74 -13.24 36.60
N TYR B 248 -7.44 -13.12 36.87
CA TYR B 248 -6.77 -11.82 36.74
C TYR B 248 -6.50 -11.49 35.28
N THR B 249 -6.51 -10.21 34.95
CA THR B 249 -6.35 -9.78 33.57
CA THR B 249 -6.35 -9.78 33.57
C THR B 249 -5.13 -8.87 33.42
N ARG B 250 -4.37 -8.72 34.50
CA ARG B 250 -3.20 -7.85 34.54
C ARG B 250 -2.31 -8.35 35.65
N TRP B 252 1.55 -7.35 37.89
CA TRP B 252 2.69 -6.48 38.14
C TRP B 252 4.00 -7.14 37.73
N SER B 253 4.95 -6.30 37.32
CA SER B 253 6.31 -6.71 36.98
C SER B 253 7.29 -5.89 37.82
N ILE B 254 8.39 -6.52 38.23
CA ILE B 254 9.38 -5.84 39.07
C ILE B 254 10.78 -5.88 38.47
N HIS B 255 10.89 -6.47 37.28
CA HIS B 255 12.15 -6.66 36.60
C HIS B 255 11.82 -6.75 35.12
N PRO B 256 12.62 -6.09 34.26
CA PRO B 256 12.26 -5.97 32.85
C PRO B 256 12.20 -7.31 32.14
N ALA B 257 12.84 -8.31 32.73
CA ALA B 257 12.85 -9.65 32.15
C ALA B 257 11.55 -10.40 32.41
N GLN B 258 10.76 -9.87 33.35
CA GLN B 258 9.47 -10.45 33.70
C GLN B 258 8.40 -10.01 32.71
N ILE B 259 8.65 -8.84 32.11
CA ILE B 259 7.65 -8.15 31.30
C ILE B 259 7.18 -8.98 30.11
N GLU B 260 8.13 -9.59 29.41
CA GLU B 260 7.84 -10.42 28.23
C GLU B 260 7.05 -11.67 28.61
N ALA B 261 7.40 -12.27 29.73
CA ALA B 261 6.74 -13.49 30.20
C ALA B 261 5.28 -13.22 30.57
N ILE B 262 5.08 -12.09 31.24
CA ILE B 262 3.75 -11.69 31.67
C ILE B 262 2.87 -11.32 30.48
N VAL B 263 3.40 -10.51 29.56
CA VAL B 263 2.63 -10.07 28.40
C VAL B 263 2.21 -11.25 27.55
N ALA B 264 3.13 -12.19 27.35
CA ALA B 264 2.86 -13.39 26.60
C ALA B 264 1.76 -14.23 27.26
N ALA B 265 1.81 -14.37 28.58
CA ALA B 265 0.84 -15.19 29.30
C ALA B 265 -0.57 -14.66 29.14
N PHE B 266 -0.68 -13.36 28.89
CA PHE B 266 -1.98 -12.72 28.82
C PHE B 266 -2.42 -12.49 27.36
N ALA B 267 -1.57 -12.93 26.43
CA ALA B 267 -1.89 -12.84 25.02
C ALA B 267 -3.19 -13.59 24.69
N PRO B 268 -3.92 -13.13 23.65
CA PRO B 268 -5.15 -13.79 23.23
C PRO B 268 -4.92 -15.18 22.68
N ARG B 269 -5.82 -16.10 23.00
CA ARG B 269 -5.78 -17.44 22.45
C ARG B 269 -6.61 -17.46 21.15
N ASP B 270 -5.92 -17.38 20.02
CA ASP B 270 -6.59 -17.33 18.73
C ASP B 270 -7.30 -18.64 18.43
N GLU B 271 -6.89 -19.71 19.10
CA GLU B 271 -7.52 -21.03 18.96
C GLU B 271 -9.02 -21.00 19.28
N GLU B 272 -9.47 -19.97 19.99
CA GLU B 272 -10.84 -19.86 20.46
C GLU B 272 -11.79 -19.40 19.38
N ILE B 273 -11.24 -18.67 18.40
CA ILE B 273 -12.04 -17.96 17.39
C ILE B 273 -12.84 -18.87 16.44
N THR B 274 -12.20 -19.90 15.89
CA THR B 274 -12.89 -20.81 14.99
C THR B 274 -13.95 -21.61 15.73
N THR B 275 -13.65 -22.03 16.95
CA THR B 275 -14.63 -22.74 17.78
C THR B 275 -15.89 -21.88 18.00
N ALA B 276 -15.68 -20.64 18.39
CA ALA B 276 -16.76 -19.69 18.65
C ALA B 276 -17.62 -19.45 17.41
N THR B 277 -16.94 -19.27 16.27
CA THR B 277 -17.61 -19.09 14.99
C THR B 277 -18.52 -20.26 14.66
N GLU B 278 -17.98 -21.48 14.72
CA GLU B 278 -18.74 -22.70 14.42
C GLU B 278 -19.96 -22.85 15.31
N ILE B 279 -19.75 -22.70 16.62
CA ILE B 279 -20.84 -22.84 17.57
C ILE B 279 -21.94 -21.81 17.33
N LEU B 280 -21.53 -20.56 17.13
CA LEU B 280 -22.48 -19.45 16.98
C LEU B 280 -23.26 -19.52 15.68
N LEU B 281 -22.59 -19.85 14.58
CA LEU B 281 -23.28 -19.99 13.30
C LEU B 281 -24.37 -21.06 13.41
N ALA B 282 -24.04 -22.17 14.06
CA ALA B 282 -25.01 -23.24 14.27
C ALA B 282 -26.15 -22.79 15.17
N ALA B 283 -25.82 -22.07 16.24
CA ALA B 283 -26.83 -21.51 17.13
C ALA B 283 -27.82 -20.64 16.35
N GLN B 284 -27.27 -19.73 15.54
CA GLN B 284 -28.04 -18.84 14.69
C GLN B 284 -29.08 -19.57 13.83
N SER B 285 -28.69 -20.72 13.26
CA SER B 285 -29.55 -21.51 12.40
C SER B 285 -30.63 -22.26 13.16
N ALA B 286 -30.40 -22.48 14.45
CA ALA B 286 -31.39 -23.14 15.30
C ALA B 286 -32.27 -22.10 15.98
N GLN B 287 -32.22 -20.86 15.47
CA GLN B 287 -32.95 -19.75 16.04
C GLN B 287 -32.58 -19.57 17.51
N TRP B 288 -31.29 -19.72 17.79
CA TRP B 288 -30.74 -19.45 19.10
C TRP B 288 -31.39 -20.30 20.17
N GLY B 289 -31.96 -21.42 19.74
CA GLY B 289 -32.38 -22.46 20.65
C GLY B 289 -31.16 -23.30 20.97
N PRO B 290 -31.31 -24.29 21.86
CA PRO B 290 -30.18 -25.15 22.21
C PRO B 290 -29.63 -25.97 21.03
N THR B 291 -28.34 -26.22 21.04
CA THR B 291 -27.71 -27.02 20.00
C THR B 291 -26.76 -28.05 20.60
N ARG B 292 -26.40 -29.03 19.79
CA ARG B 292 -25.38 -30.00 20.18
C ARG B 292 -24.12 -29.73 19.40
N TYR B 293 -22.99 -29.65 20.10
CA TYR B 293 -21.67 -29.49 19.48
C TYR B 293 -20.72 -30.51 20.11
N HIS B 294 -20.14 -31.44 19.36
N HIS B 294 -20.16 -31.33 19.22
CA HIS B 294 -19.14 -32.33 19.97
CA HIS B 294 -19.50 -32.56 19.57
C HIS B 294 -19.55 -32.98 21.32
C HIS B 294 -20.52 -33.39 20.33
N ASP B 295 -20.64 -33.76 21.32
N ASP B 295 -20.25 -33.58 21.62
CA ASP B 295 -21.19 -34.43 22.52
CA ASP B 295 -21.09 -34.38 22.51
C ASP B 295 -21.61 -33.50 23.66
N THR B 296 -21.58 -32.20 23.41
CA THR B 296 -21.85 -31.19 24.43
C THR B 296 -23.07 -30.35 24.08
N LEU B 297 -23.96 -30.17 25.05
CA LEU B 297 -25.10 -29.28 24.86
C LEU B 297 -24.74 -27.82 25.05
N HIS B 298 -25.18 -27.00 24.10
CA HIS B 298 -25.02 -25.55 24.18
C HIS B 298 -26.37 -24.87 24.09
N ASP B 299 -26.46 -23.71 24.75
CA ASP B 299 -27.63 -22.84 24.64
C ASP B 299 -27.16 -21.39 24.83
N ARG B 300 -28.09 -20.43 24.88
CA ARG B 300 -27.71 -19.02 24.95
C ARG B 300 -26.72 -18.64 26.05
N ALA B 301 -26.68 -19.42 27.13
CA ALA B 301 -25.79 -19.18 28.27
C ALA B 301 -24.30 -19.41 27.94
N SER B 302 -24.03 -20.35 27.03
CA SER B 302 -22.65 -20.60 26.59
C SER B 302 -22.36 -19.83 25.31
N TYR B 303 -23.39 -19.61 24.48
CA TYR B 303 -23.24 -18.77 23.29
C TYR B 303 -22.63 -17.42 23.68
N ARG B 304 -23.09 -16.86 24.80
CA ARG B 304 -22.57 -15.61 25.33
C ARG B 304 -21.05 -15.62 25.38
N TYR B 305 -20.49 -16.69 25.92
CA TYR B 305 -19.05 -16.82 26.03
C TYR B 305 -18.36 -16.70 24.68
N TYR B 306 -18.89 -17.41 23.69
CA TYR B 306 -18.28 -17.47 22.37
C TYR B 306 -18.46 -16.18 21.57
N TRP B 307 -19.53 -15.46 21.87
CA TRP B 307 -19.76 -14.15 21.27
C TRP B 307 -18.81 -13.12 21.90
N SER B 308 -18.62 -13.23 23.20
CA SER B 308 -17.63 -12.41 23.90
C SER B 308 -16.24 -12.60 23.24
N VAL B 309 -15.91 -13.85 22.92
CA VAL B 309 -14.66 -14.23 22.26
C VAL B 309 -14.50 -13.61 20.86
N LEU B 310 -15.55 -13.70 20.04
CA LEU B 310 -15.55 -13.12 18.70
C LEU B 310 -15.51 -11.60 18.74
N ARG B 311 -16.33 -11.02 19.61
CA ARG B 311 -16.42 -9.56 19.76
C ARG B 311 -15.05 -8.94 20.12
N ARG B 312 -14.35 -9.56 21.06
CA ARG B 312 -13.01 -9.10 21.48
C ARG B 312 -11.99 -9.26 20.36
N ALA B 313 -12.14 -10.32 19.57
CA ALA B 313 -11.20 -10.61 18.49
C ALA B 313 -11.29 -9.57 17.39
N GLN B 314 -12.51 -9.28 16.98
CA GLN B 314 -12.75 -8.36 15.87
C GLN B 314 -12.41 -6.93 16.30
N ALA B 315 -12.84 -6.55 17.49
CA ALA B 315 -12.50 -5.25 18.06
C ALA B 315 -10.98 -5.04 18.08
N THR B 316 -10.24 -5.95 18.70
CA THR B 316 -8.78 -5.83 18.78
C THR B 316 -8.07 -6.16 17.46
N GLY B 317 -8.80 -6.08 16.35
CA GLY B 317 -8.24 -6.29 15.03
C GLY B 317 -7.52 -7.61 14.85
N ARG B 318 -8.05 -8.66 15.46
CA ARG B 318 -7.53 -10.01 15.28
C ARG B 318 -8.31 -10.71 14.16
N ALA B 319 -7.69 -11.71 13.56
CA ALA B 319 -8.25 -12.34 12.38
C ALA B 319 -9.53 -13.12 12.67
N VAL B 320 -10.64 -12.66 12.13
CA VAL B 320 -11.92 -13.34 12.26
C VAL B 320 -12.32 -13.95 10.92
N PRO B 321 -12.74 -15.23 10.92
CA PRO B 321 -13.10 -15.95 9.69
C PRO B 321 -14.22 -15.28 8.90
N GLN B 322 -14.12 -15.30 7.57
CA GLN B 322 -15.12 -14.69 6.69
C GLN B 322 -16.49 -15.31 6.94
N ASP B 323 -16.49 -16.55 7.40
CA ASP B 323 -17.71 -17.28 7.74
C ASP B 323 -18.52 -16.63 8.84
N ALA B 324 -17.86 -15.81 9.65
CA ALA B 324 -18.51 -15.21 10.80
C ALA B 324 -19.29 -13.94 10.45
N ALA B 325 -19.25 -13.55 9.18
CA ALA B 325 -19.87 -12.30 8.73
C ALA B 325 -21.33 -12.10 9.17
N PRO B 326 -22.17 -13.14 9.01
CA PRO B 326 -23.58 -13.01 9.40
C PRO B 326 -23.81 -12.94 10.90
N LEU B 327 -22.74 -12.94 11.70
CA LEU B 327 -22.86 -12.75 13.14
C LEU B 327 -22.63 -11.29 13.56
N PHE B 328 -22.15 -10.48 12.62
CA PHE B 328 -21.92 -9.05 12.83
C PHE B 328 -22.93 -8.18 12.07
N LEU C 5 -37.77 -5.56 10.99
CA LEU C 5 -37.18 -5.65 9.64
C LEU C 5 -37.07 -4.28 8.94
N THR C 6 -35.93 -4.04 8.30
CA THR C 6 -35.67 -2.76 7.64
C THR C 6 -36.12 -2.81 6.17
N PRO C 7 -36.44 -1.65 5.59
CA PRO C 7 -36.89 -1.61 4.19
C PRO C 7 -35.85 -2.22 3.27
N ALA C 8 -34.58 -1.96 3.56
CA ALA C 8 -33.48 -2.48 2.75
C ALA C 8 -33.54 -4.01 2.56
N GLU C 9 -34.12 -4.70 3.53
CA GLU C 9 -34.10 -6.16 3.48
C GLU C 9 -35.44 -6.80 3.12
N VAL C 10 -36.47 -5.99 2.94
CA VAL C 10 -37.78 -6.56 2.57
C VAL C 10 -38.28 -6.06 1.23
N LEU C 11 -37.75 -4.92 0.78
CA LEU C 11 -38.29 -4.25 -0.41
C LEU C 11 -37.52 -4.55 -1.69
N PHE C 12 -38.26 -4.70 -2.78
CA PHE C 12 -37.73 -5.04 -4.10
C PHE C 12 -36.80 -3.93 -4.62
N ASP C 13 -35.62 -4.31 -5.10
CA ASP C 13 -34.57 -3.35 -5.49
C ASP C 13 -34.23 -2.33 -4.39
N PRO C 18 -29.37 3.31 -9.55
CA PRO C 18 -29.84 4.62 -10.00
C PRO C 18 -28.67 5.50 -10.42
N ALA C 19 -28.75 6.11 -11.60
CA ALA C 19 -27.64 6.90 -12.14
C ALA C 19 -27.65 8.37 -11.69
N VAL C 20 -26.47 8.92 -11.41
CA VAL C 20 -26.40 10.28 -10.90
C VAL C 20 -25.21 11.09 -11.44
N LEU C 21 -25.55 12.19 -12.11
CA LEU C 21 -24.60 13.19 -12.63
C LEU C 21 -25.13 14.56 -12.23
N PRO C 22 -24.25 15.58 -12.20
CA PRO C 22 -24.73 16.94 -11.94
C PRO C 22 -25.93 17.31 -12.81
N ALA C 23 -26.86 18.11 -12.27
CA ALA C 23 -28.14 18.35 -12.92
C ALA C 23 -28.08 19.36 -14.07
N CYS C 24 -26.96 20.05 -14.21
CA CYS C 24 -26.82 21.01 -15.30
C CYS C 24 -25.56 20.72 -16.10
N ASP C 25 -25.70 20.69 -17.43
CA ASP C 25 -24.59 20.49 -18.36
C ASP C 25 -24.43 21.76 -19.19
N HIS C 26 -23.53 22.62 -18.75
CA HIS C 26 -23.35 23.92 -19.40
C HIS C 26 -22.41 23.86 -20.60
N TYR C 27 -22.90 24.29 -21.76
CA TYR C 27 -22.11 24.23 -23.00
C TYR C 27 -21.39 25.54 -23.34
N ALA C 28 -20.10 25.42 -23.71
CA ALA C 28 -19.30 26.56 -24.15
C ALA C 28 -18.45 26.22 -25.37
N GLY C 29 -18.63 26.94 -26.46
CA GLY C 29 -18.04 26.57 -27.73
C GLY C 29 -16.97 27.51 -28.24
N SER C 30 -16.61 28.49 -27.41
CA SER C 30 -15.56 29.43 -27.77
C SER C 30 -14.72 29.75 -26.55
N GLU C 31 -13.49 30.18 -26.79
CA GLU C 31 -12.52 30.35 -25.70
C GLU C 31 -13.02 31.27 -24.60
N LYS C 32 -13.59 32.41 -24.99
CA LYS C 32 -14.05 33.40 -24.02
C LYS C 32 -15.10 32.80 -23.10
N LEU C 33 -16.03 32.04 -23.70
CA LEU C 33 -17.12 31.41 -22.95
C LEU C 33 -16.60 30.26 -22.08
N LEU C 35 -13.66 30.01 -20.76
CA LEU C 35 -12.91 30.58 -19.65
C LEU C 35 -13.84 31.20 -18.61
N LYS C 36 -14.87 31.91 -19.08
CA LYS C 36 -15.84 32.50 -18.18
C LYS C 36 -16.63 31.41 -17.46
N SER C 37 -16.98 30.34 -18.18
CA SER C 37 -17.72 29.22 -17.58
C SER C 37 -16.89 28.55 -16.52
N LEU C 38 -15.61 28.34 -16.82
CA LEU C 38 -14.69 27.71 -15.88
C LEU C 38 -14.55 28.56 -14.61
N ALA C 39 -14.41 29.87 -14.78
CA ALA C 39 -14.32 30.79 -13.67
C ALA C 39 -15.58 30.74 -12.80
N LEU C 40 -16.74 30.69 -13.46
CA LEU C 40 -18.02 30.62 -12.77
C LEU C 40 -18.15 29.32 -11.99
N GLN C 41 -17.64 28.23 -12.55
CA GLN C 41 -17.69 26.93 -11.89
C GLN C 41 -16.86 26.96 -10.62
N GLN C 42 -15.75 27.69 -10.67
CA GLN C 42 -14.91 27.87 -9.49
C GLN C 42 -15.65 28.63 -8.39
N GLN C 43 -16.44 29.64 -8.79
CA GLN C 43 -17.23 30.40 -7.83
C GLN C 43 -18.38 29.58 -7.21
N LEU C 44 -19.22 29.00 -8.06
CA LEU C 44 -20.38 28.24 -7.59
C LEU C 44 -20.06 26.84 -7.06
N GLY C 45 -18.85 26.35 -7.38
CA GLY C 45 -18.53 24.95 -7.13
C GLY C 45 -19.15 24.10 -8.21
N PRO C 46 -18.96 22.78 -8.15
CA PRO C 46 -19.36 21.91 -9.28
C PRO C 46 -20.84 21.52 -9.26
N VAL C 47 -21.73 22.52 -9.18
CA VAL C 47 -23.17 22.27 -9.27
C VAL C 47 -23.62 22.07 -10.73
N PHE C 48 -22.73 22.42 -11.66
CA PHE C 48 -22.95 22.15 -13.07
C PHE C 48 -21.67 21.58 -13.70
N ASP C 49 -21.84 20.76 -14.72
CA ASP C 49 -20.72 20.35 -15.55
C ASP C 49 -20.50 21.40 -16.63
N ILE C 50 -19.31 21.41 -17.21
CA ILE C 50 -19.06 22.22 -18.39
C ILE C 50 -18.70 21.29 -19.54
N THR C 51 -19.34 21.50 -20.69
CA THR C 51 -18.91 20.80 -21.89
C THR C 51 -18.23 21.77 -22.84
N LEU C 52 -16.94 21.57 -23.06
CA LEU C 52 -16.20 22.33 -24.05
C LEU C 52 -16.56 21.77 -25.42
N ASP C 53 -17.15 22.60 -26.27
CA ASP C 53 -17.82 22.10 -27.45
C ASP C 53 -17.00 22.32 -28.72
N CYS C 54 -16.82 21.24 -29.48
CA CYS C 54 -16.15 21.31 -30.79
C CYS C 54 -17.14 21.29 -31.93
N GLU C 55 -18.39 20.92 -31.65
CA GLU C 55 -19.39 20.75 -32.71
C GLU C 55 -20.21 22.02 -32.99
N ASP C 56 -21.53 21.91 -32.83
CA ASP C 56 -22.46 22.97 -33.22
C ASP C 56 -22.34 24.27 -32.42
N GLY C 57 -21.75 24.20 -31.24
CA GLY C 57 -21.55 25.39 -30.42
C GLY C 57 -20.37 26.21 -30.90
N ALA C 58 -19.61 25.65 -31.82
CA ALA C 58 -18.44 26.35 -32.34
C ALA C 58 -18.59 26.62 -33.84
N GLN C 59 -17.91 27.66 -34.31
CA GLN C 59 -17.86 27.94 -35.74
C GLN C 59 -17.07 26.83 -36.40
N VAL C 60 -17.21 26.70 -37.71
CA VAL C 60 -16.45 25.71 -38.48
C VAL C 60 -15.11 26.26 -38.99
N GLY C 61 -14.21 25.37 -39.39
CA GLY C 61 -13.01 25.79 -40.09
C GLY C 61 -11.69 25.82 -39.30
N ARG C 62 -11.78 25.80 -37.97
CA ARG C 62 -10.56 25.81 -37.16
C ARG C 62 -10.45 24.54 -36.32
N GLU C 63 -10.87 23.42 -36.90
CA GLU C 63 -11.09 22.16 -36.16
C GLU C 63 -9.90 21.69 -35.32
N ALA C 64 -8.70 21.70 -35.89
CA ALA C 64 -7.52 21.25 -35.17
C ALA C 64 -7.17 22.22 -34.05
N GLN C 65 -7.12 23.51 -34.38
CA GLN C 65 -6.82 24.55 -33.40
C GLN C 65 -7.80 24.48 -32.24
N HIS C 66 -9.08 24.25 -32.55
CA HIS C 66 -10.14 24.23 -31.55
C HIS C 66 -10.01 23.08 -30.56
N ALA C 67 -9.67 21.89 -31.08
CA ALA C 67 -9.49 20.70 -30.24
C ALA C 67 -8.31 20.88 -29.30
N GLU C 68 -7.30 21.59 -29.76
CA GLU C 68 -6.15 21.91 -28.92
C GLU C 68 -6.49 22.93 -27.82
N LEU C 69 -7.30 23.93 -28.17
CA LEU C 69 -7.80 24.88 -27.18
C LEU C 69 -8.52 24.11 -26.08
N VAL C 70 -9.45 23.26 -26.50
CA VAL C 70 -10.21 22.41 -25.57
C VAL C 70 -9.27 21.56 -24.71
N ALA C 71 -8.33 20.87 -25.36
CA ALA C 71 -7.38 20.02 -24.65
C ALA C 71 -6.50 20.80 -23.64
N SER C 72 -6.28 22.08 -23.92
CA SER C 72 -5.42 22.89 -23.07
C SER C 72 -6.13 23.28 -21.78
N LEU C 73 -7.45 23.23 -21.79
CA LEU C 73 -8.22 23.65 -20.63
C LEU C 73 -8.50 22.49 -19.69
N LEU C 74 -8.58 21.27 -20.24
CA LEU C 74 -8.86 20.09 -19.44
C LEU C 74 -7.76 19.81 -18.44
N GLY C 75 -8.12 19.79 -17.16
CA GLY C 75 -7.17 19.51 -16.10
C GLY C 75 -6.20 20.66 -15.85
N SER C 76 -6.51 21.83 -16.39
CA SER C 76 -5.70 23.02 -16.18
C SER C 76 -6.06 23.72 -14.87
N GLU C 77 -5.50 24.91 -14.66
CA GLU C 77 -5.78 25.70 -13.46
C GLU C 77 -7.26 26.08 -13.37
N HIS C 78 -7.93 26.13 -14.53
CA HIS C 78 -9.33 26.53 -14.59
C HIS C 78 -10.28 25.37 -14.29
N ASP C 79 -9.81 24.16 -14.57
CA ASP C 79 -10.57 22.93 -14.31
C ASP C 79 -10.31 22.49 -12.89
N ARG C 80 -11.10 22.99 -11.95
CA ARG C 80 -10.80 22.80 -10.53
C ARG C 80 -11.38 21.50 -9.95
N PHE C 81 -12.40 20.93 -10.57
CA PHE C 81 -13.12 19.81 -9.96
C PHE C 81 -13.14 18.51 -10.78
N GLY C 82 -12.64 18.58 -12.01
CA GLY C 82 -12.64 17.44 -12.91
C GLY C 82 -14.01 17.19 -13.50
N ARG C 83 -14.86 18.22 -13.43
CA ARG C 83 -16.20 18.14 -13.95
C ARG C 83 -16.31 18.96 -15.24
N VAL C 84 -15.39 18.72 -16.17
CA VAL C 84 -15.37 19.38 -17.46
C VAL C 84 -15.25 18.31 -18.54
N GLY C 85 -16.27 18.21 -19.39
CA GLY C 85 -16.27 17.20 -20.43
C GLY C 85 -16.13 17.88 -21.79
N VAL C 86 -16.29 17.12 -22.87
CA VAL C 86 -16.24 17.70 -24.21
C VAL C 86 -17.28 17.12 -25.15
N ARG C 87 -17.66 17.88 -26.17
CA ARG C 87 -18.40 17.34 -27.30
C ARG C 87 -17.56 17.42 -28.55
N ILE C 88 -17.44 16.29 -29.25
CA ILE C 88 -16.65 16.22 -30.47
C ILE C 88 -17.53 16.15 -31.72
N HIS C 89 -16.92 15.94 -32.87
CA HIS C 89 -17.68 15.86 -34.12
C HIS C 89 -18.36 14.49 -34.30
N ASP C 90 -19.25 14.39 -35.29
CA ASP C 90 -20.04 13.17 -35.52
C ASP C 90 -19.28 12.09 -36.32
N PHE C 91 -19.86 10.90 -36.36
CA PHE C 91 -19.20 9.74 -36.98
C PHE C 91 -18.94 9.92 -38.46
N ASP C 92 -19.82 10.65 -39.14
CA ASP C 92 -19.67 10.88 -40.58
C ASP C 92 -18.83 12.15 -40.85
N HIS C 93 -18.15 12.65 -39.82
CA HIS C 93 -17.29 13.82 -39.97
C HIS C 93 -15.84 13.40 -40.10
N ALA C 94 -15.04 14.22 -40.78
CA ALA C 94 -13.66 13.91 -41.04
C ALA C 94 -12.75 14.03 -39.81
N HIS C 95 -13.13 14.89 -38.88
CA HIS C 95 -12.24 15.25 -37.78
C HIS C 95 -12.53 14.53 -36.45
N TRP C 96 -13.47 13.59 -36.44
CA TRP C 96 -13.86 13.02 -35.15
C TRP C 96 -12.78 12.19 -34.45
N ARG C 97 -12.05 11.40 -35.23
CA ARG C 97 -10.94 10.64 -34.68
C ARG C 97 -9.83 11.59 -34.25
N ASP C 98 -9.66 12.65 -35.02
CA ASP C 98 -8.64 13.66 -34.71
C ASP C 98 -8.97 14.44 -33.43
N ASP C 99 -10.27 14.62 -33.19
CA ASP C 99 -10.74 15.25 -31.96
C ASP C 99 -10.33 14.37 -30.77
N VAL C 100 -10.58 13.07 -30.88
CA VAL C 100 -10.29 12.12 -29.79
C VAL C 100 -8.79 12.03 -29.51
N ARG C 101 -7.99 11.93 -30.56
CA ARG C 101 -6.56 11.81 -30.42
C ARG C 101 -5.93 13.12 -29.90
N LEU C 102 -6.24 14.24 -30.56
CA LEU C 102 -5.67 15.52 -30.14
C LEU C 102 -6.00 15.81 -28.68
N ILE C 103 -7.25 15.55 -28.30
CA ILE C 103 -7.71 15.89 -26.96
C ILE C 103 -7.17 14.95 -25.89
N LEU C 104 -7.27 13.64 -26.10
CA LEU C 104 -6.75 12.67 -25.13
C LEU C 104 -5.22 12.76 -24.95
N ARG C 105 -4.50 13.07 -26.02
CA ARG C 105 -3.04 13.19 -25.98
C ARG C 105 -2.55 14.41 -25.20
N ALA C 106 -3.25 15.53 -25.32
CA ALA C 106 -2.76 16.81 -24.80
C ALA C 106 -3.39 17.24 -23.49
N ALA C 107 -4.56 16.70 -23.16
CA ALA C 107 -5.24 17.09 -21.93
C ALA C 107 -4.48 16.64 -20.68
N LYS C 108 -4.11 17.59 -19.81
CA LYS C 108 -3.40 17.26 -18.56
C LYS C 108 -4.18 16.21 -17.76
N ARG C 109 -5.51 16.29 -17.80
CA ARG C 109 -6.38 15.23 -17.28
C ARG C 109 -7.47 14.93 -18.31
N ALA C 110 -7.89 13.67 -18.38
CA ALA C 110 -8.89 13.28 -19.36
C ALA C 110 -10.21 14.00 -19.11
N PRO C 111 -10.99 14.22 -20.18
CA PRO C 111 -12.30 14.86 -20.04
C PRO C 111 -13.22 14.04 -19.12
N ALA C 112 -14.11 14.71 -18.40
CA ALA C 112 -15.04 14.02 -17.51
C ALA C 112 -15.94 13.06 -18.31
N TYR C 113 -16.19 13.40 -19.56
CA TYR C 113 -16.95 12.56 -20.48
C TYR C 113 -16.77 13.07 -21.90
N ILE C 114 -17.10 12.24 -22.89
CA ILE C 114 -17.06 12.66 -24.27
C ILE C 114 -18.45 12.49 -24.88
N THR C 115 -18.97 13.59 -25.42
CA THR C 115 -20.32 13.62 -25.95
C THR C 115 -20.26 13.40 -27.46
N LEU C 116 -21.03 12.43 -27.93
CA LEU C 116 -21.04 12.07 -29.34
C LEU C 116 -22.34 12.55 -29.98
N PRO C 117 -22.22 13.47 -30.94
CA PRO C 117 -23.41 14.03 -31.59
C PRO C 117 -23.85 13.23 -32.80
N LYS C 118 -25.14 13.33 -33.12
CA LYS C 118 -25.68 12.86 -34.40
C LYS C 118 -25.46 11.36 -34.73
N ILE C 119 -25.49 10.53 -33.70
CA ILE C 119 -25.53 9.08 -33.89
C ILE C 119 -26.70 8.65 -34.79
N ARG C 120 -26.37 7.97 -35.89
CA ARG C 120 -27.37 7.47 -36.82
C ARG C 120 -27.67 5.98 -36.57
N HIS C 121 -26.61 5.22 -36.29
CA HIS C 121 -26.67 3.75 -36.16
C HIS C 121 -26.03 3.33 -34.83
N VAL C 122 -26.54 2.24 -34.25
CA VAL C 122 -25.98 1.72 -33.03
C VAL C 122 -24.51 1.34 -33.18
N HIS C 123 -24.15 0.83 -34.35
CA HIS C 123 -22.76 0.41 -34.60
C HIS C 123 -21.82 1.61 -34.67
N ASP C 124 -22.32 2.74 -35.18
CA ASP C 124 -21.58 3.99 -35.22
C ASP C 124 -21.12 4.41 -33.82
N ALA C 125 -22.04 4.35 -32.87
CA ALA C 125 -21.76 4.75 -31.47
C ALA C 125 -20.80 3.78 -30.81
N ALA C 126 -21.09 2.49 -30.93
CA ALA C 126 -20.22 1.47 -30.35
C ALA C 126 -18.79 1.60 -30.87
N GLU C 127 -18.66 1.89 -32.16
CA GLU C 127 -17.35 2.00 -32.82
C GLU C 127 -16.59 3.21 -32.26
N VAL C 129 -17.20 4.63 -29.27
CA VAL C 129 -16.91 4.31 -27.88
C VAL C 129 -15.64 3.44 -27.82
N ALA C 130 -15.52 2.53 -28.78
CA ALA C 130 -14.40 1.60 -28.85
C ALA C 130 -13.08 2.29 -29.20
N PHE C 131 -13.14 3.28 -30.10
CA PHE C 131 -11.96 4.04 -30.45
C PHE C 131 -11.46 4.86 -29.27
N ILE C 132 -12.41 5.41 -28.52
CA ILE C 132 -12.07 6.19 -27.35
CA ILE C 132 -12.10 6.19 -27.34
C ILE C 132 -11.35 5.33 -26.33
N GLU C 133 -11.87 4.13 -26.10
CA GLU C 133 -11.27 3.19 -25.17
C GLU C 133 -9.87 2.81 -25.63
N ALA C 134 -9.74 2.44 -26.89
CA ALA C 134 -8.44 2.10 -27.46
C ALA C 134 -7.42 3.22 -27.28
N THR C 135 -7.81 4.44 -27.64
CA THR C 135 -6.91 5.59 -27.59
C THR C 135 -6.45 5.88 -26.18
N ARG C 136 -7.37 5.83 -25.22
CA ARG C 136 -7.00 6.15 -23.86
C ARG C 136 -6.16 5.02 -23.28
N ARG C 137 -6.42 3.79 -23.74
CA ARG C 137 -5.64 2.64 -23.29
C ARG C 137 -4.17 2.73 -23.74
N GLU C 138 -3.96 3.12 -25.00
CA GLU C 138 -2.60 3.23 -25.50
C GLU C 138 -1.87 4.44 -24.95
N LEU C 139 -2.61 5.49 -24.61
CA LEU C 139 -1.99 6.67 -23.99
C LEU C 139 -1.70 6.40 -22.51
N GLY C 140 -2.08 5.21 -22.05
CA GLY C 140 -1.81 4.83 -20.68
C GLY C 140 -2.67 5.60 -19.69
N ILE C 141 -3.77 6.17 -20.17
CA ILE C 141 -4.74 6.83 -19.29
C ILE C 141 -5.35 5.79 -18.35
N ALA C 142 -5.40 6.11 -17.07
CA ALA C 142 -5.75 5.16 -16.01
C ALA C 142 -7.14 4.52 -16.10
N GLN C 143 -8.17 5.36 -16.14
CA GLN C 143 -9.56 4.89 -16.21
C GLN C 143 -10.19 5.17 -17.57
N PRO C 144 -11.27 4.44 -17.92
CA PRO C 144 -12.01 4.71 -19.16
C PRO C 144 -12.73 6.06 -19.11
N VAL C 145 -12.94 6.63 -20.30
CA VAL C 145 -13.64 7.91 -20.41
C VAL C 145 -15.12 7.66 -20.68
N PRO C 146 -15.99 8.13 -19.77
CA PRO C 146 -17.42 7.98 -19.98
C PRO C 146 -17.89 8.68 -21.25
N VAL C 147 -18.86 8.09 -21.92
CA VAL C 147 -19.42 8.66 -23.14
C VAL C 147 -20.89 9.00 -22.93
N GLN C 148 -21.31 10.13 -23.48
CA GLN C 148 -22.73 10.51 -23.52
C GLN C 148 -23.14 10.62 -24.98
N LEU C 149 -24.28 10.05 -25.33
CA LEU C 149 -24.75 10.07 -26.73
C LEU C 149 -25.91 11.03 -26.92
N LEU C 150 -25.85 11.80 -28.00
CA LEU C 150 -27.00 12.59 -28.44
C LEU C 150 -28.00 11.69 -29.17
N VAL C 151 -29.27 11.75 -28.78
CA VAL C 151 -30.32 11.13 -29.57
C VAL C 151 -31.06 12.24 -30.33
N GLU C 152 -30.69 12.43 -31.59
CA GLU C 152 -31.20 13.56 -32.33
C GLU C 152 -31.35 13.25 -33.83
N THR C 153 -31.42 11.96 -34.15
CA THR C 153 -31.68 11.51 -35.50
C THR C 153 -32.77 10.47 -35.46
N HIS C 154 -33.30 10.14 -36.62
CA HIS C 154 -34.31 9.11 -36.71
C HIS C 154 -33.71 7.79 -36.31
N GLY C 155 -32.50 7.52 -36.81
CA GLY C 155 -31.81 6.28 -36.53
C GLY C 155 -31.56 6.04 -35.06
N ALA C 156 -31.17 7.10 -34.34
CA ALA C 156 -30.90 6.99 -32.91
C ALA C 156 -32.19 6.80 -32.10
N LEU C 157 -33.26 7.49 -32.50
CA LEU C 157 -34.51 7.38 -31.76
C LEU C 157 -35.12 5.98 -31.90
N THR C 158 -35.10 5.47 -33.12
CA THR C 158 -35.59 4.12 -33.40
C THR C 158 -34.89 3.07 -32.53
N ARG C 159 -33.57 3.15 -32.46
CA ARG C 159 -32.78 2.18 -31.70
C ARG C 159 -32.30 2.76 -30.35
N VAL C 160 -33.08 3.68 -29.79
CA VAL C 160 -32.70 4.41 -28.58
C VAL C 160 -32.53 3.50 -27.37
N PHE C 161 -33.28 2.41 -27.32
CA PHE C 161 -33.12 1.46 -26.23
C PHE C 161 -31.82 0.68 -26.38
N ASP C 162 -31.43 0.42 -27.63
CA ASP C 162 -30.17 -0.24 -27.93
C ASP C 162 -29.03 0.69 -27.54
N LEU C 163 -29.24 1.99 -27.72
CA LEU C 163 -28.25 2.99 -27.34
C LEU C 163 -28.09 3.03 -25.82
N ALA C 164 -29.22 3.08 -25.11
CA ALA C 164 -29.19 3.15 -23.65
C ALA C 164 -28.42 1.96 -23.08
N ALA C 165 -28.51 0.83 -23.77
CA ALA C 165 -27.92 -0.41 -23.27
C ALA C 165 -26.40 -0.51 -23.51
N LEU C 166 -25.84 0.41 -24.29
CA LEU C 166 -24.41 0.33 -24.60
C LEU C 166 -23.54 0.49 -23.37
N PRO C 167 -22.62 -0.45 -23.16
CA PRO C 167 -21.59 -0.28 -22.13
C PRO C 167 -20.70 0.85 -22.55
N GLY C 168 -20.34 1.68 -21.59
CA GLY C 168 -19.48 2.82 -21.85
C GLY C 168 -20.28 4.10 -21.94
N VAL C 169 -21.60 3.98 -22.04
CA VAL C 169 -22.48 5.15 -22.18
C VAL C 169 -23.20 5.45 -20.88
N GLU C 170 -22.96 6.66 -20.34
CA GLU C 170 -23.46 7.03 -19.03
C GLU C 170 -24.76 7.84 -19.09
N ALA C 171 -25.00 8.50 -20.22
CA ALA C 171 -26.22 9.31 -20.41
C ALA C 171 -26.61 9.44 -21.89
N LEU C 172 -27.90 9.66 -22.13
CA LEU C 172 -28.40 10.05 -23.44
C LEU C 172 -28.97 11.45 -23.32
N SER C 173 -28.67 12.31 -24.29
CA SER C 173 -29.22 13.66 -24.35
C SER C 173 -30.15 13.80 -25.55
N PHE C 174 -31.22 14.54 -25.37
CA PHE C 174 -32.10 14.84 -26.50
C PHE C 174 -31.58 16.06 -27.26
N GLY C 175 -31.46 15.92 -28.57
CA GLY C 175 -31.17 17.05 -29.44
C GLY C 175 -32.45 17.56 -30.10
N LEU C 176 -33.07 18.55 -29.47
CA LEU C 176 -34.36 19.03 -29.92
C LEU C 176 -34.34 19.68 -31.31
N ASP C 178 -31.99 19.53 -33.78
CA ASP C 178 -31.63 18.55 -34.80
C ASP C 178 -32.79 17.59 -35.08
N PHE C 179 -33.53 17.22 -34.03
CA PHE C 179 -34.64 16.29 -34.17
C PHE C 179 -35.79 16.90 -34.97
N VAL C 180 -36.11 18.14 -34.66
CA VAL C 180 -37.13 18.87 -35.40
C VAL C 180 -36.69 19.05 -36.86
N SER C 181 -35.44 19.48 -37.05
CA SER C 181 -34.88 19.72 -38.37
C SER C 181 -34.88 18.43 -39.19
N ALA C 182 -34.75 17.30 -38.48
CA ALA C 182 -34.68 15.99 -39.13
C ALA C 182 -35.99 15.61 -39.82
N HIS C 183 -37.07 16.32 -39.50
CA HIS C 183 -38.36 16.03 -40.12
C HIS C 183 -38.61 16.94 -41.31
N ASP C 184 -37.57 17.69 -41.69
CA ASP C 184 -37.58 18.45 -42.94
C ASP C 184 -38.79 19.39 -43.08
N GLY C 185 -39.23 19.99 -41.98
CA GLY C 185 -40.31 20.95 -42.04
C GLY C 185 -41.69 20.40 -41.66
N ALA C 186 -41.80 19.09 -41.57
CA ALA C 186 -43.05 18.46 -41.17
C ALA C 186 -43.42 18.82 -39.72
N ILE C 187 -42.41 19.04 -38.89
CA ILE C 187 -42.64 19.58 -37.56
C ILE C 187 -42.31 21.06 -37.60
N PRO C 188 -43.27 21.91 -37.23
CA PRO C 188 -43.06 23.36 -37.24
C PRO C 188 -41.89 23.75 -36.31
N ASP C 189 -41.21 24.84 -36.62
CA ASP C 189 -40.12 25.35 -35.77
C ASP C 189 -40.63 25.81 -34.38
N THR C 190 -41.95 25.95 -34.25
CA THR C 190 -42.54 26.26 -32.95
C THR C 190 -42.30 25.14 -31.94
N ALA C 191 -41.97 23.97 -32.46
CA ALA C 191 -41.68 22.82 -31.62
C ALA C 191 -40.28 22.91 -31.00
N ARG C 193 -39.43 25.75 -29.54
CA ARG C 193 -39.69 26.67 -28.44
C ARG C 193 -40.64 26.00 -27.45
N SER C 194 -40.78 26.58 -26.26
CA SER C 194 -41.81 26.14 -25.33
C SER C 194 -43.08 26.92 -25.62
N PRO C 195 -44.25 26.28 -25.46
CA PRO C 195 -44.46 24.92 -24.94
C PRO C 195 -44.43 23.84 -26.01
N GLY C 196 -44.31 24.23 -27.27
CA GLY C 196 -44.33 23.27 -28.37
C GLY C 196 -43.37 22.11 -28.16
N GLN C 197 -42.21 22.40 -27.55
CA GLN C 197 -41.19 21.38 -27.37
C GLN C 197 -41.58 20.32 -26.36
N PHE C 198 -42.69 20.55 -25.65
CA PHE C 198 -43.26 19.57 -24.71
C PHE C 198 -44.61 19.07 -25.19
N ASP C 199 -45.32 19.89 -25.97
CA ASP C 199 -46.70 19.59 -26.35
C ASP C 199 -46.88 19.04 -27.76
N HIS C 200 -45.98 19.41 -28.68
CA HIS C 200 -45.99 18.75 -29.99
C HIS C 200 -45.83 17.23 -29.84
N PRO C 201 -46.85 16.48 -30.27
CA PRO C 201 -46.95 15.02 -30.09
C PRO C 201 -45.69 14.21 -30.48
N LEU C 202 -45.03 14.57 -31.58
CA LEU C 202 -43.87 13.82 -32.06
C LEU C 202 -42.61 14.12 -31.26
N VAL C 203 -42.50 15.35 -30.78
CA VAL C 203 -41.37 15.73 -29.93
C VAL C 203 -41.57 15.18 -28.49
N ARG C 204 -42.81 15.23 -28.02
CA ARG C 204 -43.15 14.68 -26.73
C ARG C 204 -42.90 13.19 -26.74
N ARG C 205 -43.32 12.54 -27.82
CA ARG C 205 -43.05 11.12 -28.01
C ARG C 205 -41.56 10.78 -27.96
N ALA C 206 -40.75 11.52 -28.71
CA ALA C 206 -39.30 11.28 -28.73
C ALA C 206 -38.66 11.44 -27.34
N LYS C 207 -39.03 12.51 -26.65
CA LYS C 207 -38.51 12.78 -25.30
C LYS C 207 -38.81 11.68 -24.30
N LEU C 208 -40.02 11.10 -24.40
CA LEU C 208 -40.42 10.01 -23.49
C LEU C 208 -39.73 8.67 -23.80
N GLU C 209 -39.44 8.42 -25.08
CA GLU C 209 -38.70 7.21 -25.47
C GLU C 209 -37.31 7.24 -24.87
N ILE C 210 -36.64 8.36 -25.07
CA ILE C 210 -35.29 8.56 -24.56
C ILE C 210 -35.25 8.39 -23.04
N SER C 211 -36.17 9.05 -22.35
CA SER C 211 -36.30 8.94 -20.89
C SER C 211 -36.56 7.48 -20.42
N ALA C 212 -37.55 6.82 -21.00
CA ALA C 212 -37.86 5.44 -20.64
C ALA C 212 -36.67 4.51 -20.88
N ALA C 213 -35.93 4.75 -21.95
CA ALA C 213 -34.79 3.91 -22.27
C ALA C 213 -33.71 4.10 -21.23
N CYS C 214 -33.43 5.36 -20.88
CA CYS C 214 -32.41 5.66 -19.89
C CYS C 214 -32.74 5.00 -18.55
N HIS C 215 -33.98 5.15 -18.10
CA HIS C 215 -34.35 4.60 -16.81
C HIS C 215 -34.29 3.08 -16.83
N ALA C 216 -34.66 2.49 -17.96
CA ALA C 216 -34.62 1.04 -18.12
C ALA C 216 -33.20 0.47 -17.94
N TYR C 217 -32.20 1.27 -18.28
CA TYR C 217 -30.81 0.81 -18.26
C TYR C 217 -29.91 1.60 -17.31
N GLY C 218 -30.52 2.25 -16.34
CA GLY C 218 -29.78 3.02 -15.34
C GLY C 218 -28.85 4.09 -15.87
N LYS C 219 -29.25 4.74 -16.96
CA LYS C 219 -28.47 5.84 -17.54
C LYS C 219 -29.11 7.18 -17.19
N VAL C 220 -28.39 8.28 -17.33
CA VAL C 220 -28.96 9.61 -17.06
C VAL C 220 -29.62 10.17 -18.31
N PRO C 221 -30.93 10.47 -18.21
CA PRO C 221 -31.61 11.21 -19.29
C PRO C 221 -31.31 12.70 -19.16
N SER C 222 -30.71 13.28 -20.19
CA SER C 222 -30.30 14.67 -20.18
C SER C 222 -31.14 15.49 -21.16
N HIS C 223 -31.79 16.55 -20.67
CA HIS C 223 -32.72 17.35 -21.46
C HIS C 223 -31.98 18.39 -22.30
N ASN C 224 -32.53 18.67 -23.47
CA ASN C 224 -31.99 19.72 -24.33
C ASN C 224 -32.03 21.08 -23.65
N VAL C 225 -31.21 22.01 -24.14
CA VAL C 225 -31.20 23.40 -23.66
C VAL C 225 -32.48 24.13 -23.98
N SER C 226 -32.76 25.17 -23.21
CA SER C 226 -33.72 26.19 -23.62
CA SER C 226 -33.72 26.21 -23.59
C SER C 226 -32.96 27.21 -24.44
N THR C 227 -33.45 27.48 -25.65
CA THR C 227 -32.79 28.46 -26.54
C THR C 227 -33.21 29.89 -26.19
N GLU C 228 -34.15 30.01 -25.26
CA GLU C 228 -34.57 31.30 -24.72
C GLU C 228 -33.45 31.87 -23.85
N VAL C 229 -32.87 32.99 -24.26
CA VAL C 229 -31.74 33.58 -23.52
C VAL C 229 -32.07 34.87 -22.78
N ARG C 230 -33.34 35.27 -22.77
CA ARG C 230 -33.78 36.46 -22.03
C ARG C 230 -34.62 36.10 -20.81
N ASP C 231 -35.75 35.43 -21.05
CA ASP C 231 -36.70 35.04 -19.99
C ASP C 231 -36.28 33.77 -19.25
N SER C 233 -37.52 32.84 -16.54
CA SER C 233 -38.77 32.27 -16.07
C SER C 233 -39.19 31.08 -16.95
N VAL C 234 -38.98 31.23 -18.26
CA VAL C 234 -39.25 30.17 -19.24
C VAL C 234 -38.30 29.00 -19.04
N VAL C 235 -37.01 29.30 -18.95
CA VAL C 235 -35.98 28.30 -18.70
C VAL C 235 -36.24 27.45 -17.44
N ALA C 236 -36.68 28.12 -16.37
CA ALA C 236 -36.98 27.46 -15.11
C ALA C 236 -38.21 26.56 -15.22
N ASN C 237 -39.15 26.96 -16.07
CA ASN C 237 -40.34 26.16 -16.25
C ASN C 237 -40.05 24.93 -17.11
N ASP C 238 -39.21 25.11 -18.13
CA ASP C 238 -38.76 24.00 -18.96
C ASP C 238 -38.13 22.93 -18.09
N ALA C 239 -37.29 23.36 -17.18
CA ALA C 239 -36.53 22.45 -16.35
C ALA C 239 -37.46 21.68 -15.41
N ALA C 240 -38.52 22.35 -14.97
CA ALA C 240 -39.55 21.73 -14.12
C ALA C 240 -40.37 20.67 -14.85
N ARG C 241 -40.70 20.93 -16.11
CA ARG C 241 -41.49 20.00 -16.92
C ARG C 241 -40.64 18.81 -17.30
N ALA C 242 -39.37 19.09 -17.64
CA ALA C 242 -38.42 18.03 -17.97
C ALA C 242 -38.29 17.07 -16.81
N ARG C 243 -38.21 17.64 -15.61
CA ARG C 243 -38.07 16.87 -14.39
C ARG C 243 -39.36 16.13 -14.01
N ASN C 244 -40.44 16.88 -13.89
CA ASN C 244 -41.63 16.39 -13.22
C ASN C 244 -42.65 15.68 -14.13
N GLU C 245 -42.58 15.95 -15.42
CA GLU C 245 -43.45 15.29 -16.39
C GLU C 245 -42.71 14.26 -17.23
N PHE C 246 -41.45 14.56 -17.56
CA PHE C 246 -40.69 13.76 -18.51
C PHE C 246 -39.59 12.87 -17.91
N GLY C 247 -39.26 13.09 -16.64
CA GLY C 247 -38.39 12.16 -15.95
C GLY C 247 -36.91 12.35 -16.22
N TYR C 248 -36.56 13.52 -16.72
CA TYR C 248 -35.15 13.85 -16.93
C TYR C 248 -34.51 14.23 -15.60
N THR C 249 -33.21 13.94 -15.46
CA THR C 249 -32.52 14.21 -14.21
C THR C 249 -31.34 15.17 -14.42
N ARG C 250 -31.25 15.73 -15.63
CA ARG C 250 -30.16 16.62 -16.01
C ARG C 250 -30.64 17.46 -17.18
N TRP C 252 -29.25 20.57 -20.21
CA TRP C 252 -28.20 21.41 -20.77
C TRP C 252 -28.46 22.89 -20.50
N SER C 253 -27.38 23.65 -20.43
CA SER C 253 -27.45 25.10 -20.27
C SER C 253 -26.60 25.73 -21.38
N ILE C 254 -27.04 26.87 -21.90
CA ILE C 254 -26.32 27.52 -23.00
C ILE C 254 -25.94 28.98 -22.66
N HIS C 255 -26.27 29.40 -21.45
CA HIS C 255 -26.05 30.75 -20.99
C HIS C 255 -25.95 30.68 -19.48
N PRO C 256 -24.97 31.39 -18.89
CA PRO C 256 -24.68 31.21 -17.46
C PRO C 256 -25.87 31.59 -16.57
N ALA C 257 -26.80 32.37 -17.12
CA ALA C 257 -27.97 32.80 -16.37
C ALA C 257 -29.03 31.70 -16.29
N GLN C 258 -28.85 30.67 -17.13
CA GLN C 258 -29.76 29.53 -17.15
C GLN C 258 -29.38 28.55 -16.07
N ILE C 259 -28.10 28.57 -15.70
CA ILE C 259 -27.52 27.57 -14.82
C ILE C 259 -28.21 27.49 -13.45
N GLU C 260 -28.44 28.64 -12.83
CA GLU C 260 -29.04 28.69 -11.50
C GLU C 260 -30.50 28.22 -11.55
N ALA C 261 -31.22 28.58 -12.61
CA ALA C 261 -32.63 28.18 -12.79
C ALA C 261 -32.76 26.66 -12.93
N ILE C 262 -31.85 26.08 -13.70
CA ILE C 262 -31.81 24.64 -13.93
C ILE C 262 -31.43 23.86 -12.67
N VAL C 263 -30.36 24.29 -12.02
CA VAL C 263 -29.91 23.62 -10.80
C VAL C 263 -31.00 23.65 -9.71
N ALA C 264 -31.66 24.79 -9.56
CA ALA C 264 -32.75 24.94 -8.60
C ALA C 264 -33.93 24.03 -8.92
N ALA C 265 -34.25 23.89 -10.20
CA ALA C 265 -35.38 23.07 -10.61
C ALA C 265 -35.13 21.60 -10.27
N PHE C 266 -33.87 21.21 -10.18
CA PHE C 266 -33.53 19.81 -9.95
C PHE C 266 -33.15 19.54 -8.49
N ALA C 267 -33.21 20.59 -7.68
CA ALA C 267 -32.94 20.47 -6.27
C ALA C 267 -33.89 19.47 -5.60
N PRO C 268 -33.42 18.82 -4.53
CA PRO C 268 -34.25 17.85 -3.80
C PRO C 268 -35.43 18.49 -3.10
N ARG C 269 -36.57 17.80 -3.10
CA ARG C 269 -37.75 18.26 -2.39
C ARG C 269 -37.71 17.67 -0.99
N ASP C 270 -37.30 18.48 -0.03
CA ASP C 270 -37.16 18.02 1.34
C ASP C 270 -38.51 17.68 1.94
N GLU C 271 -39.57 18.23 1.35
CA GLU C 271 -40.94 17.99 1.81
C GLU C 271 -41.30 16.50 1.78
N GLU C 272 -40.52 15.72 1.02
CA GLU C 272 -40.81 14.30 0.81
C GLU C 272 -40.37 13.43 1.97
N ILE C 273 -39.36 13.91 2.71
CA ILE C 273 -38.69 13.13 3.76
C ILE C 273 -39.55 12.73 4.95
N THR C 274 -40.29 13.68 5.53
CA THR C 274 -41.17 13.35 6.64
C THR C 274 -42.30 12.40 6.23
N THR C 275 -42.85 12.61 5.03
CA THR C 275 -43.90 11.73 4.51
C THR C 275 -43.40 10.29 4.38
N ALA C 276 -42.22 10.15 3.79
CA ALA C 276 -41.58 8.84 3.63
C ALA C 276 -41.34 8.17 4.97
N THR C 277 -40.80 8.93 5.91
CA THR C 277 -40.53 8.41 7.25
C THR C 277 -41.81 7.87 7.91
N GLU C 278 -42.88 8.68 7.92
CA GLU C 278 -44.15 8.30 8.53
C GLU C 278 -44.72 7.03 7.88
N ILE C 279 -44.74 7.01 6.56
CA ILE C 279 -45.31 5.87 5.87
C ILE C 279 -44.53 4.61 6.20
N LEU C 280 -43.20 4.72 6.14
CA LEU C 280 -42.31 3.56 6.29
C LEU C 280 -42.31 3.00 7.70
N LEU C 281 -42.30 3.89 8.68
CA LEU C 281 -42.36 3.47 10.07
C LEU C 281 -43.64 2.67 10.32
N ALA C 282 -44.75 3.15 9.76
CA ALA C 282 -46.02 2.46 9.89
C ALA C 282 -46.01 1.12 9.17
N ALA C 283 -45.41 1.09 8.00
CA ALA C 283 -45.26 -0.14 7.24
C ALA C 283 -44.50 -1.18 8.05
N GLN C 284 -43.37 -0.75 8.59
CA GLN C 284 -42.52 -1.59 9.44
C GLN C 284 -43.32 -2.27 10.56
N SER C 285 -44.22 -1.53 11.21
CA SER C 285 -45.04 -2.04 12.32
C SER C 285 -46.13 -3.00 11.89
N ALA C 286 -46.50 -2.95 10.61
CA ALA C 286 -47.51 -3.85 10.08
C ALA C 286 -46.82 -5.04 9.43
N GLN C 287 -45.54 -5.19 9.74
CA GLN C 287 -44.72 -6.24 9.16
C GLN C 287 -44.77 -6.14 7.65
N TRP C 288 -44.67 -4.90 7.16
CA TRP C 288 -44.51 -4.65 5.74
C TRP C 288 -45.66 -5.24 4.94
N GLY C 289 -46.78 -5.46 5.62
CA GLY C 289 -48.03 -5.75 4.96
C GLY C 289 -48.63 -4.42 4.55
N PRO C 290 -49.77 -4.44 3.86
CA PRO C 290 -50.39 -3.20 3.40
C PRO C 290 -50.83 -2.31 4.56
N THR C 291 -50.82 -0.99 4.34
CA THR C 291 -51.27 -0.03 5.36
C THR C 291 -52.16 1.03 4.75
N ARG C 292 -52.86 1.75 5.61
CA ARG C 292 -53.65 2.90 5.19
C ARG C 292 -52.97 4.16 5.69
N TYR C 293 -52.81 5.12 4.79
CA TYR C 293 -52.23 6.43 5.13
C TYR C 293 -53.11 7.50 4.48
N HIS C 294 -53.73 8.40 5.24
N HIS C 294 -53.61 8.36 5.35
CA HIS C 294 -54.48 9.49 4.58
CA HIS C 294 -54.71 9.26 5.06
C HIS C 294 -55.42 9.04 3.43
C HIS C 294 -55.86 8.36 4.62
N ASP C 295 -56.41 8.20 3.75
N ASP C 295 -56.23 8.48 3.35
CA ASP C 295 -57.39 7.67 2.76
CA ASP C 295 -57.33 7.75 2.76
C ASP C 295 -56.79 6.89 1.61
N THR C 296 -55.50 6.62 1.65
CA THR C 296 -54.79 5.96 0.56
C THR C 296 -54.17 4.63 1.00
N LEU C 297 -54.38 3.59 0.20
CA LEU C 297 -53.76 2.30 0.49
C LEU C 297 -52.32 2.26 0.02
N HIS C 298 -51.45 1.77 0.90
CA HIS C 298 -50.04 1.55 0.60
C HIS C 298 -49.64 0.12 0.85
N ASP C 299 -48.69 -0.36 0.05
CA ASP C 299 -48.06 -1.66 0.26
C ASP C 299 -46.61 -1.59 -0.19
N ARG C 300 -45.91 -2.72 -0.24
CA ARG C 300 -44.48 -2.72 -0.57
C ARG C 300 -44.09 -2.05 -1.89
N ALA C 301 -45.02 -2.00 -2.83
CA ALA C 301 -44.83 -1.35 -4.13
C ALA C 301 -44.67 0.19 -4.04
N SER C 302 -45.38 0.81 -3.11
CA SER C 302 -45.20 2.25 -2.87
C SER C 302 -44.16 2.55 -1.79
N TYR C 303 -44.03 1.66 -0.79
CA TYR C 303 -42.97 1.76 0.20
C TYR C 303 -41.62 1.95 -0.50
N ARG C 304 -41.41 1.22 -1.60
CA ARG C 304 -40.16 1.32 -2.36
C ARG C 304 -39.84 2.76 -2.69
N TYR C 305 -40.85 3.47 -3.17
CA TYR C 305 -40.69 4.88 -3.54
C TYR C 305 -40.16 5.69 -2.36
N TYR C 306 -40.78 5.52 -1.19
CA TYR C 306 -40.47 6.33 -0.02
C TYR C 306 -39.14 5.94 0.61
N TRP C 307 -38.75 4.68 0.45
CA TRP C 307 -37.43 4.22 0.87
C TRP C 307 -36.35 4.80 -0.06
N SER C 308 -36.65 4.85 -1.36
CA SER C 308 -35.78 5.49 -2.33
C SER C 308 -35.53 6.95 -1.94
N VAL C 309 -36.59 7.62 -1.49
CA VAL C 309 -36.55 9.01 -1.03
C VAL C 309 -35.67 9.20 0.21
N LEU C 310 -35.86 8.35 1.22
CA LEU C 310 -35.05 8.38 2.45
C LEU C 310 -33.59 8.04 2.18
N ARG C 311 -33.36 6.98 1.40
CA ARG C 311 -32.01 6.53 1.06
C ARG C 311 -31.19 7.64 0.37
N ARG C 312 -31.80 8.32 -0.59
CA ARG C 312 -31.14 9.42 -1.32
C ARG C 312 -30.86 10.61 -0.40
N ALA C 313 -31.75 10.83 0.57
CA ALA C 313 -31.66 11.98 1.46
C ALA C 313 -30.49 11.81 2.42
N GLN C 314 -30.40 10.62 2.99
CA GLN C 314 -29.36 10.32 3.98
C GLN C 314 -28.01 10.24 3.30
N ALA C 315 -27.97 9.57 2.15
CA ALA C 315 -26.75 9.48 1.36
C ALA C 315 -26.20 10.87 1.03
N THR C 316 -27.03 11.71 0.43
CA THR C 316 -26.62 13.07 0.07
C THR C 316 -26.53 14.02 1.27
N GLY C 317 -26.39 13.46 2.46
CA GLY C 317 -26.23 14.26 3.67
C GLY C 317 -27.33 15.29 3.93
N ARG C 318 -28.56 14.94 3.58
CA ARG C 318 -29.70 15.79 3.86
C ARG C 318 -30.32 15.40 5.19
N ALA C 319 -31.04 16.34 5.80
CA ALA C 319 -31.56 16.12 7.15
C ALA C 319 -32.65 15.06 7.20
N VAL C 320 -32.34 13.95 7.87
CA VAL C 320 -33.31 12.88 8.07
C VAL C 320 -33.74 12.84 9.53
N PRO C 321 -35.06 12.75 9.78
CA PRO C 321 -35.60 12.73 11.15
C PRO C 321 -35.05 11.61 12.03
N GLN C 322 -34.82 11.92 13.29
CA GLN C 322 -34.28 10.94 14.25
C GLN C 322 -35.22 9.74 14.33
N ASP C 323 -36.50 9.98 14.07
CA ASP C 323 -37.53 8.95 14.10
C ASP C 323 -37.28 7.84 13.07
N ALA C 324 -36.48 8.16 12.06
CA ALA C 324 -36.26 7.23 10.95
C ALA C 324 -35.16 6.21 11.25
N ALA C 325 -34.52 6.35 12.41
CA ALA C 325 -33.40 5.50 12.80
C ALA C 325 -33.62 3.99 12.63
N PRO C 326 -34.77 3.47 13.07
CA PRO C 326 -35.03 2.03 12.93
C PRO C 326 -35.28 1.57 11.49
N LEU C 327 -35.18 2.47 10.53
CA LEU C 327 -35.29 2.11 9.12
C LEU C 327 -33.90 1.92 8.46
N PHE C 328 -32.86 2.27 9.19
CA PHE C 328 -31.48 2.13 8.72
C PHE C 328 -30.68 1.11 9.53
N LEU D 5 5.98 1.90 -49.62
CA LEU D 5 4.85 1.75 -48.70
C LEU D 5 4.91 0.47 -47.88
N THR D 6 4.62 0.59 -46.59
CA THR D 6 4.67 -0.54 -45.65
C THR D 6 3.33 -1.26 -45.59
N PRO D 7 3.35 -2.56 -45.26
CA PRO D 7 2.10 -3.33 -45.20
C PRO D 7 1.13 -2.69 -44.21
N ALA D 8 1.69 -2.19 -43.11
CA ALA D 8 0.86 -1.57 -42.08
C ALA D 8 -0.04 -0.47 -42.63
N GLU D 9 0.40 0.19 -43.70
CA GLU D 9 -0.33 1.35 -44.22
C GLU D 9 -1.16 1.10 -45.49
N VAL D 10 -1.06 -0.09 -46.06
CA VAL D 10 -1.84 -0.40 -47.26
CA VAL D 10 -1.85 -0.39 -47.25
C VAL D 10 -2.82 -1.56 -47.06
N LEU D 11 -2.55 -2.39 -46.07
CA LEU D 11 -3.34 -3.61 -45.87
C LEU D 11 -4.50 -3.48 -44.89
N PHE D 12 -5.62 -4.13 -45.23
CA PHE D 12 -6.86 -4.11 -44.46
C PHE D 12 -6.69 -4.75 -43.07
N ASP D 13 -7.11 -4.04 -42.02
CA ASP D 13 -6.85 -4.44 -40.62
C ASP D 13 -5.36 -4.71 -40.34
N LEU D 21 -4.03 -14.86 -24.80
CA LEU D 21 -3.88 -15.51 -23.49
C LEU D 21 -2.94 -16.69 -23.59
N PRO D 22 -2.33 -17.10 -22.46
CA PRO D 22 -1.47 -18.29 -22.47
C PRO D 22 -2.21 -19.48 -23.06
N ALA D 23 -1.49 -20.34 -23.78
CA ALA D 23 -2.12 -21.36 -24.59
C ALA D 23 -2.63 -22.55 -23.79
N CYS D 24 -2.26 -22.64 -22.52
CA CYS D 24 -2.71 -23.74 -21.68
C CYS D 24 -3.38 -23.23 -20.42
N ASP D 25 -4.58 -23.73 -20.14
CA ASP D 25 -5.34 -23.39 -18.94
C ASP D 25 -5.41 -24.64 -18.06
N HIS D 26 -4.50 -24.75 -17.09
CA HIS D 26 -4.42 -25.93 -16.25
C HIS D 26 -5.35 -25.89 -15.04
N TYR D 27 -6.24 -26.88 -14.93
CA TYR D 27 -7.26 -26.91 -13.88
C TYR D 27 -6.83 -27.74 -12.66
N ALA D 28 -7.03 -27.18 -11.47
CA ALA D 28 -6.78 -27.89 -10.21
C ALA D 28 -7.91 -27.63 -9.21
N GLY D 29 -8.55 -28.69 -8.74
CA GLY D 29 -9.74 -28.56 -7.92
C GLY D 29 -9.58 -29.05 -6.50
N SER D 30 -8.36 -29.38 -6.12
CA SER D 30 -8.06 -29.74 -4.73
C SER D 30 -6.74 -29.11 -4.27
N GLU D 31 -6.62 -28.87 -2.97
CA GLU D 31 -5.46 -28.18 -2.43
C GLU D 31 -4.12 -28.76 -2.89
N LYS D 32 -3.98 -30.08 -2.80
CA LYS D 32 -2.74 -30.74 -3.18
C LYS D 32 -2.36 -30.40 -4.62
N LEU D 33 -3.34 -30.45 -5.50
CA LEU D 33 -3.13 -30.22 -6.93
C LEU D 33 -2.87 -28.74 -7.19
N LEU D 35 -1.48 -26.65 -5.14
CA LEU D 35 -0.14 -26.34 -4.66
C LEU D 35 0.94 -26.92 -5.57
N LYS D 36 0.73 -28.13 -6.06
CA LYS D 36 1.66 -28.73 -7.00
C LYS D 36 1.68 -27.99 -8.35
N SER D 37 0.51 -27.55 -8.80
CA SER D 37 0.42 -26.78 -10.04
C SER D 37 1.13 -25.44 -9.88
N LEU D 38 0.93 -24.80 -8.74
CA LEU D 38 1.52 -23.50 -8.51
C LEU D 38 3.04 -23.64 -8.47
N ALA D 39 3.52 -24.69 -7.82
CA ALA D 39 4.95 -24.98 -7.79
C ALA D 39 5.53 -25.23 -9.18
N LEU D 40 4.81 -25.97 -10.02
CA LEU D 40 5.29 -26.26 -11.37
CA LEU D 40 5.26 -26.26 -11.38
C LEU D 40 5.26 -25.01 -12.24
N GLN D 41 4.30 -24.12 -11.99
CA GLN D 41 4.23 -22.84 -12.71
C GLN D 41 5.45 -21.99 -12.38
N GLN D 42 5.90 -22.04 -11.13
CA GLN D 42 7.12 -21.35 -10.73
C GLN D 42 8.33 -21.92 -11.47
N GLN D 43 8.38 -23.24 -11.65
CA GLN D 43 9.48 -23.88 -12.36
C GLN D 43 9.49 -23.56 -13.86
N LEU D 44 8.37 -23.81 -14.52
CA LEU D 44 8.26 -23.59 -15.96
C LEU D 44 8.09 -22.11 -16.36
N GLY D 45 7.74 -21.25 -15.40
CA GLY D 45 7.31 -19.91 -15.73
C GLY D 45 5.88 -19.93 -16.23
N PRO D 46 5.32 -18.76 -16.54
CA PRO D 46 3.88 -18.68 -16.86
C PRO D 46 3.53 -19.05 -18.30
N VAL D 47 3.93 -20.25 -18.73
CA VAL D 47 3.56 -20.76 -20.05
C VAL D 47 2.14 -21.34 -20.01
N PHE D 48 1.62 -21.54 -18.80
CA PHE D 48 0.25 -21.97 -18.64
C PHE D 48 -0.39 -21.17 -17.54
N ASP D 49 -1.71 -21.00 -17.64
CA ASP D 49 -2.49 -20.43 -16.56
C ASP D 49 -2.91 -21.55 -15.64
N ILE D 50 -3.24 -21.19 -14.40
CA ILE D 50 -3.84 -22.14 -13.49
C ILE D 50 -5.23 -21.63 -13.15
N THR D 51 -6.22 -22.50 -13.22
CA THR D 51 -7.54 -22.19 -12.72
C THR D 51 -7.82 -23.00 -11.46
N LEU D 52 -7.99 -22.29 -10.35
CA LEU D 52 -8.34 -22.93 -9.09
C LEU D 52 -9.83 -23.18 -9.16
N ASP D 53 -10.22 -24.45 -9.12
CA ASP D 53 -11.59 -24.84 -9.48
C ASP D 53 -12.51 -25.08 -8.27
N CYS D 54 -13.66 -24.41 -8.25
CA CYS D 54 -14.67 -24.62 -7.22
C CYS D 54 -15.82 -25.52 -7.71
N GLU D 55 -15.91 -25.72 -9.02
CA GLU D 55 -17.03 -26.45 -9.60
C GLU D 55 -16.71 -27.94 -9.78
N ASP D 56 -16.82 -28.43 -11.02
CA ASP D 56 -16.78 -29.87 -11.30
C ASP D 56 -15.47 -30.58 -10.99
N GLY D 57 -14.40 -29.80 -10.86
CA GLY D 57 -13.08 -30.34 -10.51
C GLY D 57 -12.94 -30.60 -9.03
N ALA D 58 -13.92 -30.16 -8.26
CA ALA D 58 -13.90 -30.35 -6.81
C ALA D 58 -15.07 -31.20 -6.37
N GLN D 59 -14.90 -31.87 -5.23
CA GLN D 59 -16.01 -32.57 -4.60
C GLN D 59 -17.02 -31.56 -4.11
N VAL D 60 -18.24 -32.02 -3.83
CA VAL D 60 -19.30 -31.15 -3.32
C VAL D 60 -19.31 -31.13 -1.79
N GLY D 61 -19.98 -30.14 -1.20
CA GLY D 61 -20.22 -30.14 0.23
C GLY D 61 -19.36 -29.24 1.12
N ARG D 62 -18.24 -28.75 0.62
CA ARG D 62 -17.39 -27.89 1.44
C ARG D 62 -17.24 -26.54 0.79
N GLU D 63 -18.33 -26.06 0.18
CA GLU D 63 -18.30 -24.89 -0.72
C GLU D 63 -17.64 -23.63 -0.14
N ALA D 64 -17.98 -23.28 1.09
CA ALA D 64 -17.43 -22.09 1.73
C ALA D 64 -15.95 -22.27 2.04
N GLN D 65 -15.62 -23.39 2.66
CA GLN D 65 -14.23 -23.71 2.98
C GLN D 65 -13.37 -23.69 1.71
N HIS D 66 -13.90 -24.24 0.61
CA HIS D 66 -13.17 -24.37 -0.65
C HIS D 66 -12.84 -23.02 -1.30
N ALA D 67 -13.81 -22.11 -1.30
CA ALA D 67 -13.63 -20.78 -1.85
C ALA D 67 -12.56 -20.01 -1.07
N GLU D 68 -12.49 -20.27 0.24
CA GLU D 68 -11.49 -19.63 1.08
C GLU D 68 -10.11 -20.19 0.81
N LEU D 69 -10.02 -21.50 0.58
CA LEU D 69 -8.76 -22.13 0.17
C LEU D 69 -8.27 -21.45 -1.11
N VAL D 70 -9.16 -21.36 -2.08
CA VAL D 70 -8.87 -20.72 -3.35
C VAL D 70 -8.40 -19.27 -3.15
N ALA D 71 -9.16 -18.52 -2.36
CA ALA D 71 -8.82 -17.13 -2.10
C ALA D 71 -7.48 -16.98 -1.40
N SER D 72 -7.09 -17.97 -0.61
CA SER D 72 -5.85 -17.89 0.16
C SER D 72 -4.63 -18.06 -0.74
N LEU D 73 -4.83 -18.64 -1.92
CA LEU D 73 -3.73 -18.93 -2.82
C LEU D 73 -3.50 -17.80 -3.80
N LEU D 74 -4.57 -17.08 -4.15
CA LEU D 74 -4.46 -15.96 -5.08
C LEU D 74 -3.60 -14.83 -4.54
N GLY D 75 -2.53 -14.52 -5.26
CA GLY D 75 -1.65 -13.46 -4.85
C GLY D 75 -0.75 -13.83 -3.69
N SER D 76 -0.70 -15.11 -3.37
CA SER D 76 0.14 -15.57 -2.28
C SER D 76 1.56 -15.81 -2.77
N GLU D 77 2.39 -16.41 -1.92
CA GLU D 77 3.77 -16.73 -2.30
C GLU D 77 3.85 -17.73 -3.46
N HIS D 78 2.78 -18.51 -3.65
CA HIS D 78 2.76 -19.52 -4.69
C HIS D 78 2.35 -18.93 -6.05
N ASP D 79 1.58 -17.85 -6.00
CA ASP D 79 1.12 -17.16 -7.20
C ASP D 79 2.18 -16.15 -7.60
N ARG D 80 3.14 -16.60 -8.41
CA ARG D 80 4.30 -15.78 -8.70
C ARG D 80 4.10 -14.81 -9.84
N PHE D 81 3.14 -15.07 -10.72
CA PHE D 81 3.06 -14.29 -11.95
C PHE D 81 1.73 -13.57 -12.19
N GLY D 82 0.76 -13.84 -11.33
CA GLY D 82 -0.56 -13.25 -11.48
C GLY D 82 -1.38 -13.96 -12.55
N ARG D 83 -0.93 -15.14 -12.93
CA ARG D 83 -1.60 -15.91 -13.96
C ARG D 83 -2.31 -17.09 -13.33
N VAL D 84 -3.09 -16.81 -12.29
CA VAL D 84 -3.91 -17.80 -11.63
C VAL D 84 -5.36 -17.29 -11.56
N GLY D 85 -6.28 -17.99 -12.21
CA GLY D 85 -7.67 -17.59 -12.20
C GLY D 85 -8.49 -18.55 -11.39
N VAL D 86 -9.81 -18.45 -11.47
CA VAL D 86 -10.68 -19.39 -10.77
C VAL D 86 -11.92 -19.75 -11.60
N ARG D 87 -12.50 -20.91 -11.29
CA ARG D 87 -13.83 -21.24 -11.79
C ARG D 87 -14.78 -21.37 -10.62
N ILE D 88 -15.91 -20.66 -10.70
CA ILE D 88 -16.92 -20.67 -9.65
C ILE D 88 -18.14 -21.53 -10.03
N HIS D 89 -19.18 -21.48 -9.21
CA HIS D 89 -20.40 -22.26 -9.47
C HIS D 89 -21.30 -21.58 -10.49
N ASP D 90 -22.30 -22.31 -10.98
CA ASP D 90 -23.18 -21.79 -12.04
C ASP D 90 -24.28 -20.87 -11.51
N PHE D 91 -24.96 -20.18 -12.43
CA PHE D 91 -26.00 -19.21 -12.10
C PHE D 91 -27.18 -19.77 -11.31
N ASP D 92 -27.52 -21.02 -11.56
CA ASP D 92 -28.63 -21.66 -10.86
C ASP D 92 -28.16 -22.38 -9.59
N HIS D 93 -26.93 -22.08 -9.16
CA HIS D 93 -26.38 -22.65 -7.94
C HIS D 93 -26.50 -21.67 -6.79
N ALA D 94 -26.62 -22.19 -5.58
CA ALA D 94 -26.83 -21.37 -4.39
C ALA D 94 -25.59 -20.56 -3.98
N HIS D 95 -24.41 -21.09 -4.30
CA HIS D 95 -23.17 -20.53 -3.77
C HIS D 95 -22.39 -19.63 -4.74
N TRP D 96 -22.95 -19.29 -5.90
CA TRP D 96 -22.15 -18.56 -6.89
C TRP D 96 -21.81 -17.14 -6.49
N ARG D 97 -22.76 -16.43 -5.89
CA ARG D 97 -22.49 -15.10 -5.38
C ARG D 97 -21.53 -15.16 -4.17
N ASP D 98 -21.67 -16.21 -3.36
CA ASP D 98 -20.80 -16.41 -2.21
C ASP D 98 -19.37 -16.70 -2.65
N ASP D 99 -19.23 -17.38 -3.79
CA ASP D 99 -17.92 -17.65 -4.37
C ASP D 99 -17.25 -16.33 -4.71
N VAL D 100 -17.99 -15.46 -5.40
CA VAL D 100 -17.48 -14.16 -5.83
C VAL D 100 -17.08 -13.28 -4.63
N ARG D 101 -17.95 -13.21 -3.63
CA ARG D 101 -17.72 -12.38 -2.46
C ARG D 101 -16.56 -12.90 -1.61
N LEU D 102 -16.64 -14.16 -1.22
CA LEU D 102 -15.57 -14.77 -0.43
C LEU D 102 -14.22 -14.59 -1.10
N ILE D 103 -14.17 -14.87 -2.40
CA ILE D 103 -12.89 -14.86 -3.13
C ILE D 103 -12.33 -13.45 -3.35
N LEU D 104 -13.18 -12.54 -3.81
CA LEU D 104 -12.72 -11.18 -4.06
C LEU D 104 -12.33 -10.44 -2.78
N ARG D 105 -13.02 -10.75 -1.68
CA ARG D 105 -12.75 -10.14 -0.37
C ARG D 105 -11.42 -10.57 0.26
N ALA D 106 -11.07 -11.84 0.09
CA ALA D 106 -9.94 -12.42 0.81
C ALA D 106 -8.66 -12.59 -0.01
N ALA D 107 -8.78 -12.56 -1.34
CA ALA D 107 -7.60 -12.77 -2.19
C ALA D 107 -6.66 -11.56 -2.11
N LYS D 108 -5.40 -11.82 -1.76
CA LYS D 108 -4.40 -10.77 -1.69
C LYS D 108 -4.29 -10.02 -3.01
N ARG D 109 -4.44 -10.75 -4.11
CA ARG D 109 -4.62 -10.12 -5.41
C ARG D 109 -5.79 -10.78 -6.12
N ALA D 110 -6.50 -10.03 -6.93
CA ALA D 110 -7.69 -10.55 -7.61
C ALA D 110 -7.29 -11.66 -8.58
N PRO D 111 -8.23 -12.59 -8.84
CA PRO D 111 -7.96 -13.67 -9.80
C PRO D 111 -7.67 -13.12 -11.19
N ALA D 112 -6.85 -13.82 -11.96
CA ALA D 112 -6.51 -13.37 -13.31
C ALA D 112 -7.76 -13.33 -14.18
N TYR D 113 -8.74 -14.17 -13.84
CA TYR D 113 -10.02 -14.21 -14.53
C TYR D 113 -10.99 -15.03 -13.69
N ILE D 114 -12.28 -14.91 -13.97
CA ILE D 114 -13.27 -15.76 -13.34
C ILE D 114 -14.04 -16.51 -14.42
N THR D 115 -14.05 -17.83 -14.30
CA THR D 115 -14.69 -18.71 -15.27
C THR D 115 -16.10 -19.07 -14.82
N LEU D 116 -17.08 -18.81 -15.68
CA LEU D 116 -18.48 -19.07 -15.37
C LEU D 116 -19.00 -20.32 -16.10
N PRO D 117 -19.36 -21.36 -15.34
CA PRO D 117 -19.78 -22.62 -15.95
C PRO D 117 -21.26 -22.64 -16.24
N LYS D 118 -21.66 -23.46 -17.20
CA LYS D 118 -23.06 -23.80 -17.39
C LYS D 118 -24.03 -22.63 -17.65
N ILE D 119 -23.55 -21.60 -18.34
CA ILE D 119 -24.42 -20.54 -18.81
C ILE D 119 -25.54 -21.12 -19.65
N ARG D 120 -26.78 -20.78 -19.31
CA ARG D 120 -27.97 -21.22 -20.06
C ARG D 120 -28.50 -20.10 -20.94
N HIS D 121 -28.42 -18.88 -20.43
CA HIS D 121 -29.01 -17.72 -21.06
C HIS D 121 -28.03 -16.56 -21.06
N VAL D 122 -28.12 -15.71 -22.09
CA VAL D 122 -27.24 -14.57 -22.22
C VAL D 122 -27.37 -13.62 -21.03
N HIS D 123 -28.59 -13.44 -20.56
CA HIS D 123 -28.85 -12.56 -19.41
C HIS D 123 -28.22 -13.12 -18.14
N ASP D 124 -28.18 -14.45 -18.02
CA ASP D 124 -27.53 -15.10 -16.87
C ASP D 124 -26.07 -14.67 -16.79
N ALA D 125 -25.36 -14.74 -17.92
CA ALA D 125 -23.94 -14.40 -17.98
C ALA D 125 -23.70 -12.92 -17.69
N ALA D 126 -24.46 -12.07 -18.36
CA ALA D 126 -24.35 -10.63 -18.20
C ALA D 126 -24.56 -10.23 -16.74
N GLU D 127 -25.52 -10.89 -16.10
CA GLU D 127 -25.86 -10.61 -14.70
C GLU D 127 -24.70 -10.99 -13.79
N VAL D 129 -21.51 -11.30 -14.78
CA VAL D 129 -20.44 -10.37 -15.10
C VAL D 129 -20.62 -9.07 -14.33
N ALA D 130 -21.88 -8.64 -14.23
CA ALA D 130 -22.25 -7.39 -13.58
C ALA D 130 -22.04 -7.45 -12.07
N PHE D 131 -22.36 -8.59 -11.47
CA PHE D 131 -22.14 -8.78 -10.04
C PHE D 131 -20.65 -8.78 -9.70
N ILE D 132 -19.84 -9.36 -10.56
CA ILE D 132 -18.41 -9.38 -10.33
C ILE D 132 -17.87 -7.95 -10.37
N GLU D 133 -18.29 -7.19 -11.37
CA GLU D 133 -17.88 -5.79 -11.50
C GLU D 133 -18.28 -4.98 -10.27
N ALA D 134 -19.55 -5.10 -9.88
CA ALA D 134 -20.04 -4.41 -8.68
C ALA D 134 -19.22 -4.76 -7.44
N THR D 135 -18.99 -6.05 -7.21
CA THR D 135 -18.28 -6.50 -6.02
C THR D 135 -16.85 -5.99 -5.98
N ARG D 136 -16.18 -6.01 -7.13
CA ARG D 136 -14.79 -5.60 -7.11
C ARG D 136 -14.73 -4.09 -6.97
N ARG D 137 -15.74 -3.41 -7.51
CA ARG D 137 -15.81 -1.96 -7.42
C ARG D 137 -15.97 -1.50 -5.96
N GLU D 138 -16.87 -2.15 -5.23
CA GLU D 138 -17.06 -1.78 -3.82
C GLU D 138 -15.87 -2.17 -2.93
N LEU D 139 -15.17 -3.24 -3.28
CA LEU D 139 -14.00 -3.67 -2.52
C LEU D 139 -12.82 -2.77 -2.85
N GLY D 140 -13.04 -1.84 -3.77
CA GLY D 140 -12.00 -0.92 -4.16
C GLY D 140 -10.87 -1.58 -4.91
N ILE D 141 -11.16 -2.73 -5.51
CA ILE D 141 -10.21 -3.39 -6.41
C ILE D 141 -9.99 -2.51 -7.64
N ALA D 142 -8.72 -2.32 -8.00
CA ALA D 142 -8.31 -1.32 -9.00
C ALA D 142 -8.86 -1.52 -10.41
N GLN D 143 -8.60 -2.69 -10.99
CA GLN D 143 -9.07 -2.99 -12.34
C GLN D 143 -10.20 -4.03 -12.31
N PRO D 144 -10.98 -4.09 -13.40
CA PRO D 144 -12.02 -5.12 -13.53
C PRO D 144 -11.43 -6.53 -13.68
N VAL D 145 -12.20 -7.53 -13.26
CA VAL D 145 -11.77 -8.92 -13.38
C VAL D 145 -12.30 -9.50 -14.69
N PRO D 146 -11.40 -9.96 -15.56
CA PRO D 146 -11.85 -10.61 -16.80
C PRO D 146 -12.67 -11.87 -16.52
N VAL D 147 -13.66 -12.12 -17.37
CA VAL D 147 -14.52 -13.29 -17.24
C VAL D 147 -14.34 -14.19 -18.46
N GLN D 148 -14.34 -15.49 -18.23
CA GLN D 148 -14.38 -16.46 -19.32
C GLN D 148 -15.65 -17.29 -19.13
N LEU D 149 -16.37 -17.54 -20.22
CA LEU D 149 -17.62 -18.29 -20.17
C LEU D 149 -17.47 -19.69 -20.75
N LEU D 150 -18.04 -20.68 -20.07
CA LEU D 150 -18.19 -22.02 -20.62
C LEU D 150 -19.38 -22.04 -21.56
N VAL D 151 -19.17 -22.55 -22.77
CA VAL D 151 -20.29 -22.86 -23.66
C VAL D 151 -20.49 -24.37 -23.65
N GLU D 152 -21.45 -24.82 -22.85
CA GLU D 152 -21.63 -26.26 -22.63
C GLU D 152 -23.09 -26.67 -22.40
N THR D 153 -24.01 -25.79 -22.81
CA THR D 153 -25.44 -26.06 -22.76
C THR D 153 -26.02 -25.73 -24.10
N HIS D 154 -27.25 -26.19 -24.32
CA HIS D 154 -27.95 -25.83 -25.54
C HIS D 154 -28.18 -24.33 -25.65
N GLY D 155 -28.60 -23.72 -24.54
CA GLY D 155 -28.87 -22.30 -24.51
C GLY D 155 -27.67 -21.43 -24.86
N ALA D 156 -26.50 -21.82 -24.37
CA ALA D 156 -25.26 -21.08 -24.63
C ALA D 156 -24.79 -21.24 -26.07
N LEU D 157 -24.92 -22.44 -26.63
CA LEU D 157 -24.51 -22.68 -28.00
C LEU D 157 -25.38 -21.89 -28.97
N THR D 158 -26.69 -21.92 -28.74
CA THR D 158 -27.63 -21.23 -29.60
C THR D 158 -27.29 -19.73 -29.65
N ARG D 159 -27.01 -19.15 -28.49
CA ARG D 159 -26.74 -17.72 -28.40
C ARG D 159 -25.23 -17.45 -28.22
N VAL D 160 -24.41 -18.35 -28.75
CA VAL D 160 -22.97 -18.30 -28.57
C VAL D 160 -22.32 -17.04 -29.15
N PHE D 161 -22.87 -16.52 -30.24
CA PHE D 161 -22.38 -15.25 -30.78
C PHE D 161 -22.73 -14.07 -29.88
N ASP D 162 -23.89 -14.16 -29.23
CA ASP D 162 -24.31 -13.14 -28.26
C ASP D 162 -23.41 -13.20 -27.05
N LEU D 163 -22.97 -14.40 -26.68
CA LEU D 163 -22.01 -14.55 -25.59
C LEU D 163 -20.63 -13.98 -25.94
N ALA D 164 -20.13 -14.29 -27.13
CA ALA D 164 -18.83 -13.77 -27.56
C ALA D 164 -18.80 -12.26 -27.55
N ALA D 165 -19.95 -11.65 -27.83
CA ALA D 165 -20.04 -10.20 -27.94
C ALA D 165 -20.10 -9.48 -26.57
N LEU D 166 -20.26 -10.23 -25.48
CA LEU D 166 -20.41 -9.60 -24.18
C LEU D 166 -19.13 -8.83 -23.79
N PRO D 167 -19.30 -7.57 -23.34
CA PRO D 167 -18.14 -6.71 -23.03
CA PRO D 167 -18.20 -6.82 -22.72
C PRO D 167 -17.02 -7.24 -22.08
C PRO D 167 -17.92 -7.47 -21.38
N GLY D 168 -17.34 -7.82 -20.92
N GLY D 168 -16.64 -7.55 -21.05
CA GLY D 168 -16.33 -8.20 -19.93
CA GLY D 168 -16.24 -8.20 -19.82
C GLY D 168 -15.81 -9.63 -20.04
N VAL D 169 -16.07 -10.19 -21.21
CA VAL D 169 -15.73 -11.59 -21.49
C VAL D 169 -14.53 -11.67 -22.42
N GLU D 170 -13.48 -12.32 -21.95
CA GLU D 170 -12.23 -12.39 -22.72
C GLU D 170 -12.08 -13.67 -23.54
N ALA D 171 -12.79 -14.73 -23.14
CA ALA D 171 -12.68 -16.02 -23.81
C ALA D 171 -13.94 -16.88 -23.62
N LEU D 172 -14.21 -17.75 -24.59
CA LEU D 172 -15.22 -18.79 -24.44
C LEU D 172 -14.52 -20.15 -24.46
N SER D 173 -14.93 -21.03 -23.55
CA SER D 173 -14.41 -22.40 -23.49
C SER D 173 -15.50 -23.40 -23.83
N PHE D 174 -15.13 -24.45 -24.56
CA PHE D 174 -16.06 -25.53 -24.84
C PHE D 174 -16.07 -26.54 -23.68
N GLY D 175 -17.27 -26.88 -23.22
CA GLY D 175 -17.45 -27.93 -22.24
C GLY D 175 -17.94 -29.20 -22.92
N LEU D 176 -17.00 -30.05 -23.34
CA LEU D 176 -17.30 -31.23 -24.15
C LEU D 176 -18.20 -32.25 -23.44
N ASP D 178 -20.10 -31.89 -20.64
CA ASP D 178 -21.41 -31.34 -20.35
C ASP D 178 -22.26 -31.21 -21.62
N PHE D 179 -21.62 -30.89 -22.75
CA PHE D 179 -22.33 -30.73 -24.03
C PHE D 179 -22.88 -32.06 -24.54
N VAL D 180 -22.05 -33.10 -24.48
CA VAL D 180 -22.47 -34.45 -24.83
C VAL D 180 -23.58 -34.93 -23.90
N SER D 181 -23.38 -34.77 -22.59
CA SER D 181 -24.38 -35.17 -21.57
C SER D 181 -25.71 -34.42 -21.75
N ALA D 182 -25.64 -33.20 -22.25
CA ALA D 182 -26.80 -32.36 -22.50
C ALA D 182 -27.73 -32.95 -23.58
N HIS D 183 -27.23 -33.88 -24.38
CA HIS D 183 -28.08 -34.53 -25.38
C HIS D 183 -28.73 -35.81 -24.86
N ASP D 184 -28.58 -36.06 -23.57
CA ASP D 184 -29.31 -37.14 -22.90
C ASP D 184 -29.13 -38.51 -23.56
N GLY D 185 -27.93 -38.80 -24.05
CA GLY D 185 -27.66 -40.09 -24.64
C GLY D 185 -27.78 -40.16 -26.15
N ALA D 186 -28.36 -39.14 -26.77
CA ALA D 186 -28.45 -39.07 -28.23
C ALA D 186 -27.08 -39.00 -28.90
N ILE D 187 -26.11 -38.38 -28.23
CA ILE D 187 -24.71 -38.44 -28.66
C ILE D 187 -23.97 -39.46 -27.80
N PRO D 188 -23.37 -40.49 -28.45
CA PRO D 188 -22.67 -41.54 -27.72
C PRO D 188 -21.54 -40.97 -26.86
N ASP D 189 -21.18 -41.67 -25.78
CA ASP D 189 -20.08 -41.21 -24.91
C ASP D 189 -18.72 -41.29 -25.62
N THR D 190 -18.69 -41.94 -26.77
CA THR D 190 -17.49 -42.01 -27.60
C THR D 190 -17.12 -40.63 -28.16
N ALA D 191 -18.07 -39.71 -28.13
CA ALA D 191 -17.85 -38.33 -28.58
C ALA D 191 -17.12 -37.54 -27.51
N ARG D 193 -14.41 -38.84 -26.25
CA ARG D 193 -13.04 -39.31 -26.49
C ARG D 193 -12.64 -38.88 -27.89
N SER D 194 -11.35 -38.93 -28.18
CA SER D 194 -10.89 -38.73 -29.53
C SER D 194 -10.91 -40.07 -30.24
N PRO D 195 -11.21 -40.08 -31.56
CA PRO D 195 -11.44 -38.91 -32.42
C PRO D 195 -12.89 -38.41 -32.43
N GLY D 196 -13.78 -39.14 -31.76
CA GLY D 196 -15.18 -38.78 -31.77
C GLY D 196 -15.44 -37.33 -31.41
N GLN D 197 -14.64 -36.78 -30.51
CA GLN D 197 -14.82 -35.40 -30.08
C GLN D 197 -14.50 -34.37 -31.16
N PHE D 198 -13.91 -34.83 -32.27
CA PHE D 198 -13.63 -33.98 -33.42
C PHE D 198 -14.47 -34.38 -34.63
N ASP D 199 -14.84 -35.66 -34.69
CA ASP D 199 -15.47 -36.23 -35.88
C ASP D 199 -16.99 -36.39 -35.76
N HIS D 200 -17.51 -36.57 -34.55
CA HIS D 200 -18.95 -36.56 -34.36
C HIS D 200 -19.54 -35.23 -34.81
N PRO D 201 -20.40 -35.27 -35.85
CA PRO D 201 -20.95 -34.11 -36.53
C PRO D 201 -21.54 -33.03 -35.59
N LEU D 202 -22.22 -33.41 -34.51
CA LEU D 202 -22.86 -32.42 -33.65
C LEU D 202 -21.85 -31.75 -32.73
N VAL D 203 -20.82 -32.50 -32.33
CA VAL D 203 -19.77 -31.95 -31.49
C VAL D 203 -18.83 -31.08 -32.32
N ARG D 204 -18.51 -31.56 -33.51
CA ARG D 204 -17.72 -30.78 -34.46
C ARG D 204 -18.41 -29.45 -34.77
N ARG D 205 -19.72 -29.52 -35.00
CA ARG D 205 -20.53 -28.34 -35.26
C ARG D 205 -20.49 -27.35 -34.10
N ALA D 206 -20.67 -27.83 -32.88
CA ALA D 206 -20.62 -26.94 -31.72
C ALA D 206 -19.25 -26.26 -31.57
N LYS D 207 -18.17 -27.03 -31.75
CA LYS D 207 -16.81 -26.49 -31.60
C LYS D 207 -16.51 -25.39 -32.61
N LEU D 208 -17.03 -25.54 -33.83
CA LEU D 208 -16.82 -24.55 -34.88
C LEU D 208 -17.64 -23.26 -34.66
N GLU D 209 -18.82 -23.40 -34.08
CA GLU D 209 -19.64 -22.24 -33.75
C GLU D 209 -18.94 -21.37 -32.72
N ILE D 210 -18.47 -22.00 -31.66
CA ILE D 210 -17.78 -21.32 -30.59
C ILE D 210 -16.55 -20.61 -31.15
N SER D 211 -15.77 -21.33 -31.95
CA SER D 211 -14.58 -20.77 -32.55
C SER D 211 -14.89 -19.57 -33.45
N ALA D 212 -15.86 -19.72 -34.35
CA ALA D 212 -16.22 -18.64 -35.28
C ALA D 212 -16.70 -17.40 -34.54
N ALA D 213 -17.42 -17.63 -33.45
CA ALA D 213 -17.97 -16.54 -32.63
C ALA D 213 -16.86 -15.78 -31.93
N CYS D 214 -15.93 -16.51 -31.33
CA CYS D 214 -14.77 -15.90 -30.69
C CYS D 214 -13.95 -15.06 -31.68
N HIS D 215 -13.66 -15.61 -32.86
CA HIS D 215 -12.85 -14.87 -33.82
C HIS D 215 -13.58 -13.64 -34.30
N ALA D 216 -14.90 -13.76 -34.46
CA ALA D 216 -15.73 -12.64 -34.90
C ALA D 216 -15.69 -11.46 -33.95
N TYR D 217 -15.46 -11.73 -32.65
CA TYR D 217 -15.49 -10.68 -31.63
C TYR D 217 -14.17 -10.50 -30.88
N GLY D 218 -13.08 -10.97 -31.47
CA GLY D 218 -11.77 -10.85 -30.86
C GLY D 218 -11.60 -11.48 -29.48
N LYS D 219 -12.30 -12.59 -29.22
CA LYS D 219 -12.15 -13.30 -27.95
C LYS D 219 -11.28 -14.54 -28.13
N VAL D 220 -10.76 -15.10 -27.05
CA VAL D 220 -9.99 -16.34 -27.14
C VAL D 220 -10.87 -17.59 -27.12
N PRO D 221 -10.78 -18.43 -28.17
CA PRO D 221 -11.47 -19.72 -28.14
C PRO D 221 -10.62 -20.71 -27.37
N SER D 222 -11.16 -21.26 -26.30
CA SER D 222 -10.43 -22.18 -25.46
C SER D 222 -10.99 -23.59 -25.57
N HIS D 223 -10.13 -24.56 -25.91
CA HIS D 223 -10.55 -25.94 -26.14
C HIS D 223 -10.68 -26.75 -24.85
N ASN D 224 -11.64 -27.67 -24.82
CA ASN D 224 -11.81 -28.58 -23.69
C ASN D 224 -10.61 -29.47 -23.44
N VAL D 225 -10.48 -29.96 -22.21
CA VAL D 225 -9.39 -30.87 -21.86
C VAL D 225 -9.48 -32.19 -22.62
N SER D 226 -8.35 -32.86 -22.70
CA SER D 226 -8.32 -34.26 -23.05
C SER D 226 -8.47 -35.02 -21.73
N THR D 227 -9.45 -35.91 -21.65
CA THR D 227 -9.64 -36.70 -20.44
C THR D 227 -8.71 -37.91 -20.36
N GLU D 228 -7.94 -38.11 -21.44
CA GLU D 228 -6.93 -39.15 -21.51
C GLU D 228 -5.76 -38.77 -20.60
N VAL D 229 -5.53 -39.54 -19.54
CA VAL D 229 -4.45 -39.18 -18.61
C VAL D 229 -3.24 -40.10 -18.67
N ARG D 230 -3.19 -41.01 -19.65
CA ARG D 230 -2.03 -41.88 -19.84
C ARG D 230 -1.26 -41.54 -21.12
N ASP D 231 -1.94 -41.62 -22.26
CA ASP D 231 -1.30 -41.39 -23.56
C ASP D 231 -1.22 -39.93 -23.91
N SER D 233 0.53 -38.75 -26.20
CA SER D 233 0.50 -38.73 -27.66
C SER D 233 -0.89 -38.32 -28.17
N VAL D 234 -1.92 -38.83 -27.50
CA VAL D 234 -3.29 -38.48 -27.83
C VAL D 234 -3.55 -37.01 -27.52
N VAL D 235 -3.15 -36.60 -26.32
CA VAL D 235 -3.32 -35.21 -25.87
C VAL D 235 -2.65 -34.23 -26.83
N ALA D 236 -1.45 -34.57 -27.31
CA ALA D 236 -0.70 -33.69 -28.20
C ALA D 236 -1.40 -33.59 -29.55
N ASN D 237 -2.03 -34.67 -29.97
CA ASN D 237 -2.74 -34.68 -31.23
C ASN D 237 -4.05 -33.90 -31.16
N ASP D 238 -4.73 -34.01 -30.02
CA ASP D 238 -5.93 -33.23 -29.75
C ASP D 238 -5.64 -31.74 -29.90
N ALA D 239 -4.54 -31.32 -29.29
CA ALA D 239 -4.16 -29.93 -29.25
C ALA D 239 -3.85 -29.42 -30.67
N ALA D 240 -3.31 -30.31 -31.50
CA ALA D 240 -2.96 -30.00 -32.89
C ALA D 240 -4.19 -29.83 -33.77
N ARG D 241 -5.20 -30.65 -33.53
CA ARG D 241 -6.45 -30.58 -34.29
C ARG D 241 -7.26 -29.36 -33.84
N ALA D 242 -7.27 -29.12 -32.54
CA ALA D 242 -7.93 -27.94 -31.98
C ALA D 242 -7.36 -26.69 -32.60
N ARG D 243 -6.03 -26.65 -32.70
CA ARG D 243 -5.34 -25.51 -33.29
C ARG D 243 -5.52 -25.40 -34.81
N ASN D 244 -5.15 -26.46 -35.51
CA ASN D 244 -4.96 -26.39 -36.96
C ASN D 244 -6.21 -26.66 -37.80
N GLU D 245 -7.21 -27.31 -37.21
CA GLU D 245 -8.47 -27.57 -37.90
C GLU D 245 -9.61 -26.71 -37.36
N PHE D 246 -9.61 -26.45 -36.05
CA PHE D 246 -10.73 -25.80 -35.38
C PHE D 246 -10.50 -24.35 -34.97
N GLY D 247 -9.25 -23.89 -35.08
CA GLY D 247 -8.94 -22.48 -34.82
C GLY D 247 -8.97 -22.04 -33.37
N TYR D 248 -8.81 -22.97 -32.44
CA TYR D 248 -8.64 -22.64 -31.05
C TYR D 248 -7.22 -22.14 -30.79
N THR D 249 -7.07 -21.23 -29.83
CA THR D 249 -5.77 -20.66 -29.52
C THR D 249 -5.35 -20.94 -28.07
N ARG D 250 -6.12 -21.79 -27.39
CA ARG D 250 -5.88 -22.13 -25.99
C ARG D 250 -6.54 -23.46 -25.72
N TRP D 252 -7.47 -26.36 -22.34
CA TRP D 252 -7.44 -26.77 -20.94
C TRP D 252 -6.53 -27.98 -20.72
N SER D 253 -5.95 -28.05 -19.52
CA SER D 253 -5.14 -29.16 -19.08
C SER D 253 -5.70 -29.66 -17.75
N ILE D 254 -5.65 -30.97 -17.53
CA ILE D 254 -6.22 -31.56 -16.32
C ILE D 254 -5.18 -32.42 -15.55
N HIS D 255 -3.97 -32.47 -16.11
CA HIS D 255 -2.87 -33.27 -15.58
C HIS D 255 -1.56 -32.60 -16.02
N PRO D 256 -0.60 -32.45 -15.10
CA PRO D 256 0.61 -31.66 -15.38
C PRO D 256 1.42 -32.20 -16.55
N ALA D 257 1.19 -33.45 -16.90
CA ALA D 257 1.89 -34.09 -18.02
C ALA D 257 1.30 -33.70 -19.36
N GLN D 258 0.10 -33.12 -19.32
CA GLN D 258 -0.57 -32.62 -20.52
C GLN D 258 -0.04 -31.25 -20.91
N ILE D 259 0.45 -30.54 -19.90
CA ILE D 259 0.80 -29.14 -20.04
C ILE D 259 1.86 -28.92 -21.10
N GLU D 260 2.89 -29.75 -21.10
CA GLU D 260 3.98 -29.59 -22.05
C GLU D 260 3.52 -29.88 -23.47
N ALA D 261 2.67 -30.90 -23.62
CA ALA D 261 2.17 -31.31 -24.93
C ALA D 261 1.31 -30.21 -25.54
N ILE D 262 0.49 -29.60 -24.71
CA ILE D 262 -0.40 -28.53 -25.16
C ILE D 262 0.37 -27.26 -25.52
N VAL D 263 1.28 -26.85 -24.65
CA VAL D 263 2.07 -25.65 -24.90
C VAL D 263 2.89 -25.78 -26.18
N ALA D 264 3.50 -26.94 -26.38
CA ALA D 264 4.24 -27.24 -27.60
C ALA D 264 3.36 -27.17 -28.85
N ALA D 265 2.14 -27.72 -28.77
CA ALA D 265 1.24 -27.75 -29.91
C ALA D 265 0.87 -26.34 -30.37
N PHE D 266 0.92 -25.39 -29.44
CA PHE D 266 0.51 -24.03 -29.73
C PHE D 266 1.69 -23.11 -29.95
N ALA D 267 2.89 -23.67 -29.89
CA ALA D 267 4.11 -22.91 -30.17
C ALA D 267 4.08 -22.31 -31.59
N PRO D 268 4.76 -21.18 -31.78
CA PRO D 268 4.82 -20.53 -33.10
C PRO D 268 5.57 -21.37 -34.13
N ARG D 269 5.08 -21.37 -35.37
CA ARG D 269 5.79 -22.00 -36.47
C ARG D 269 6.75 -20.98 -37.10
N ASP D 270 8.03 -21.07 -36.75
CA ASP D 270 9.02 -20.14 -37.28
C ASP D 270 9.25 -20.31 -38.77
N GLU D 271 8.84 -21.46 -39.29
CA GLU D 271 8.94 -21.75 -40.72
C GLU D 271 8.17 -20.73 -41.57
N GLU D 272 7.22 -20.04 -40.94
CA GLU D 272 6.31 -19.13 -41.63
C GLU D 272 6.95 -17.78 -41.95
N ILE D 273 7.98 -17.42 -41.18
CA ILE D 273 8.56 -16.08 -41.19
C ILE D 273 9.31 -15.74 -42.49
N THR D 274 10.15 -16.66 -42.96
CA THR D 274 10.87 -16.40 -44.20
C THR D 274 9.92 -16.33 -45.40
N THR D 275 8.92 -17.20 -45.41
CA THR D 275 7.92 -17.20 -46.48
C THR D 275 7.18 -15.87 -46.53
N ALA D 276 6.76 -15.39 -45.36
CA ALA D 276 6.06 -14.11 -45.23
C ALA D 276 6.92 -12.93 -45.68
N THR D 277 8.18 -12.95 -45.29
CA THR D 277 9.14 -11.92 -45.68
C THR D 277 9.28 -11.85 -47.20
N GLU D 278 9.56 -13.01 -47.82
CA GLU D 278 9.72 -13.11 -49.27
C GLU D 278 8.49 -12.59 -50.03
N ILE D 279 7.32 -13.10 -49.67
CA ILE D 279 6.08 -12.71 -50.32
C ILE D 279 5.82 -11.20 -50.20
N LEU D 280 6.00 -10.68 -48.98
CA LEU D 280 5.70 -9.28 -48.70
C LEU D 280 6.67 -8.31 -49.36
N LEU D 281 7.96 -8.65 -49.34
CA LEU D 281 8.95 -7.82 -50.00
C LEU D 281 8.65 -7.70 -51.49
N ALA D 282 8.25 -8.81 -52.10
CA ALA D 282 7.87 -8.82 -53.51
C ALA D 282 6.59 -8.01 -53.74
N ALA D 283 5.63 -8.15 -52.84
CA ALA D 283 4.39 -7.40 -52.92
C ALA D 283 4.69 -5.91 -52.91
N GLN D 284 5.53 -5.50 -51.95
CA GLN D 284 5.96 -4.13 -51.80
C GLN D 284 6.50 -3.54 -53.13
N SER D 285 7.30 -4.33 -53.85
CA SER D 285 7.92 -3.89 -55.10
C SER D 285 6.93 -3.78 -56.23
N ALA D 286 5.83 -4.50 -56.11
CA ALA D 286 4.79 -4.47 -57.13
C ALA D 286 3.76 -3.42 -56.77
N GLN D 287 4.11 -2.55 -55.83
CA GLN D 287 3.19 -1.53 -55.33
C GLN D 287 1.91 -2.19 -54.83
N TRP D 288 2.10 -3.31 -54.14
CA TRP D 288 1.00 -3.98 -53.45
C TRP D 288 -0.13 -4.38 -54.41
N GLY D 289 0.21 -4.43 -55.69
CA GLY D 289 -0.64 -5.10 -56.66
C GLY D 289 -0.42 -6.59 -56.53
N PRO D 290 -1.18 -7.38 -57.29
CA PRO D 290 -1.04 -8.84 -57.23
C PRO D 290 0.35 -9.31 -57.66
N THR D 291 0.80 -10.43 -57.10
CA THR D 291 2.06 -11.05 -57.49
C THR D 291 1.92 -12.55 -57.69
N ARG D 292 2.93 -13.15 -58.30
CA ARG D 292 3.04 -14.58 -58.43
C ARG D 292 4.18 -15.08 -57.54
N TYR D 293 3.90 -16.11 -56.74
CA TYR D 293 4.89 -16.72 -55.88
C TYR D 293 4.72 -18.23 -56.00
N HIS D 294 5.71 -18.96 -56.50
N HIS D 294 5.83 -18.84 -56.44
CA HIS D 294 5.56 -20.44 -56.53
CA HIS D 294 5.83 -20.19 -56.96
C HIS D 294 4.23 -20.97 -57.14
C HIS D 294 4.88 -20.20 -58.14
N ASP D 295 3.97 -20.66 -58.41
N ASP D 295 3.78 -20.94 -57.99
CA ASP D 295 2.74 -21.07 -59.12
CA ASP D 295 2.78 -21.10 -59.04
C ASP D 295 1.43 -20.59 -58.50
N THR D 296 1.49 -19.76 -57.47
CA THR D 296 0.32 -19.30 -56.76
C THR D 296 0.15 -17.79 -56.89
N LEU D 297 -1.08 -17.35 -57.16
CA LEU D 297 -1.36 -15.90 -57.17
C LEU D 297 -1.59 -15.35 -55.78
N HIS D 298 -0.94 -14.22 -55.49
CA HIS D 298 -1.15 -13.49 -54.24
C HIS D 298 -1.57 -12.05 -54.52
N ASP D 299 -2.37 -11.51 -53.62
CA ASP D 299 -2.74 -10.09 -53.63
C ASP D 299 -2.93 -9.64 -52.19
N ARG D 300 -3.44 -8.43 -51.98
CA ARG D 300 -3.52 -7.86 -50.64
C ARG D 300 -4.30 -8.71 -49.62
N ALA D 301 -5.22 -9.56 -50.12
CA ALA D 301 -6.02 -10.47 -49.27
C ALA D 301 -5.19 -11.57 -48.60
N SER D 302 -4.14 -12.03 -49.28
CA SER D 302 -3.24 -13.02 -48.68
C SER D 302 -2.03 -12.34 -48.01
N TYR D 303 -1.60 -11.20 -48.56
CA TYR D 303 -0.53 -10.41 -47.93
C TYR D 303 -0.87 -10.18 -46.45
N ARG D 304 -2.14 -9.91 -46.17
CA ARG D 304 -2.60 -9.67 -44.81
C ARG D 304 -2.14 -10.78 -43.88
N TYR D 305 -2.36 -12.01 -44.32
CA TYR D 305 -1.96 -13.19 -43.55
C TYR D 305 -0.47 -13.15 -43.17
N TYR D 306 0.37 -12.86 -44.16
CA TYR D 306 1.83 -12.92 -43.99
C TYR D 306 2.36 -11.74 -43.19
N TRP D 307 1.63 -10.63 -43.25
CA TRP D 307 1.94 -9.47 -42.42
C TRP D 307 1.57 -9.77 -40.97
N SER D 308 0.41 -10.39 -40.79
CA SER D 308 -0.01 -10.86 -39.47
C SER D 308 1.06 -11.75 -38.85
N VAL D 309 1.62 -12.65 -39.67
CA VAL D 309 2.67 -13.57 -39.26
C VAL D 309 3.95 -12.85 -38.83
N LEU D 310 4.39 -11.87 -39.63
CA LEU D 310 5.59 -11.08 -39.33
C LEU D 310 5.40 -10.18 -38.12
N ARG D 311 4.25 -9.54 -38.05
CA ARG D 311 3.90 -8.66 -36.95
C ARG D 311 3.92 -9.39 -35.60
N ARG D 312 3.33 -10.59 -35.55
CA ARG D 312 3.33 -11.41 -34.34
C ARG D 312 4.74 -11.89 -33.97
N ALA D 313 5.55 -12.18 -34.97
CA ALA D 313 6.91 -12.68 -34.75
C ALA D 313 7.80 -11.61 -34.14
N GLN D 314 7.73 -10.40 -34.68
CA GLN D 314 8.57 -9.30 -34.22
C GLN D 314 8.11 -8.82 -32.84
N ALA D 315 6.81 -8.69 -32.67
CA ALA D 315 6.22 -8.36 -31.38
C ALA D 315 6.68 -9.34 -30.28
N THR D 316 6.43 -10.62 -30.49
CA THR D 316 6.83 -11.67 -29.52
C THR D 316 8.35 -11.94 -29.49
N GLY D 317 9.14 -10.97 -29.95
CA GLY D 317 10.59 -11.07 -29.92
C GLY D 317 11.16 -12.31 -30.57
N ARG D 318 10.54 -12.74 -31.67
CA ARG D 318 11.05 -13.87 -32.43
C ARG D 318 11.93 -13.37 -33.57
N ALA D 319 12.80 -14.23 -34.07
CA ALA D 319 13.82 -13.82 -35.04
C ALA D 319 13.22 -13.47 -36.39
N VAL D 320 13.31 -12.19 -36.75
CA VAL D 320 12.85 -11.71 -38.05
C VAL D 320 14.06 -11.34 -38.92
N PRO D 321 14.08 -11.81 -40.18
CA PRO D 321 15.19 -11.56 -41.10
C PRO D 321 15.48 -10.09 -41.32
N GLN D 322 16.75 -9.73 -41.42
CA GLN D 322 17.19 -8.35 -41.64
C GLN D 322 16.56 -7.80 -42.92
N ASP D 323 16.32 -8.70 -43.88
CA ASP D 323 15.69 -8.36 -45.14
C ASP D 323 14.30 -7.73 -44.99
N ALA D 324 13.67 -7.99 -43.86
CA ALA D 324 12.29 -7.56 -43.64
C ALA D 324 12.19 -6.12 -43.18
N ALA D 325 13.33 -5.49 -42.96
CA ALA D 325 13.39 -4.14 -42.39
C ALA D 325 12.49 -3.09 -43.08
N PRO D 326 12.50 -3.06 -44.43
CA PRO D 326 11.66 -2.08 -45.12
C PRO D 326 10.16 -2.36 -45.03
N LEU D 327 9.77 -3.39 -44.29
CA LEU D 327 8.34 -3.68 -44.07
C LEU D 327 7.87 -3.10 -42.74
N PHE D 328 8.82 -2.62 -41.93
CA PHE D 328 8.50 -2.02 -40.63
C PHE D 328 8.79 -0.52 -40.62
N ARG E 3 7.69 54.90 -34.88
CA ARG E 3 7.05 55.78 -33.90
C ARG E 3 5.74 55.20 -33.35
N ALA E 4 5.49 53.92 -33.59
CA ALA E 4 4.34 53.24 -32.99
C ALA E 4 4.82 52.12 -32.06
N LEU E 5 6.11 52.13 -31.75
CA LEU E 5 6.72 51.14 -30.85
C LEU E 5 5.99 51.10 -29.51
N THR E 6 5.75 49.91 -29.00
CA THR E 6 5.00 49.73 -27.75
C THR E 6 5.97 49.69 -26.57
N PRO E 7 5.48 50.05 -25.38
CA PRO E 7 6.36 50.07 -24.20
C PRO E 7 6.96 48.70 -23.95
N ALA E 8 6.17 47.67 -24.18
CA ALA E 8 6.61 46.30 -23.99
C ALA E 8 7.90 45.98 -24.75
N GLU E 9 8.13 46.64 -25.88
CA GLU E 9 9.27 46.31 -26.72
C GLU E 9 10.42 47.30 -26.62
N VAL E 10 10.27 48.38 -25.86
CA VAL E 10 11.36 49.36 -25.76
C VAL E 10 11.87 49.51 -24.32
N LEU E 11 11.05 49.13 -23.35
CA LEU E 11 11.34 49.41 -21.94
C LEU E 11 11.98 48.24 -21.20
N PHE E 12 12.93 48.58 -20.33
CA PHE E 12 13.69 47.63 -19.52
C PHE E 12 12.79 46.83 -18.56
N ASP E 13 12.92 45.50 -18.57
CA ASP E 13 12.01 44.61 -17.82
C ASP E 13 10.52 44.85 -18.10
N LEU E 21 0.37 37.28 -4.56
CA LEU E 21 -0.45 36.59 -3.56
C LEU E 21 -1.54 37.52 -3.01
N PRO E 22 -2.67 36.94 -2.52
CA PRO E 22 -3.70 37.76 -1.84
C PRO E 22 -3.10 38.66 -0.76
N ALA E 23 -3.67 39.85 -0.61
CA ALA E 23 -3.04 40.89 0.20
C ALA E 23 -3.21 40.69 1.71
N CYS E 24 -4.06 39.73 2.09
CA CYS E 24 -4.30 39.47 3.50
C CYS E 24 -4.08 38.00 3.81
N ASP E 25 -3.28 37.73 4.84
CA ASP E 25 -3.02 36.38 5.32
C ASP E 25 -3.63 36.24 6.71
N HIS E 26 -4.87 35.73 6.77
CA HIS E 26 -5.60 35.63 8.04
C HIS E 26 -5.27 34.36 8.85
N TYR E 27 -4.78 34.56 10.07
CA TYR E 27 -4.35 33.45 10.93
C TYR E 27 -5.43 32.96 11.90
N ALA E 28 -5.57 31.64 11.97
CA ALA E 28 -6.52 31.00 12.90
C ALA E 28 -5.89 29.76 13.53
N GLY E 29 -5.77 29.76 14.85
CA GLY E 29 -5.04 28.71 15.54
C GLY E 29 -5.90 27.79 16.39
N SER E 30 -7.22 27.91 16.29
CA SER E 30 -8.14 27.01 16.99
C SER E 30 -9.32 26.65 16.09
N GLU E 31 -9.93 25.49 16.35
CA GLU E 31 -11.00 24.98 15.49
C GLU E 31 -12.14 25.96 15.26
N LYS E 32 -12.60 26.59 16.32
CA LYS E 32 -13.71 27.54 16.22
C LYS E 32 -13.37 28.67 15.25
N LEU E 33 -12.15 29.20 15.38
CA LEU E 33 -11.68 30.31 14.54
C LEU E 33 -11.42 29.89 13.10
N LEU E 35 -12.96 27.46 11.54
CA LEU E 35 -14.26 27.22 10.92
C LEU E 35 -14.97 28.54 10.59
N LYS E 36 -14.90 29.49 11.50
CA LYS E 36 -15.49 30.81 11.25
C LYS E 36 -14.75 31.57 10.14
N SER E 37 -13.42 31.46 10.13
CA SER E 37 -12.61 32.06 9.07
C SER E 37 -12.95 31.47 7.72
N LEU E 38 -13.07 30.14 7.67
CA LEU E 38 -13.40 29.43 6.43
C LEU E 38 -14.78 29.85 5.95
N ALA E 39 -15.74 29.95 6.87
CA ALA E 39 -17.08 30.43 6.53
C ALA E 39 -17.09 31.86 5.98
N LEU E 40 -16.29 32.73 6.59
CA LEU E 40 -16.17 34.12 6.15
C LEU E 40 -15.51 34.23 4.78
N GLN E 41 -14.54 33.37 4.52
CA GLN E 41 -13.87 33.33 3.20
C GLN E 41 -14.88 32.93 2.12
N GLN E 42 -15.81 32.04 2.46
CA GLN E 42 -16.84 31.63 1.52
C GLN E 42 -17.74 32.82 1.19
N GLN E 43 -18.02 33.63 2.21
CA GLN E 43 -18.84 34.83 2.03
C GLN E 43 -18.15 35.89 1.19
N LEU E 44 -16.96 36.29 1.62
CA LEU E 44 -16.21 37.37 0.94
C LEU E 44 -15.52 36.92 -0.35
N GLY E 45 -15.42 35.61 -0.56
CA GLY E 45 -14.57 35.08 -1.62
C GLY E 45 -13.11 35.17 -1.19
N PRO E 46 -12.20 34.72 -2.06
CA PRO E 46 -10.78 34.59 -1.66
C PRO E 46 -9.99 35.91 -1.73
N VAL E 47 -10.48 36.95 -1.08
CA VAL E 47 -9.74 38.21 -0.97
C VAL E 47 -8.64 38.14 0.10
N PHE E 48 -8.73 37.11 0.94
CA PHE E 48 -7.71 36.81 1.92
C PHE E 48 -7.37 35.32 1.92
N ASP E 49 -6.12 35.01 2.28
CA ASP E 49 -5.74 33.64 2.57
C ASP E 49 -6.05 33.33 4.02
N ILE E 50 -6.18 32.04 4.33
CA ILE E 50 -6.29 31.61 5.72
C ILE E 50 -5.10 30.71 6.02
N THR E 51 -4.44 30.97 7.14
CA THR E 51 -3.39 30.07 7.59
C THR E 51 -3.91 29.35 8.82
N LEU E 52 -4.05 28.03 8.71
CA LEU E 52 -4.38 27.21 9.85
C LEU E 52 -3.10 27.02 10.64
N ASP E 53 -3.08 27.53 11.87
CA ASP E 53 -1.86 27.67 12.63
C ASP E 53 -1.62 26.56 13.64
N CYS E 54 -0.45 25.95 13.61
CA CYS E 54 -0.04 24.94 14.58
C CYS E 54 0.93 25.49 15.63
N GLU E 55 1.52 26.64 15.35
CA GLU E 55 2.54 27.21 16.21
C GLU E 55 1.97 28.20 17.24
N ASP E 56 2.45 29.43 17.22
CA ASP E 56 2.17 30.39 18.29
C ASP E 56 0.69 30.80 18.43
N GLY E 57 -0.09 30.59 17.36
CA GLY E 57 -1.51 30.90 17.41
C GLY E 57 -2.32 29.83 18.11
N ALA E 58 -1.65 28.72 18.44
CA ALA E 58 -2.31 27.62 19.14
C ALA E 58 -1.68 27.38 20.50
N GLN E 59 -2.47 26.82 21.42
CA GLN E 59 -1.95 26.37 22.71
C GLN E 59 -1.02 25.20 22.48
N VAL E 60 -0.16 24.93 23.46
CA VAL E 60 0.75 23.79 23.38
C VAL E 60 0.13 22.50 23.96
N GLY E 61 0.72 21.36 23.60
CA GLY E 61 0.34 20.09 24.23
C GLY E 61 -0.54 19.14 23.46
N ARG E 62 -1.21 19.60 22.41
CA ARG E 62 -2.08 18.72 21.63
C ARG E 62 -1.59 18.62 20.19
N GLU E 63 -0.26 18.61 20.03
CA GLU E 63 0.39 18.75 18.72
C GLU E 63 -0.11 17.81 17.62
N ALA E 64 -0.20 16.52 17.92
CA ALA E 64 -0.66 15.55 16.93
C ALA E 64 -2.13 15.77 16.59
N GLN E 65 -2.97 15.90 17.61
CA GLN E 65 -4.40 16.12 17.41
C GLN E 65 -4.65 17.38 16.58
N HIS E 66 -3.84 18.40 16.85
CA HIS E 66 -3.99 19.70 16.18
C HIS E 66 -3.67 19.65 14.69
N ALA E 67 -2.60 18.95 14.34
CA ALA E 67 -2.19 18.81 12.94
C ALA E 67 -3.24 18.02 12.15
N GLU E 68 -3.91 17.11 12.84
CA GLU E 68 -4.98 16.32 12.22
C GLU E 68 -6.24 17.18 12.01
N LEU E 69 -6.53 18.05 12.98
CA LEU E 69 -7.61 19.03 12.83
C LEU E 69 -7.36 19.87 11.58
N VAL E 70 -6.16 20.42 11.51
CA VAL E 70 -5.72 21.22 10.37
C VAL E 70 -5.83 20.44 9.06
N ALA E 71 -5.30 19.23 9.04
CA ALA E 71 -5.34 18.40 7.85
C ALA E 71 -6.77 18.07 7.41
N SER E 72 -7.69 17.98 8.37
CA SER E 72 -9.09 17.62 8.07
C SER E 72 -9.83 18.75 7.36
N LEU E 73 -9.33 19.98 7.52
CA LEU E 73 -10.00 21.14 6.95
C LEU E 73 -9.50 21.46 5.56
N LEU E 74 -8.23 21.12 5.29
CA LEU E 74 -7.65 21.38 3.97
C LEU E 74 -8.37 20.59 2.88
N GLY E 75 -8.90 21.31 1.90
CA GLY E 75 -9.58 20.68 0.79
C GLY E 75 -10.94 20.11 1.14
N SER E 76 -11.44 20.49 2.31
CA SER E 76 -12.75 20.01 2.76
C SER E 76 -13.85 20.90 2.20
N GLU E 77 -15.08 20.70 2.67
CA GLU E 77 -16.22 21.49 2.22
C GLU E 77 -16.07 22.97 2.58
N HIS E 78 -15.26 23.24 3.60
CA HIS E 78 -15.03 24.61 4.07
C HIS E 78 -13.96 25.34 3.26
N ASP E 79 -13.01 24.56 2.71
CA ASP E 79 -11.95 25.09 1.86
C ASP E 79 -12.46 25.19 0.43
N ARG E 80 -13.11 26.31 0.10
CA ARG E 80 -13.81 26.44 -1.18
C ARG E 80 -12.92 26.88 -2.35
N PHE E 81 -11.78 27.53 -2.07
CA PHE E 81 -10.97 28.14 -3.13
C PHE E 81 -9.54 27.63 -3.28
N GLY E 82 -9.10 26.81 -2.33
CA GLY E 82 -7.73 26.32 -2.33
C GLY E 82 -6.75 27.38 -1.83
N ARG E 83 -7.29 28.38 -1.14
CA ARG E 83 -6.48 29.45 -0.59
C ARG E 83 -6.41 29.34 0.93
N VAL E 84 -6.06 28.14 1.41
CA VAL E 84 -5.90 27.85 2.84
C VAL E 84 -4.55 27.19 3.05
N GLY E 85 -3.63 27.86 3.72
CA GLY E 85 -2.30 27.33 3.95
C GLY E 85 -2.17 26.92 5.40
N VAL E 86 -0.95 26.59 5.83
CA VAL E 86 -0.71 26.25 7.23
C VAL E 86 0.62 26.81 7.74
N ARG E 87 0.71 27.02 9.06
CA ARG E 87 2.00 27.25 9.71
C ARG E 87 2.29 26.08 10.65
N ILE E 88 3.49 25.54 10.52
CA ILE E 88 3.92 24.42 11.34
C ILE E 88 4.93 24.86 12.40
N HIS E 89 5.53 23.90 13.09
CA HIS E 89 6.49 24.20 14.15
C HIS E 89 7.87 24.49 13.57
N ASP E 90 8.78 24.97 14.41
CA ASP E 90 10.12 25.40 13.97
C ASP E 90 11.12 24.24 13.86
N PHE E 91 12.27 24.52 13.26
CA PHE E 91 13.26 23.50 12.96
C PHE E 91 13.81 22.81 14.22
N ASP E 92 13.92 23.57 15.30
CA ASP E 92 14.43 23.04 16.56
C ASP E 92 13.31 22.45 17.43
N HIS E 93 12.14 22.25 16.84
CA HIS E 93 11.02 21.63 17.53
C HIS E 93 10.92 20.15 17.19
N ALA E 94 10.36 19.37 18.11
CA ALA E 94 10.28 17.93 17.96
C ALA E 94 9.22 17.49 16.94
N HIS E 95 8.19 18.31 16.76
CA HIS E 95 7.01 17.90 16.00
C HIS E 95 6.96 18.43 14.57
N TRP E 96 8.01 19.12 14.11
CA TRP E 96 7.92 19.77 12.80
C TRP E 96 7.82 18.80 11.61
N ARG E 97 8.57 17.70 11.67
CA ARG E 97 8.47 16.70 10.62
C ARG E 97 7.13 15.96 10.70
N ASP E 98 6.63 15.78 11.93
CA ASP E 98 5.33 15.15 12.16
C ASP E 98 4.18 16.01 11.64
N ASP E 99 4.35 17.32 11.76
CA ASP E 99 3.37 18.25 11.22
C ASP E 99 3.27 18.06 9.72
N VAL E 100 4.42 18.03 9.05
CA VAL E 100 4.50 17.87 7.59
C VAL E 100 3.88 16.52 7.13
N ARG E 101 4.23 15.45 7.82
CA ARG E 101 3.77 14.13 7.44
C ARG E 101 2.28 13.96 7.72
N LEU E 102 1.85 14.28 8.94
CA LEU E 102 0.44 14.16 9.30
C LEU E 102 -0.44 15.00 8.36
N ILE E 103 -0.01 16.23 8.09
CA ILE E 103 -0.81 17.14 7.27
C ILE E 103 -0.84 16.76 5.78
N LEU E 104 0.31 16.50 5.19
CA LEU E 104 0.36 16.11 3.78
C LEU E 104 -0.32 14.76 3.49
N ARG E 105 -0.25 13.84 4.45
CA ARG E 105 -0.87 12.51 4.31
C ARG E 105 -2.40 12.53 4.36
N ALA E 106 -2.96 13.37 5.22
CA ALA E 106 -4.40 13.36 5.49
C ALA E 106 -5.22 14.46 4.79
N ALA E 107 -4.57 15.51 4.34
CA ALA E 107 -5.28 16.63 3.69
C ALA E 107 -5.83 16.21 2.33
N LYS E 108 -7.15 16.31 2.16
CA LYS E 108 -7.80 15.98 0.89
C LYS E 108 -7.16 16.75 -0.29
N ARG E 109 -6.74 17.98 -0.03
CA ARG E 109 -5.89 18.71 -0.96
C ARG E 109 -4.74 19.37 -0.19
N ALA E 110 -3.58 19.44 -0.83
CA ALA E 110 -2.41 19.97 -0.16
C ALA E 110 -2.63 21.42 0.25
N PRO E 111 -1.94 21.88 1.31
CA PRO E 111 -2.07 23.27 1.75
C PRO E 111 -1.60 24.22 0.66
N ALA E 112 -2.19 25.42 0.61
CA ALA E 112 -1.81 26.43 -0.38
C ALA E 112 -0.34 26.83 -0.23
N TYR E 113 0.16 26.72 0.99
CA TYR E 113 1.56 26.97 1.30
C TYR E 113 1.83 26.47 2.70
N ILE E 114 3.10 26.33 3.02
CA ILE E 114 3.51 25.97 4.38
C ILE E 114 4.46 27.05 4.92
N THR E 115 4.07 27.61 6.05
CA THR E 115 4.81 28.70 6.67
C THR E 115 5.75 28.13 7.73
N LEU E 116 7.03 28.49 7.60
CA LEU E 116 8.05 27.99 8.50
C LEU E 116 8.47 29.10 9.47
N PRO E 117 8.22 28.89 10.77
CA PRO E 117 8.54 29.91 11.78
C PRO E 117 9.96 29.80 12.32
N LYS E 118 10.49 30.93 12.81
CA LYS E 118 11.72 30.93 13.61
C LYS E 118 12.95 30.32 12.96
N ILE E 119 13.08 30.51 11.64
CA ILE E 119 14.31 30.17 10.93
C ILE E 119 15.54 30.88 11.54
N ARG E 120 16.53 30.09 11.94
CA ARG E 120 17.78 30.62 12.52
C ARG E 120 18.90 30.68 11.47
N HIS E 121 18.96 29.64 10.63
CA HIS E 121 20.03 29.47 9.67
C HIS E 121 19.46 29.14 8.28
N VAL E 122 20.19 29.52 7.23
CA VAL E 122 19.73 29.28 5.88
C VAL E 122 19.58 27.80 5.58
N HIS E 123 20.47 27.00 6.16
CA HIS E 123 20.44 25.56 5.93
C HIS E 123 19.22 24.93 6.60
N ASP E 124 18.80 25.51 7.72
CA ASP E 124 17.60 25.05 8.42
C ASP E 124 16.39 25.11 7.49
N ALA E 125 16.23 26.26 6.83
CA ALA E 125 15.08 26.48 5.94
C ALA E 125 15.14 25.57 4.73
N ALA E 126 16.31 25.55 4.08
CA ALA E 126 16.52 24.70 2.91
C ALA E 126 16.20 23.24 3.21
N GLU E 127 16.60 22.78 4.40
CA GLU E 127 16.39 21.40 4.82
C GLU E 127 14.90 21.12 5.00
N VAL E 129 12.41 22.91 3.56
CA VAL E 129 11.84 22.96 2.22
C VAL E 129 12.04 21.62 1.51
N ALA E 130 13.22 21.04 1.70
CA ALA E 130 13.58 19.78 1.05
C ALA E 130 12.77 18.59 1.58
N PHE E 131 12.52 18.56 2.89
CA PHE E 131 11.69 17.51 3.48
C PHE E 131 10.26 17.60 2.98
N ILE E 132 9.74 18.82 2.84
CA ILE E 132 8.38 19.00 2.35
C ILE E 132 8.26 18.46 0.92
N GLU E 133 9.24 18.79 0.09
CA GLU E 133 9.27 18.32 -1.29
C GLU E 133 9.33 16.80 -1.34
N ALA E 134 10.24 16.22 -0.56
CA ALA E 134 10.37 14.77 -0.52
C ALA E 134 9.06 14.11 -0.10
N THR E 135 8.46 14.61 0.98
CA THR E 135 7.23 14.01 1.50
C THR E 135 6.09 14.09 0.50
N ARG E 136 5.95 15.22 -0.20
CA ARG E 136 4.84 15.36 -1.12
C ARG E 136 5.13 14.52 -2.35
N ARG E 137 6.41 14.37 -2.68
CA ARG E 137 6.81 13.55 -3.82
C ARG E 137 6.47 12.06 -3.60
N GLU E 138 6.77 11.54 -2.41
CA GLU E 138 6.46 10.16 -2.10
C GLU E 138 4.94 9.91 -1.93
N LEU E 139 4.21 10.90 -1.45
CA LEU E 139 2.76 10.79 -1.32
C LEU E 139 2.08 10.92 -2.68
N GLY E 140 2.89 11.16 -3.70
CA GLY E 140 2.38 11.26 -5.06
C GLY E 140 1.55 12.50 -5.27
N ILE E 141 1.74 13.49 -4.41
CA ILE E 141 1.11 14.81 -4.58
C ILE E 141 1.64 15.44 -5.87
N ALA E 142 0.73 15.99 -6.67
CA ALA E 142 1.03 16.41 -8.05
C ALA E 142 2.06 17.54 -8.19
N GLN E 143 1.77 18.68 -7.56
CA GLN E 143 2.66 19.85 -7.61
C GLN E 143 3.37 20.07 -6.27
N PRO E 144 4.49 20.80 -6.29
CA PRO E 144 5.19 21.16 -5.05
C PRO E 144 4.39 22.13 -4.18
N VAL E 145 4.65 22.09 -2.88
CA VAL E 145 3.96 22.96 -1.94
C VAL E 145 4.80 24.21 -1.68
N PRO E 146 4.25 25.39 -2.03
CA PRO E 146 4.99 26.63 -1.77
C PRO E 146 5.29 26.81 -0.29
N VAL E 147 6.45 27.38 0.01
CA VAL E 147 6.84 27.65 1.39
C VAL E 147 6.95 29.16 1.60
N GLN E 148 6.56 29.61 2.78
CA GLN E 148 6.77 30.99 3.20
C GLN E 148 7.59 30.96 4.49
N LEU E 149 8.60 31.81 4.58
CA LEU E 149 9.49 31.82 5.73
C LEU E 149 9.23 33.04 6.63
N LEU E 150 9.19 32.81 7.93
CA LEU E 150 9.24 33.92 8.89
C LEU E 150 10.67 34.42 9.05
N VAL E 151 10.84 35.73 8.94
CA VAL E 151 12.10 36.37 9.32
C VAL E 151 11.90 37.03 10.69
N GLU E 152 12.30 36.34 11.74
CA GLU E 152 12.00 36.83 13.09
C GLU E 152 13.09 36.46 14.11
N THR E 153 14.29 36.16 13.62
CA THR E 153 15.44 35.89 14.47
C THR E 153 16.59 36.71 13.95
N HIS E 154 17.65 36.80 14.73
CA HIS E 154 18.85 37.48 14.28
C HIS E 154 19.46 36.75 13.10
N GLY E 155 19.55 35.42 13.19
CA GLY E 155 20.12 34.62 12.14
C GLY E 155 19.43 34.78 10.80
N ALA E 156 18.09 34.86 10.82
CA ALA E 156 17.30 35.04 9.59
C ALA E 156 17.45 36.43 8.99
N LEU E 157 17.49 37.45 9.84
CA LEU E 157 17.65 38.82 9.33
C LEU E 157 19.03 39.02 8.68
N THR E 158 20.05 38.51 9.33
CA THR E 158 21.42 38.63 8.81
C THR E 158 21.52 38.02 7.43
N ARG E 159 20.92 36.84 7.25
CA ARG E 159 21.02 36.12 5.98
C ARG E 159 19.71 36.22 5.19
N VAL E 160 18.98 37.32 5.40
CA VAL E 160 17.63 37.48 4.82
C VAL E 160 17.60 37.50 3.28
N PHE E 161 18.67 37.99 2.66
CA PHE E 161 18.78 37.96 1.21
C PHE E 161 19.02 36.55 0.73
N ASP E 162 19.77 35.77 1.53
CA ASP E 162 19.99 34.36 1.23
C ASP E 162 18.69 33.58 1.34
N LEU E 163 17.84 33.99 2.27
CA LEU E 163 16.52 33.38 2.42
C LEU E 163 15.59 33.74 1.28
N ALA E 164 15.59 35.00 0.87
CA ALA E 164 14.75 35.45 -0.24
C ALA E 164 15.09 34.70 -1.53
N ALA E 165 16.36 34.33 -1.67
CA ALA E 165 16.87 33.65 -2.88
C ALA E 165 16.54 32.17 -2.96
N LEU E 166 16.05 31.59 -1.87
CA LEU E 166 15.78 30.15 -1.84
C LEU E 166 14.71 29.75 -2.84
N PRO E 167 15.00 28.71 -3.65
CA PRO E 167 13.98 28.10 -4.52
C PRO E 167 12.96 27.42 -3.62
N GLY E 168 11.67 27.56 -3.94
CA GLY E 168 10.62 26.93 -3.16
C GLY E 168 9.99 27.89 -2.17
N VAL E 169 10.59 29.06 -2.01
CA VAL E 169 10.07 30.06 -1.09
C VAL E 169 9.40 31.18 -1.86
N GLU E 170 8.11 31.39 -1.60
CA GLU E 170 7.32 32.35 -2.36
C GLU E 170 7.18 33.72 -1.67
N ALA E 171 7.36 33.73 -0.35
CA ALA E 171 7.25 34.96 0.44
C ALA E 171 8.05 34.91 1.75
N LEU E 172 8.48 36.07 2.22
CA LEU E 172 9.05 36.20 3.57
C LEU E 172 8.10 37.06 4.40
N SER E 173 7.84 36.63 5.63
CA SER E 173 7.01 37.40 6.56
C SER E 173 7.86 37.95 7.71
N PHE E 174 7.56 39.18 8.13
CA PHE E 174 8.20 39.70 9.34
C PHE E 174 7.49 39.23 10.59
N GLY E 175 8.26 38.68 11.53
CA GLY E 175 7.76 38.39 12.88
C GLY E 175 8.17 39.49 13.86
N LEU E 176 7.30 40.48 14.03
CA LEU E 176 7.59 41.65 14.86
C LEU E 176 7.82 41.34 16.34
N ASP E 178 8.44 38.37 17.88
CA ASP E 178 9.61 37.51 18.07
C ASP E 178 10.89 38.28 17.84
N PHE E 179 10.88 39.21 16.89
CA PHE E 179 12.07 40.03 16.59
C PHE E 179 12.42 40.99 17.73
N VAL E 180 11.40 41.62 18.29
CA VAL E 180 11.58 42.51 19.42
C VAL E 180 12.06 41.69 20.62
N SER E 181 11.38 40.56 20.86
CA SER E 181 11.71 39.69 21.98
C SER E 181 13.13 39.14 21.86
N ALA E 182 13.60 39.02 20.62
CA ALA E 182 14.92 38.50 20.33
C ALA E 182 16.02 39.42 20.83
N HIS E 183 15.68 40.67 21.13
CA HIS E 183 16.68 41.61 21.63
C HIS E 183 16.71 41.68 23.14
N ASP E 184 15.98 40.77 23.79
CA ASP E 184 16.05 40.54 25.22
C ASP E 184 15.82 41.80 26.06
N GLY E 185 14.93 42.68 25.63
CA GLY E 185 14.63 43.88 26.38
C GLY E 185 15.28 45.14 25.87
N ALA E 186 16.29 44.99 25.01
CA ALA E 186 17.02 46.14 24.48
C ALA E 186 16.12 47.04 23.61
N ILE E 187 15.14 46.42 22.96
CA ILE E 187 14.09 47.15 22.25
C ILE E 187 12.83 47.12 23.11
N PRO E 188 12.32 48.32 23.45
CA PRO E 188 11.14 48.41 24.32
C PRO E 188 9.94 47.68 23.69
N ASP E 189 9.00 47.19 24.51
CA ASP E 189 7.80 46.53 23.98
C ASP E 189 6.90 47.51 23.21
N THR E 190 7.19 48.81 23.32
CA THR E 190 6.46 49.83 22.58
C THR E 190 6.70 49.69 21.08
N ALA E 191 7.76 48.97 20.73
CA ALA E 191 8.10 48.70 19.34
C ALA E 191 7.22 47.61 18.76
N ARG E 193 3.99 47.89 19.21
CA ARG E 193 2.79 48.66 18.93
C ARG E 193 3.12 49.71 17.89
N SER E 194 2.08 50.29 17.28
CA SER E 194 2.26 51.43 16.41
C SER E 194 2.24 52.69 17.25
N PRO E 195 3.03 53.70 16.87
CA PRO E 195 3.90 53.78 15.69
C PRO E 195 5.30 53.20 15.90
N GLY E 196 5.62 52.76 17.10
CA GLY E 196 6.94 52.23 17.39
C GLY E 196 7.40 51.17 16.40
N GLN E 197 6.47 50.32 15.97
CA GLN E 197 6.80 49.23 15.07
C GLN E 197 7.22 49.71 13.68
N PHE E 198 7.05 51.01 13.42
CA PHE E 198 7.51 51.62 12.16
C PHE E 198 8.62 52.60 12.40
N ASP E 199 8.65 53.20 13.59
CA ASP E 199 9.55 54.31 13.89
C ASP E 199 10.80 53.92 14.68
N HIS E 200 10.70 52.89 15.51
CA HIS E 200 11.90 52.36 16.18
C HIS E 200 12.95 51.95 15.15
N PRO E 201 14.12 52.62 15.18
CA PRO E 201 15.17 52.47 14.17
C PRO E 201 15.57 51.03 13.82
N LEU E 202 15.67 50.13 14.82
CA LEU E 202 16.09 48.74 14.59
C LEU E 202 14.98 47.92 13.95
N VAL E 203 13.73 48.19 14.33
CA VAL E 203 12.58 47.50 13.76
C VAL E 203 12.30 47.98 12.34
N ARG E 204 12.42 49.28 12.14
CA ARG E 204 12.31 49.88 10.82
C ARG E 204 13.38 49.29 9.90
N ARG E 205 14.61 49.25 10.40
CA ARG E 205 15.73 48.65 9.66
C ARG E 205 15.47 47.20 9.25
N ALA E 206 14.98 46.39 10.18
CA ALA E 206 14.70 45.00 9.86
C ALA E 206 13.63 44.87 8.79
N LYS E 207 12.56 45.67 8.90
CA LYS E 207 11.44 45.61 7.94
C LYS E 207 11.86 45.98 6.52
N LEU E 208 12.76 46.95 6.41
CA LEU E 208 13.27 47.36 5.10
C LEU E 208 14.22 46.32 4.47
N GLU E 209 15.01 45.63 5.29
CA GLU E 209 15.88 44.59 4.79
C GLU E 209 15.06 43.47 4.17
N ILE E 210 14.03 43.05 4.89
CA ILE E 210 13.15 41.96 4.44
C ILE E 210 12.48 42.38 3.15
N SER E 211 11.97 43.60 3.12
CA SER E 211 11.32 44.12 1.94
C SER E 211 12.25 44.19 0.72
N ALA E 212 13.44 44.80 0.90
CA ALA E 212 14.43 44.91 -0.17
C ALA E 212 14.83 43.56 -0.71
N ALA E 213 14.98 42.57 0.19
CA ALA E 213 15.38 41.22 -0.21
C ALA E 213 14.31 40.56 -1.05
N CYS E 214 13.07 40.68 -0.62
CA CYS E 214 11.95 40.09 -1.34
C CYS E 214 11.84 40.66 -2.74
N HIS E 215 11.92 41.99 -2.85
CA HIS E 215 11.82 42.62 -4.15
C HIS E 215 12.98 42.25 -5.07
N ALA E 216 14.17 42.14 -4.49
CA ALA E 216 15.36 41.72 -5.22
C ALA E 216 15.22 40.34 -5.86
N TYR E 217 14.40 39.47 -5.27
CA TYR E 217 14.28 38.10 -5.74
C TYR E 217 12.86 37.70 -6.14
N GLY E 218 12.03 38.70 -6.42
CA GLY E 218 10.66 38.47 -6.85
C GLY E 218 9.77 37.69 -5.90
N LYS E 219 9.98 37.86 -4.60
CA LYS E 219 9.17 37.16 -3.60
C LYS E 219 8.19 38.16 -2.98
N VAL E 220 7.17 37.67 -2.30
CA VAL E 220 6.20 38.57 -1.67
C VAL E 220 6.65 38.91 -0.25
N PRO E 221 6.79 40.22 0.03
CA PRO E 221 7.04 40.68 1.39
C PRO E 221 5.72 40.78 2.12
N SER E 222 5.61 40.03 3.21
CA SER E 222 4.37 39.94 3.99
C SER E 222 4.57 40.61 5.36
N HIS E 223 3.68 41.54 5.71
CA HIS E 223 3.83 42.33 6.92
C HIS E 223 3.19 41.63 8.11
N ASN E 224 3.77 41.84 9.29
CA ASN E 224 3.25 41.31 10.54
C ASN E 224 1.85 41.81 10.83
N VAL E 225 1.12 41.09 11.68
CA VAL E 225 -0.20 41.49 12.12
C VAL E 225 -0.14 42.75 12.98
N SER E 226 -1.26 43.46 13.02
CA SER E 226 -1.49 44.48 14.04
C SER E 226 -2.11 43.73 15.22
N THR E 227 -1.52 43.87 16.41
CA THR E 227 -2.04 43.17 17.59
C THR E 227 -3.19 43.95 18.22
N GLU E 228 -3.47 45.12 17.65
CA GLU E 228 -4.58 45.96 18.07
C GLU E 228 -5.88 45.29 17.60
N VAL E 229 -6.72 44.87 18.55
CA VAL E 229 -7.96 44.19 18.16
C VAL E 229 -9.24 45.00 18.39
N ARG E 230 -9.11 46.27 18.77
CA ARG E 230 -10.27 47.17 18.96
C ARG E 230 -10.36 48.26 17.90
N ASP E 231 -9.32 49.08 17.80
CA ASP E 231 -9.25 50.18 16.84
C ASP E 231 -8.80 49.74 15.46
N SER E 233 -9.11 51.52 12.89
CA SER E 233 -8.45 52.72 12.36
C SER E 233 -6.92 52.60 12.40
N VAL E 234 -6.41 52.04 13.49
CA VAL E 234 -4.99 51.78 13.66
C VAL E 234 -4.52 50.73 12.66
N VAL E 235 -5.23 49.59 12.64
CA VAL E 235 -4.94 48.50 11.70
C VAL E 235 -4.89 48.97 10.23
N ALA E 236 -5.80 49.85 9.85
CA ALA E 236 -5.87 50.35 8.48
C ALA E 236 -4.68 51.25 8.18
N ASN E 237 -4.21 51.96 9.21
CA ASN E 237 -3.08 52.85 9.03
C ASN E 237 -1.78 52.07 8.95
N ASP E 238 -1.67 51.03 9.76
CA ASP E 238 -0.53 50.11 9.72
C ASP E 238 -0.37 49.56 8.31
N ALA E 239 -1.49 49.14 7.72
CA ALA E 239 -1.47 48.51 6.41
C ALA E 239 -1.03 49.51 5.33
N ALA E 240 -1.38 50.77 5.54
CA ALA E 240 -1.02 51.86 4.62
C ALA E 240 0.46 52.18 4.66
N ARG E 241 1.03 52.17 5.86
CA ARG E 241 2.45 52.43 6.02
C ARG E 241 3.26 51.26 5.50
N ALA E 242 2.80 50.04 5.81
CA ALA E 242 3.46 48.83 5.32
C ALA E 242 3.52 48.87 3.80
N ARG E 243 2.42 49.27 3.17
CA ARG E 243 2.33 49.37 1.72
C ARG E 243 3.14 50.51 1.12
N ASN E 244 2.85 51.71 1.60
CA ASN E 244 3.32 52.93 0.95
C ASN E 244 4.68 53.44 1.38
N GLU E 245 5.14 53.02 2.56
CA GLU E 245 6.46 53.44 3.04
C GLU E 245 7.45 52.28 3.01
N PHE E 246 6.95 51.07 3.28
CA PHE E 246 7.82 49.91 3.44
C PHE E 246 7.82 48.91 2.29
N GLY E 247 6.86 49.04 1.36
CA GLY E 247 6.87 48.23 0.15
C GLY E 247 6.41 46.80 0.32
N TYR E 248 5.61 46.55 1.35
CA TYR E 248 4.99 45.25 1.53
C TYR E 248 3.76 45.13 0.65
N THR E 249 3.48 43.92 0.21
CA THR E 249 2.37 43.70 -0.70
C THR E 249 1.34 42.73 -0.12
N ARG E 250 1.52 42.40 1.15
CA ARG E 250 0.66 41.46 1.86
C ARG E 250 0.80 41.73 3.34
N TRP E 252 -0.53 40.17 7.43
CA TRP E 252 -1.23 39.22 8.28
C TRP E 252 -2.40 39.84 9.01
N SER E 253 -3.42 39.02 9.26
CA SER E 253 -4.62 39.41 9.99
C SER E 253 -4.80 38.41 11.12
N ILE E 254 -5.29 38.88 12.26
CA ILE E 254 -5.44 38.02 13.43
C ILE E 254 -6.86 38.07 13.97
N HIS E 255 -7.70 38.86 13.30
CA HIS E 255 -9.09 39.09 13.71
C HIS E 255 -9.87 39.44 12.44
N PRO E 256 -11.05 38.83 12.27
CA PRO E 256 -11.81 38.98 11.02
C PRO E 256 -12.14 40.43 10.71
N ALA E 257 -12.10 41.30 11.72
CA ALA E 257 -12.46 42.69 11.53
C ALA E 257 -11.30 43.47 10.93
N GLN E 258 -10.12 42.84 10.96
CA GLN E 258 -8.91 43.44 10.43
C GLN E 258 -8.86 43.24 8.92
N ILE E 259 -9.53 42.17 8.49
CA ILE E 259 -9.43 41.68 7.12
C ILE E 259 -9.85 42.70 6.07
N GLU E 260 -10.98 43.36 6.29
CA GLU E 260 -11.48 44.34 5.33
C GLU E 260 -10.60 45.59 5.29
N ALA E 261 -10.06 45.98 6.45
CA ALA E 261 -9.18 47.16 6.52
C ALA E 261 -7.89 46.93 5.74
N ILE E 262 -7.36 45.70 5.87
CA ILE E 262 -6.11 45.32 5.21
C ILE E 262 -6.32 45.17 3.71
N VAL E 263 -7.36 44.45 3.32
CA VAL E 263 -7.65 44.28 1.90
C VAL E 263 -7.85 45.62 1.19
N ALA E 264 -8.59 46.51 1.83
CA ALA E 264 -8.84 47.86 1.31
C ALA E 264 -7.54 48.67 1.15
N ALA E 265 -6.64 48.59 2.13
CA ALA E 265 -5.38 49.34 2.09
C ALA E 265 -4.51 48.91 0.92
N PHE E 266 -4.71 47.67 0.46
CA PHE E 266 -3.87 47.11 -0.61
C PHE E 266 -4.58 47.13 -1.96
N ALA E 267 -5.79 47.68 -1.97
CA ALA E 267 -6.56 47.85 -3.20
C ALA E 267 -5.81 48.72 -4.21
N PRO E 268 -6.03 48.48 -5.51
CA PRO E 268 -5.36 49.26 -6.55
C PRO E 268 -5.83 50.70 -6.58
N ARG E 269 -4.90 51.62 -6.84
CA ARG E 269 -5.25 53.03 -7.00
C ARG E 269 -5.53 53.33 -8.46
N ASP E 270 -6.81 53.36 -8.81
CA ASP E 270 -7.23 53.58 -10.19
C ASP E 270 -6.86 54.96 -10.68
N GLU E 271 -6.58 55.85 -9.75
CA GLU E 271 -6.16 57.21 -10.07
C GLU E 271 -4.87 57.23 -10.91
N GLU E 272 -4.13 56.12 -10.88
CA GLU E 272 -2.80 56.03 -11.50
C GLU E 272 -2.90 55.80 -13.00
N ILE E 273 -4.00 55.20 -13.44
CA ILE E 273 -4.19 54.70 -14.80
C ILE E 273 -4.23 55.78 -15.90
N THR E 274 -4.98 56.85 -15.66
CA THR E 274 -5.04 57.94 -16.64
C THR E 274 -3.69 58.66 -16.75
N THR E 275 -3.02 58.85 -15.61
CA THR E 275 -1.71 59.48 -15.58
C THR E 275 -0.70 58.67 -16.40
N ALA E 276 -0.67 57.36 -16.17
CA ALA E 276 0.21 56.45 -16.88
C ALA E 276 -0.06 56.47 -18.38
N THR E 277 -1.34 56.44 -18.74
CA THR E 277 -1.76 56.47 -20.14
C THR E 277 -1.24 57.74 -20.84
N GLU E 278 -1.51 58.89 -20.22
CA GLU E 278 -1.10 60.19 -20.76
C GLU E 278 0.42 60.27 -20.96
N ILE E 279 1.17 59.93 -19.92
CA ILE E 279 2.62 59.98 -19.98
C ILE E 279 3.16 59.07 -21.07
N LEU E 280 2.64 57.83 -21.13
CA LEU E 280 3.15 56.83 -22.06
C LEU E 280 2.81 57.12 -23.52
N LEU E 281 1.60 57.59 -23.77
CA LEU E 281 1.22 57.99 -25.12
C LEU E 281 2.13 59.10 -25.64
N ALA E 282 2.47 60.05 -24.78
CA ALA E 282 3.38 61.13 -25.15
C ALA E 282 4.80 60.62 -25.37
N ALA E 283 5.24 59.70 -24.51
CA ALA E 283 6.54 59.08 -24.65
C ALA E 283 6.65 58.39 -26.01
N GLN E 284 5.62 57.62 -26.35
CA GLN E 284 5.52 56.92 -27.62
C GLN E 284 5.74 57.85 -28.83
N SER E 285 5.12 59.02 -28.79
CA SER E 285 5.22 59.99 -29.88
C SER E 285 6.59 60.64 -29.97
N ALA E 286 7.32 60.65 -28.86
CA ALA E 286 8.66 61.24 -28.84
C ALA E 286 9.70 60.17 -29.15
N GLN E 287 9.22 59.03 -29.66
CA GLN E 287 10.08 57.89 -29.92
C GLN E 287 10.81 57.45 -28.66
N TRP E 288 10.09 57.49 -27.55
CA TRP E 288 10.59 56.98 -26.28
C TRP E 288 11.85 57.68 -25.82
N GLY E 289 12.07 58.87 -26.36
CA GLY E 289 13.07 59.79 -25.85
C GLY E 289 12.44 60.51 -24.66
N PRO E 290 13.21 61.36 -23.99
CA PRO E 290 12.71 62.06 -22.80
C PRO E 290 11.54 62.99 -23.14
N THR E 291 10.63 63.19 -22.18
CA THR E 291 9.52 64.13 -22.35
C THR E 291 9.35 65.01 -21.12
N ARG E 292 8.58 66.07 -21.28
CA ARG E 292 8.21 66.91 -20.15
C ARG E 292 6.72 66.67 -19.87
N TYR E 293 6.40 66.40 -18.61
CA TYR E 293 5.02 66.23 -18.20
C TYR E 293 4.80 67.13 -17.01
N HIS E 294 3.95 68.12 -17.23
CA HIS E 294 3.77 69.20 -16.29
C HIS E 294 5.08 69.97 -16.18
N ASP E 295 5.75 69.87 -15.05
CA ASP E 295 7.01 70.59 -14.86
C ASP E 295 8.11 69.58 -14.56
N THR E 296 7.82 68.31 -14.89
CA THR E 296 8.67 67.18 -14.53
C THR E 296 9.26 66.50 -15.76
N LEU E 297 10.55 66.20 -15.72
CA LEU E 297 11.15 65.44 -16.80
C LEU E 297 10.94 63.94 -16.63
N HIS E 298 10.57 63.30 -17.73
CA HIS E 298 10.40 61.85 -17.79
C HIS E 298 11.25 61.26 -18.90
N ASP E 299 11.70 60.05 -18.67
CA ASP E 299 12.38 59.25 -19.70
C ASP E 299 12.06 57.76 -19.46
N ARG E 300 12.73 56.87 -20.19
CA ARG E 300 12.39 55.44 -20.11
C ARG E 300 12.46 54.84 -18.69
N ALA E 301 13.23 55.47 -17.81
CA ALA E 301 13.34 55.02 -16.41
C ALA E 301 12.06 55.19 -15.58
N SER E 302 11.29 56.23 -15.90
CA SER E 302 10.01 56.46 -15.24
C SER E 302 8.86 55.87 -16.06
N TYR E 303 9.00 55.87 -17.38
CA TYR E 303 8.01 55.22 -18.24
C TYR E 303 7.73 53.81 -17.74
N ARG E 304 8.79 53.12 -17.32
CA ARG E 304 8.71 51.73 -16.83
C ARG E 304 7.67 51.62 -15.75
N TYR E 305 7.70 52.59 -14.83
CA TYR E 305 6.76 52.63 -13.70
C TYR E 305 5.32 52.66 -14.20
N TYR E 306 5.05 53.53 -15.17
CA TYR E 306 3.70 53.77 -15.66
C TYR E 306 3.21 52.63 -16.56
N TRP E 307 4.15 51.94 -17.20
CA TRP E 307 3.81 50.77 -17.98
C TRP E 307 3.48 49.61 -17.04
N SER E 308 4.24 49.50 -15.96
CA SER E 308 3.96 48.53 -14.91
C SER E 308 2.54 48.73 -14.38
N VAL E 309 2.15 50.00 -14.21
CA VAL E 309 0.82 50.38 -13.74
C VAL E 309 -0.30 50.01 -14.72
N LEU E 310 -0.09 50.29 -16.01
CA LEU E 310 -1.07 49.93 -17.06
C LEU E 310 -1.17 48.43 -17.26
N ARG E 311 -0.02 47.77 -17.29
CA ARG E 311 0.04 46.32 -17.45
C ARG E 311 -0.73 45.57 -16.36
N ARG E 312 -0.55 45.97 -15.10
CA ARG E 312 -1.26 45.36 -13.96
C ARG E 312 -2.77 45.64 -13.99
N ALA E 313 -3.14 46.82 -14.48
CA ALA E 313 -4.54 47.23 -14.54
C ALA E 313 -5.30 46.40 -15.56
N GLN E 314 -4.73 46.27 -16.76
CA GLN E 314 -5.37 45.53 -17.85
C GLN E 314 -5.41 44.04 -17.53
N ALA E 315 -4.30 43.51 -17.04
CA ALA E 315 -4.23 42.12 -16.59
C ALA E 315 -5.33 41.80 -15.56
N THR E 316 -5.37 42.56 -14.47
CA THR E 316 -6.38 42.38 -13.42
C THR E 316 -7.77 42.86 -13.82
N GLY E 317 -8.03 42.93 -15.11
CA GLY E 317 -9.34 43.32 -15.61
C GLY E 317 -9.87 44.61 -15.04
N ARG E 318 -8.99 45.59 -14.85
CA ARG E 318 -9.39 46.92 -14.43
C ARG E 318 -9.56 47.86 -15.63
N ALA E 319 -10.37 48.89 -15.46
CA ALA E 319 -10.74 49.74 -16.59
C ALA E 319 -9.55 50.54 -17.13
N VAL E 320 -9.15 50.22 -18.36
CA VAL E 320 -8.10 50.95 -19.06
C VAL E 320 -8.70 51.80 -20.17
N PRO E 321 -8.33 53.09 -20.26
CA PRO E 321 -8.87 54.02 -21.25
C PRO E 321 -8.67 53.55 -22.69
N GLN E 322 -9.66 53.79 -23.56
CA GLN E 322 -9.59 53.36 -24.96
C GLN E 322 -8.37 53.99 -25.63
N ASP E 323 -7.99 55.16 -25.14
CA ASP E 323 -6.82 55.90 -25.64
C ASP E 323 -5.52 55.11 -25.52
N ALA E 324 -5.49 54.13 -24.62
CA ALA E 324 -4.27 53.40 -24.32
C ALA E 324 -4.03 52.25 -25.30
N ALA E 325 -4.97 52.05 -26.23
CA ALA E 325 -4.92 50.94 -27.17
C ALA E 325 -3.58 50.77 -27.92
N PRO E 326 -3.02 51.86 -28.46
CA PRO E 326 -1.74 51.74 -29.17
C PRO E 326 -0.52 51.44 -28.27
N LEU E 327 -0.75 51.27 -26.97
CA LEU E 327 0.33 50.88 -26.06
C LEU E 327 0.34 49.36 -25.83
N PHE E 328 -0.70 48.67 -26.32
CA PHE E 328 -0.83 47.22 -26.23
C PHE E 328 -0.69 46.48 -27.58
N THR E 329 -0.93 47.17 -28.69
CA THR E 329 -0.78 46.54 -30.01
C THR E 329 -0.76 47.56 -31.14
N LEU F 5 17.11 -5.47 14.90
CA LEU F 5 17.13 -4.18 14.21
C LEU F 5 17.66 -4.25 12.77
N THR F 6 16.99 -3.56 11.86
CA THR F 6 17.38 -3.56 10.45
C THR F 6 18.37 -2.44 10.14
N PRO F 7 19.21 -2.61 9.09
CA PRO F 7 20.20 -1.60 8.74
C PRO F 7 19.52 -0.24 8.48
N ALA F 8 18.36 -0.29 7.84
CA ALA F 8 17.63 0.92 7.49
C ALA F 8 17.37 1.80 8.71
N GLU F 9 17.26 1.19 9.89
CA GLU F 9 16.90 1.96 11.09
C GLU F 9 18.06 2.23 12.06
N VAL F 10 19.26 1.72 11.77
CA VAL F 10 20.40 2.00 12.65
C VAL F 10 21.53 2.75 11.96
N LEU F 11 21.58 2.69 10.63
CA LEU F 11 22.70 3.21 9.85
C LEU F 11 22.49 4.64 9.33
N PHE F 12 23.57 5.41 9.33
CA PHE F 12 23.60 6.80 8.87
C PHE F 12 23.29 6.94 7.37
N ASP F 13 22.34 7.81 7.02
CA ASP F 13 21.83 7.93 5.64
C ASP F 13 21.37 6.58 5.06
N LEU F 21 20.53 8.05 -13.46
CA LEU F 21 20.32 8.19 -14.90
C LEU F 21 20.98 7.04 -15.65
N PRO F 22 20.49 6.74 -16.87
CA PRO F 22 21.13 5.71 -17.72
C PRO F 22 22.64 5.95 -17.85
N ALA F 23 23.43 4.88 -17.93
CA ALA F 23 24.86 5.00 -17.79
C ALA F 23 25.56 5.46 -19.05
N CYS F 24 24.80 5.52 -20.15
CA CYS F 24 25.37 5.97 -21.41
C CYS F 24 24.54 7.12 -22.01
N ASP F 25 25.21 8.20 -22.39
CA ASP F 25 24.59 9.35 -23.02
C ASP F 25 25.11 9.45 -24.44
N HIS F 26 24.38 8.88 -25.40
CA HIS F 26 24.80 8.82 -26.80
C HIS F 26 24.47 10.07 -27.62
N TYR F 27 25.50 10.73 -28.13
CA TYR F 27 25.33 11.97 -28.89
C TYR F 27 25.21 11.79 -30.40
N ALA F 28 24.22 12.47 -30.98
CA ALA F 28 23.98 12.47 -32.43
C ALA F 28 23.65 13.90 -32.92
N GLY F 29 24.45 14.42 -33.84
CA GLY F 29 24.32 15.81 -34.24
C GLY F 29 23.87 16.02 -35.66
N SER F 30 23.50 14.92 -36.33
CA SER F 30 22.97 14.98 -37.69
C SER F 30 21.80 14.01 -37.85
N GLU F 31 20.89 14.34 -38.77
CA GLU F 31 19.66 13.60 -38.93
C GLU F 31 19.86 12.09 -39.11
N LYS F 32 20.82 11.72 -39.96
CA LYS F 32 21.09 10.31 -40.24
C LYS F 32 21.46 9.59 -38.96
N LEU F 33 22.33 10.21 -38.16
CA LEU F 33 22.80 9.63 -36.92
C LEU F 33 21.71 9.61 -35.86
N LEU F 35 18.46 9.42 -36.39
CA LEU F 35 17.51 8.38 -36.78
C LEU F 35 18.06 6.99 -36.53
N LYS F 36 19.34 6.79 -36.83
CA LYS F 36 19.97 5.49 -36.58
C LYS F 36 20.09 5.19 -35.09
N SER F 37 20.39 6.22 -34.32
CA SER F 37 20.52 6.09 -32.87
C SER F 37 19.16 5.75 -32.27
N LEU F 38 18.12 6.43 -32.76
CA LEU F 38 16.76 6.23 -32.28
C LEU F 38 16.31 4.80 -32.58
N ALA F 39 16.60 4.34 -33.79
CA ALA F 39 16.33 2.95 -34.19
C ALA F 39 17.06 1.94 -33.31
N LEU F 40 18.32 2.22 -33.00
CA LEU F 40 19.12 1.35 -32.15
C LEU F 40 18.59 1.31 -30.72
N GLN F 41 18.08 2.45 -30.24
CA GLN F 41 17.52 2.53 -28.90
C GLN F 41 16.24 1.70 -28.81
N GLN F 42 15.50 1.64 -29.91
CA GLN F 42 14.32 0.79 -29.96
C GLN F 42 14.70 -0.67 -29.86
N GLN F 43 15.81 -1.05 -30.50
CA GLN F 43 16.32 -2.42 -30.47
C GLN F 43 16.83 -2.82 -29.09
N LEU F 44 17.78 -2.05 -28.56
CA LEU F 44 18.41 -2.35 -27.28
C LEU F 44 17.54 -2.02 -26.07
N GLY F 45 16.48 -1.23 -26.29
CA GLY F 45 15.74 -0.64 -25.18
C GLY F 45 16.52 0.52 -24.60
N PRO F 46 15.98 1.17 -23.56
CA PRO F 46 16.59 2.43 -23.07
C PRO F 46 17.76 2.23 -22.12
N VAL F 47 18.79 1.48 -22.56
CA VAL F 47 20.01 1.29 -21.76
C VAL F 47 20.94 2.49 -21.92
N PHE F 48 20.66 3.29 -22.94
CA PHE F 48 21.37 4.54 -23.15
C PHE F 48 20.39 5.68 -23.44
N ASP F 49 20.78 6.90 -23.05
CA ASP F 49 20.06 8.08 -23.49
C ASP F 49 20.58 8.51 -24.85
N ILE F 50 19.77 9.26 -25.58
CA ILE F 50 20.23 9.90 -26.79
C ILE F 50 20.14 11.41 -26.62
N THR F 51 21.21 12.12 -26.96
CA THR F 51 21.16 13.58 -26.96
C THR F 51 21.24 14.06 -28.40
N LEU F 52 20.15 14.68 -28.84
CA LEU F 52 20.11 15.32 -30.16
C LEU F 52 20.86 16.65 -30.05
N ASP F 53 21.98 16.76 -30.77
CA ASP F 53 22.93 17.81 -30.54
C ASP F 53 22.80 18.97 -31.53
N CYS F 54 22.71 20.19 -31.01
CA CYS F 54 22.67 21.40 -31.84
C CYS F 54 24.01 22.12 -31.82
N GLU F 55 24.89 21.73 -30.89
CA GLU F 55 26.16 22.45 -30.70
C GLU F 55 27.30 21.79 -31.49
N ASP F 56 28.37 21.41 -30.78
CA ASP F 56 29.61 20.97 -31.42
C ASP F 56 29.50 19.70 -32.27
N GLY F 57 28.47 18.89 -32.02
CA GLY F 57 28.25 17.68 -32.78
C GLY F 57 27.64 17.97 -34.13
N ALA F 58 27.21 19.21 -34.34
CA ALA F 58 26.60 19.61 -35.60
C ALA F 58 27.44 20.67 -36.31
N GLN F 59 27.33 20.71 -37.63
CA GLN F 59 27.92 21.79 -38.42
C GLN F 59 27.23 23.10 -38.08
N VAL F 60 27.87 24.22 -38.40
CA VAL F 60 27.30 25.53 -38.15
C VAL F 60 26.50 26.04 -39.38
N GLY F 61 25.64 27.03 -39.16
CA GLY F 61 24.98 27.72 -40.26
C GLY F 61 23.52 27.39 -40.53
N ARG F 62 23.01 26.29 -40.00
CA ARG F 62 21.62 25.92 -40.22
C ARG F 62 20.86 25.86 -38.90
N GLU F 63 21.19 26.80 -38.01
CA GLU F 63 20.74 26.76 -36.61
C GLU F 63 19.23 26.57 -36.41
N ALA F 64 18.44 27.32 -37.15
CA ALA F 64 16.99 27.27 -36.99
C ALA F 64 16.44 25.96 -37.53
N GLN F 65 16.86 25.60 -38.74
CA GLN F 65 16.46 24.35 -39.37
C GLN F 65 16.82 23.15 -38.50
N HIS F 66 17.99 23.20 -37.88
CA HIS F 66 18.50 22.11 -37.04
C HIS F 66 17.65 21.88 -35.76
N ALA F 67 17.29 22.96 -35.08
CA ALA F 67 16.49 22.88 -33.86
C ALA F 67 15.10 22.31 -34.17
N GLU F 68 14.61 22.58 -35.37
CA GLU F 68 13.30 22.08 -35.80
C GLU F 68 13.39 20.60 -36.11
N LEU F 69 14.51 20.18 -36.71
CA LEU F 69 14.78 18.76 -36.94
C LEU F 69 14.76 18.05 -35.59
N VAL F 70 15.52 18.60 -34.64
CA VAL F 70 15.59 18.04 -33.30
C VAL F 70 14.21 17.98 -32.66
N ALA F 71 13.48 19.09 -32.71
CA ALA F 71 12.12 19.17 -32.16
C ALA F 71 11.15 18.17 -32.80
N SER F 72 11.36 17.85 -34.07
CA SER F 72 10.46 16.96 -34.80
C SER F 72 10.63 15.50 -34.37
N LEU F 73 11.78 15.20 -33.77
CA LEU F 73 12.10 13.84 -33.37
C LEU F 73 11.65 13.54 -31.93
N LEU F 74 11.65 14.58 -31.09
CA LEU F 74 11.25 14.44 -29.69
C LEU F 74 9.79 14.03 -29.57
N GLY F 75 9.56 12.89 -28.93
CA GLY F 75 8.22 12.39 -28.71
C GLY F 75 7.56 11.84 -29.97
N SER F 76 8.37 11.64 -31.01
CA SER F 76 7.86 11.10 -32.28
C SER F 76 7.80 9.57 -32.23
N GLU F 77 7.55 8.94 -33.37
CA GLU F 77 7.49 7.47 -33.44
C GLU F 77 8.84 6.84 -33.13
N HIS F 78 9.91 7.61 -33.31
CA HIS F 78 11.26 7.11 -33.08
C HIS F 78 11.67 7.20 -31.60
N ASP F 79 11.08 8.17 -30.89
CA ASP F 79 11.32 8.35 -29.46
C ASP F 79 10.37 7.46 -28.69
N ARG F 80 10.81 6.23 -28.45
CA ARG F 80 9.92 5.21 -27.88
C ARG F 80 9.83 5.25 -26.35
N PHE F 81 10.85 5.75 -25.67
CA PHE F 81 10.93 5.63 -24.21
C PHE F 81 10.97 6.94 -23.43
N GLY F 82 11.08 8.06 -24.15
CA GLY F 82 11.14 9.38 -23.52
C GLY F 82 12.52 9.65 -22.94
N ARG F 83 13.48 8.87 -23.41
CA ARG F 83 14.86 9.00 -22.99
C ARG F 83 15.70 9.64 -24.10
N VAL F 84 15.20 10.75 -24.63
CA VAL F 84 15.90 11.50 -25.67
C VAL F 84 15.98 12.98 -25.26
N GLY F 85 17.18 13.46 -25.00
CA GLY F 85 17.35 14.85 -24.58
C GLY F 85 17.95 15.66 -25.70
N VAL F 86 18.37 16.88 -25.40
CA VAL F 86 19.04 17.70 -26.39
C VAL F 86 20.22 18.50 -25.80
N ARG F 87 21.18 18.86 -26.64
CA ARG F 87 22.15 19.89 -26.29
C ARG F 87 21.97 21.11 -27.17
N ILE F 88 21.90 22.28 -26.54
CA ILE F 88 21.68 23.53 -27.24
C ILE F 88 22.97 24.36 -27.28
N HIS F 89 22.87 25.58 -27.78
CA HIS F 89 24.04 26.48 -27.85
C HIS F 89 24.35 27.14 -26.50
N ASP F 90 25.51 27.77 -26.40
CA ASP F 90 25.98 28.38 -25.16
C ASP F 90 25.39 29.75 -24.88
N PHE F 91 25.60 30.24 -23.66
CA PHE F 91 25.01 31.49 -23.19
C PHE F 91 25.44 32.71 -24.01
N ASP F 92 26.67 32.71 -24.49
CA ASP F 92 27.20 33.81 -25.28
C ASP F 92 26.92 33.61 -26.78
N HIS F 93 26.01 32.68 -27.09
CA HIS F 93 25.60 32.43 -28.48
C HIS F 93 24.28 33.13 -28.78
N ALA F 94 24.10 33.49 -30.05
CA ALA F 94 22.91 34.22 -30.48
C ALA F 94 21.64 33.39 -30.50
N HIS F 95 21.79 32.09 -30.73
CA HIS F 95 20.65 31.22 -30.97
C HIS F 95 20.18 30.38 -29.77
N TRP F 96 20.74 30.61 -28.58
CA TRP F 96 20.41 29.72 -27.46
C TRP F 96 18.97 29.83 -26.96
N ARG F 97 18.45 31.05 -26.88
CA ARG F 97 17.04 31.23 -26.54
C ARG F 97 16.15 30.66 -27.65
N ASP F 98 16.58 30.82 -28.90
CA ASP F 98 15.83 30.35 -30.04
C ASP F 98 15.78 28.83 -30.07
N ASP F 99 16.85 28.21 -29.59
CA ASP F 99 16.90 26.76 -29.48
C ASP F 99 15.84 26.29 -28.48
N VAL F 100 15.76 26.98 -27.34
CA VAL F 100 14.81 26.63 -26.29
C VAL F 100 13.37 26.82 -26.73
N ARG F 101 13.10 27.95 -27.37
CA ARG F 101 11.75 28.28 -27.83
C ARG F 101 11.30 27.36 -28.97
N LEU F 102 12.11 27.28 -30.04
CA LEU F 102 11.77 26.41 -31.18
C LEU F 102 11.52 24.97 -30.74
N ILE F 103 12.41 24.45 -29.89
CA ILE F 103 12.33 23.05 -29.45
C ILE F 103 11.16 22.76 -28.51
N LEU F 104 11.00 23.59 -27.48
CA LEU F 104 9.91 23.37 -26.52
C LEU F 104 8.52 23.60 -27.17
N ARG F 105 8.44 24.49 -28.16
CA ARG F 105 7.18 24.79 -28.84
C ARG F 105 6.72 23.68 -29.77
N ALA F 106 7.68 23.03 -30.43
CA ALA F 106 7.36 22.08 -31.50
C ALA F 106 7.48 20.60 -31.13
N ALA F 107 8.24 20.29 -30.08
CA ALA F 107 8.40 18.91 -29.65
C ALA F 107 7.08 18.31 -29.13
N LYS F 108 6.64 17.20 -29.72
CA LYS F 108 5.39 16.54 -29.29
C LYS F 108 5.48 16.16 -27.81
N ARG F 109 6.67 15.81 -27.34
CA ARG F 109 6.94 15.69 -25.90
C ARG F 109 8.25 16.40 -25.59
N ALA F 110 8.34 16.98 -24.39
CA ALA F 110 9.51 17.75 -24.01
C ALA F 110 10.74 16.86 -23.97
N PRO F 111 11.94 17.46 -24.18
CA PRO F 111 13.18 16.68 -24.12
C PRO F 111 13.37 16.09 -22.73
N ALA F 112 14.05 14.94 -22.64
CA ALA F 112 14.28 14.27 -21.37
C ALA F 112 15.11 15.18 -20.47
N TYR F 113 15.94 16.01 -21.11
CA TYR F 113 16.80 16.99 -20.43
C TYR F 113 17.34 17.95 -21.46
N ILE F 114 17.85 19.08 -20.99
CA ILE F 114 18.53 20.05 -21.86
C ILE F 114 19.95 20.29 -21.35
N THR F 115 20.92 20.04 -22.23
CA THR F 115 22.33 20.13 -21.90
C THR F 115 22.87 21.50 -22.27
N LEU F 116 23.45 22.18 -21.31
CA LEU F 116 23.95 23.53 -21.54
C LEU F 116 25.47 23.46 -21.63
N PRO F 117 26.01 23.82 -22.82
CA PRO F 117 27.47 23.79 -23.02
C PRO F 117 28.18 25.08 -22.59
N LYS F 118 29.45 24.97 -22.25
CA LYS F 118 30.34 26.13 -22.12
C LYS F 118 29.90 27.19 -21.10
N ILE F 119 29.35 26.74 -19.98
CA ILE F 119 29.04 27.63 -18.87
C ILE F 119 30.30 28.33 -18.36
N ARG F 120 30.28 29.66 -18.34
CA ARG F 120 31.44 30.43 -17.85
C ARG F 120 31.24 30.86 -16.41
N HIS F 121 30.00 31.24 -16.09
CA HIS F 121 29.64 31.79 -14.79
C HIS F 121 28.38 31.14 -14.24
N VAL F 122 28.30 31.05 -12.92
CA VAL F 122 27.16 30.45 -12.24
C VAL F 122 25.85 31.14 -12.59
N HIS F 123 25.89 32.46 -12.75
CA HIS F 123 24.70 33.24 -13.09
C HIS F 123 24.25 32.96 -14.52
N ASP F 124 25.19 32.64 -15.40
CA ASP F 124 24.88 32.25 -16.77
C ASP F 124 23.98 31.01 -16.78
N ALA F 125 24.38 30.00 -16.02
CA ALA F 125 23.66 28.74 -15.97
C ALA F 125 22.29 28.92 -15.32
N ALA F 126 22.25 29.59 -14.17
CA ALA F 126 20.99 29.84 -13.47
C ALA F 126 19.98 30.56 -14.37
N GLU F 127 20.49 31.52 -15.15
CA GLU F 127 19.65 32.34 -16.02
C GLU F 127 19.06 31.49 -17.12
N VAL F 129 18.69 28.19 -16.96
CA VAL F 129 17.77 27.25 -16.30
C VAL F 129 16.43 27.94 -16.11
N ALA F 130 16.50 29.22 -15.77
CA ALA F 130 15.32 30.01 -15.48
C ALA F 130 14.52 30.30 -16.73
N PHE F 131 15.21 30.54 -17.84
CA PHE F 131 14.52 30.75 -19.10
C PHE F 131 13.78 29.49 -19.55
N ILE F 132 14.41 28.33 -19.36
CA ILE F 132 13.79 27.06 -19.75
C ILE F 132 12.53 26.83 -18.93
N GLU F 133 12.60 27.10 -17.63
CA GLU F 133 11.45 26.97 -16.76
C GLU F 133 10.32 27.89 -17.19
N ALA F 134 10.65 29.17 -17.40
CA ALA F 134 9.68 30.14 -17.88
C ALA F 134 8.99 29.68 -19.17
N THR F 135 9.77 29.28 -20.17
CA THR F 135 9.25 28.90 -21.48
C THR F 135 8.35 27.67 -21.40
N ARG F 136 8.74 26.69 -20.60
CA ARG F 136 7.93 25.50 -20.53
C ARG F 136 6.66 25.83 -19.74
N ARG F 137 6.78 26.75 -18.79
CA ARG F 137 5.62 27.14 -17.97
C ARG F 137 4.55 27.84 -18.82
N GLU F 138 4.98 28.77 -19.67
CA GLU F 138 4.03 29.46 -20.55
C GLU F 138 3.46 28.56 -21.66
N LEU F 139 4.24 27.59 -22.12
CA LEU F 139 3.75 26.63 -23.11
C LEU F 139 2.83 25.62 -22.45
N GLY F 140 2.65 25.74 -21.15
CA GLY F 140 1.76 24.85 -20.43
C GLY F 140 2.28 23.42 -20.35
N ILE F 141 3.58 23.26 -20.53
CA ILE F 141 4.24 21.95 -20.35
C ILE F 141 4.13 21.53 -18.88
N ALA F 142 3.73 20.28 -18.65
CA ALA F 142 3.31 19.80 -17.34
C ALA F 142 4.40 19.84 -16.26
N GLN F 143 5.51 19.16 -16.54
CA GLN F 143 6.62 19.11 -15.59
C GLN F 143 7.81 19.95 -16.07
N PRO F 144 8.74 20.32 -15.15
CA PRO F 144 9.97 21.02 -15.52
C PRO F 144 10.93 20.14 -16.32
N VAL F 145 11.76 20.77 -17.13
CA VAL F 145 12.71 20.06 -17.95
C VAL F 145 14.06 20.02 -17.22
N PRO F 146 14.54 18.81 -16.89
CA PRO F 146 15.86 18.69 -16.23
C PRO F 146 16.98 19.30 -17.09
N VAL F 147 17.96 19.90 -16.44
CA VAL F 147 19.09 20.49 -17.14
C VAL F 147 20.36 19.74 -16.74
N GLN F 148 21.25 19.55 -17.71
CA GLN F 148 22.58 19.03 -17.43
C GLN F 148 23.57 20.09 -17.87
N LEU F 149 24.59 20.36 -17.03
CA LEU F 149 25.59 21.39 -17.36
C LEU F 149 26.95 20.79 -17.75
N LEU F 150 27.54 21.33 -18.81
CA LEU F 150 28.92 21.03 -19.15
C LEU F 150 29.87 21.84 -18.25
N VAL F 151 30.80 21.15 -17.61
CA VAL F 151 31.90 21.84 -16.95
C VAL F 151 33.13 21.73 -17.86
N GLU F 152 33.39 22.76 -18.65
CA GLU F 152 34.46 22.69 -19.63
C GLU F 152 35.16 24.01 -19.84
N THR F 153 34.99 24.93 -18.89
CA THR F 153 35.71 26.21 -18.90
C THR F 153 36.39 26.40 -17.57
N HIS F 154 37.30 27.35 -17.52
CA HIS F 154 37.91 27.71 -16.24
C HIS F 154 36.87 28.21 -15.24
N GLY F 155 35.96 29.06 -15.72
CA GLY F 155 34.90 29.63 -14.89
C GLY F 155 34.01 28.57 -14.24
N ALA F 156 33.62 27.57 -15.02
CA ALA F 156 32.78 26.48 -14.52
C ALA F 156 33.50 25.58 -13.51
N LEU F 157 34.78 25.28 -13.79
CA LEU F 157 35.54 24.41 -12.89
C LEU F 157 35.76 25.08 -11.52
N THR F 158 36.15 26.35 -11.56
CA THR F 158 36.34 27.12 -10.32
C THR F 158 35.10 27.09 -9.43
N ARG F 159 33.92 27.32 -10.03
CA ARG F 159 32.67 27.39 -9.29
C ARG F 159 31.85 26.13 -9.51
N VAL F 160 32.53 25.00 -9.73
CA VAL F 160 31.89 23.73 -10.04
C VAL F 160 30.99 23.21 -8.93
N PHE F 161 31.37 23.48 -7.67
CA PHE F 161 30.52 23.14 -6.53
C PHE F 161 29.26 23.99 -6.48
N ASP F 162 29.40 25.25 -6.88
CA ASP F 162 28.24 26.14 -7.01
C ASP F 162 27.29 25.66 -8.11
N LEU F 163 27.86 25.10 -9.18
CA LEU F 163 27.08 24.54 -10.28
C LEU F 163 26.34 23.26 -9.85
N ALA F 164 27.04 22.38 -9.15
CA ALA F 164 26.42 21.14 -8.67
C ALA F 164 25.21 21.44 -7.79
N ALA F 165 25.28 22.54 -7.06
CA ALA F 165 24.26 22.92 -6.09
C ALA F 165 23.00 23.52 -6.72
N LEU F 166 23.06 23.86 -8.00
CA LEU F 166 21.94 24.55 -8.65
C LEU F 166 20.69 23.67 -8.68
N PRO F 167 19.56 24.22 -8.23
CA PRO F 167 18.27 23.54 -8.36
C PRO F 167 17.93 23.42 -9.83
N GLY F 168 17.44 22.27 -10.27
CA GLY F 168 17.06 22.09 -11.66
C GLY F 168 18.17 21.49 -12.51
N VAL F 169 19.33 21.31 -11.91
CA VAL F 169 20.46 20.64 -12.57
C VAL F 169 20.61 19.23 -12.04
N GLU F 170 20.46 18.25 -12.93
CA GLU F 170 20.47 16.85 -12.54
C GLU F 170 21.83 16.19 -12.66
N ALA F 171 22.68 16.73 -13.54
CA ALA F 171 24.01 16.17 -13.80
C ALA F 171 25.02 17.22 -14.28
N LEU F 172 26.31 16.99 -14.00
CA LEU F 172 27.40 17.76 -14.62
C LEU F 172 28.22 16.84 -15.51
N SER F 173 28.56 17.31 -16.70
CA SER F 173 29.40 16.54 -17.62
C SER F 173 30.75 17.21 -17.78
N PHE F 174 31.81 16.42 -17.89
CA PHE F 174 33.13 16.98 -18.19
C PHE F 174 33.29 17.13 -19.70
N GLY F 175 33.74 18.31 -20.12
CA GLY F 175 34.10 18.56 -21.52
C GLY F 175 35.60 18.57 -21.66
N LEU F 176 36.15 17.39 -21.95
CA LEU F 176 37.59 17.17 -21.98
C LEU F 176 38.32 18.00 -23.03
N ASP F 178 37.27 20.71 -24.81
CA ASP F 178 37.14 22.14 -24.52
C ASP F 178 38.01 22.55 -23.33
N PHE F 179 38.12 21.67 -22.32
CA PHE F 179 38.91 21.97 -21.12
C PHE F 179 40.39 22.05 -21.44
N VAL F 180 40.87 21.08 -22.21
CA VAL F 180 42.25 21.07 -22.67
C VAL F 180 42.54 22.29 -23.54
N SER F 181 41.66 22.55 -24.50
CA SER F 181 41.77 23.71 -25.42
C SER F 181 41.77 25.02 -24.65
N ALA F 182 41.09 25.03 -23.51
CA ALA F 182 40.96 26.22 -22.69
C ALA F 182 42.30 26.66 -22.08
N HIS F 183 43.28 25.77 -22.08
CA HIS F 183 44.60 26.10 -21.55
C HIS F 183 45.56 26.59 -22.63
N ASP F 184 45.02 26.81 -23.82
CA ASP F 184 45.76 27.46 -24.91
C ASP F 184 47.11 26.80 -25.24
N GLY F 185 47.17 25.47 -25.15
CA GLY F 185 48.38 24.76 -25.52
C GLY F 185 49.24 24.34 -24.34
N ALA F 186 49.00 24.94 -23.17
CA ALA F 186 49.75 24.59 -21.96
C ALA F 186 49.56 23.12 -21.57
N ILE F 187 48.38 22.58 -21.87
CA ILE F 187 48.14 21.15 -21.76
C ILE F 187 48.25 20.51 -23.15
N PRO F 188 49.18 19.54 -23.31
CA PRO F 188 49.36 18.89 -24.61
C PRO F 188 48.06 18.24 -25.09
N ASP F 189 47.89 18.10 -26.41
CA ASP F 189 46.70 17.44 -26.96
C ASP F 189 46.63 15.95 -26.61
N THR F 190 47.75 15.41 -26.11
CA THR F 190 47.81 14.02 -25.64
C THR F 190 46.92 13.78 -24.44
N ALA F 191 46.54 14.87 -23.77
CA ALA F 191 45.61 14.82 -22.64
C ALA F 191 44.15 14.63 -23.09
N ARG F 193 43.57 12.21 -25.25
CA ARG F 193 43.56 10.79 -25.54
C ARG F 193 43.84 10.06 -24.24
N SER F 194 43.57 8.76 -24.21
CA SER F 194 43.96 7.92 -23.07
C SER F 194 45.39 7.44 -23.28
N PRO F 195 46.18 7.34 -22.19
CA PRO F 195 45.81 7.53 -20.78
C PRO F 195 45.95 8.97 -20.28
N GLY F 196 46.50 9.85 -21.10
CA GLY F 196 46.70 11.23 -20.72
C GLY F 196 45.48 11.88 -20.09
N GLN F 197 44.29 11.53 -20.58
CA GLN F 197 43.07 12.15 -20.10
C GLN F 197 42.74 11.76 -18.66
N PHE F 198 43.47 10.77 -18.15
CA PHE F 198 43.30 10.30 -16.77
C PHE F 198 44.53 10.63 -15.95
N ASP F 199 45.69 10.68 -16.62
CA ASP F 199 46.98 10.77 -15.93
C ASP F 199 47.56 12.17 -15.91
N HIS F 200 47.22 12.99 -16.90
CA HIS F 200 47.65 14.39 -16.86
C HIS F 200 47.09 15.08 -15.62
N PRO F 201 47.98 15.53 -14.73
CA PRO F 201 47.62 16.06 -13.41
C PRO F 201 46.49 17.10 -13.41
N LEU F 202 46.49 18.04 -14.37
CA LEU F 202 45.46 19.09 -14.41
C LEU F 202 44.10 18.57 -14.90
N VAL F 203 44.12 17.61 -15.81
CA VAL F 203 42.87 17.01 -16.28
C VAL F 203 42.32 16.05 -15.24
N ARG F 204 43.21 15.33 -14.58
CA ARG F 204 42.82 14.42 -13.50
C ARG F 204 42.21 15.23 -12.37
N ARG F 205 42.84 16.36 -12.05
CA ARG F 205 42.35 17.29 -11.05
C ARG F 205 40.94 17.84 -11.37
N ALA F 206 40.73 18.28 -12.60
CA ALA F 206 39.41 18.75 -13.03
C ALA F 206 38.31 17.67 -12.93
N LYS F 207 38.63 16.45 -13.36
CA LYS F 207 37.66 15.34 -13.31
C LYS F 207 37.22 14.96 -11.89
N LEU F 208 38.16 15.08 -10.95
CA LEU F 208 37.89 14.76 -9.56
C LEU F 208 37.06 15.85 -8.88
N GLU F 209 37.30 17.12 -9.24
CA GLU F 209 36.51 18.23 -8.71
C GLU F 209 35.04 18.08 -9.11
N ILE F 210 34.83 17.83 -10.40
CA ILE F 210 33.48 17.65 -10.94
C ILE F 210 32.79 16.48 -10.23
N SER F 211 33.50 15.37 -10.13
CA SER F 211 32.96 14.19 -9.46
C SER F 211 32.61 14.43 -7.99
N ALA F 212 33.54 14.99 -7.21
CA ALA F 212 33.31 15.28 -5.80
C ALA F 212 32.13 16.22 -5.61
N ALA F 213 32.01 17.21 -6.50
CA ALA F 213 30.93 18.19 -6.43
C ALA F 213 29.58 17.53 -6.68
N CYS F 214 29.50 16.71 -7.71
CA CYS F 214 28.27 15.98 -8.01
C CYS F 214 27.85 15.09 -6.86
N HIS F 215 28.78 14.34 -6.29
CA HIS F 215 28.44 13.45 -5.19
C HIS F 215 27.99 14.22 -3.95
N ALA F 216 28.62 15.37 -3.72
CA ALA F 216 28.28 16.23 -2.60
C ALA F 216 26.85 16.74 -2.66
N TYR F 217 26.28 16.84 -3.85
CA TYR F 217 24.95 17.43 -4.05
C TYR F 217 23.95 16.48 -4.72
N GLY F 218 24.26 15.19 -4.69
CA GLY F 218 23.39 14.17 -5.26
C GLY F 218 23.08 14.32 -6.74
N LYS F 219 24.03 14.83 -7.51
CA LYS F 219 23.87 14.92 -8.96
C LYS F 219 24.63 13.79 -9.67
N VAL F 220 24.33 13.56 -10.94
CA VAL F 220 25.08 12.54 -11.68
C VAL F 220 26.33 13.15 -12.32
N PRO F 221 27.50 12.55 -12.03
CA PRO F 221 28.74 12.91 -12.72
C PRO F 221 28.81 12.14 -14.03
N SER F 222 28.84 12.86 -15.14
CA SER F 222 28.86 12.24 -16.46
C SER F 222 30.23 12.45 -17.12
N HIS F 223 30.86 11.36 -17.56
CA HIS F 223 32.21 11.40 -18.12
C HIS F 223 32.16 11.77 -19.59
N ASN F 224 33.18 12.48 -20.05
CA ASN F 224 33.36 12.80 -21.45
C ASN F 224 33.45 11.54 -22.35
N VAL F 225 33.16 11.71 -23.64
CA VAL F 225 33.33 10.62 -24.62
C VAL F 225 34.78 10.17 -24.79
N SER F 226 34.94 8.95 -25.28
CA SER F 226 36.20 8.52 -25.86
C SER F 226 36.16 8.90 -27.34
N THR F 227 37.16 9.65 -27.81
CA THR F 227 37.17 10.07 -29.21
C THR F 227 37.72 8.95 -30.09
N GLU F 228 38.19 7.88 -29.44
CA GLU F 228 38.68 6.70 -30.13
C GLU F 228 37.52 5.95 -30.80
N VAL F 229 37.49 5.93 -32.12
CA VAL F 229 36.35 5.31 -32.81
C VAL F 229 36.65 3.96 -33.49
N ARG F 230 37.86 3.43 -33.25
CA ARG F 230 38.25 2.13 -33.78
C ARG F 230 38.38 1.07 -32.67
N ASP F 231 39.27 1.33 -31.72
CA ASP F 231 39.54 0.39 -30.62
C ASP F 231 38.55 0.52 -29.48
N SER F 233 38.24 -1.58 -27.20
CA SER F 233 38.99 -2.01 -26.02
C SER F 233 39.43 -0.80 -25.20
N VAL F 234 39.83 0.27 -25.89
CA VAL F 234 40.21 1.52 -25.24
C VAL F 234 39.00 2.18 -24.59
N VAL F 235 37.92 2.26 -25.35
CA VAL F 235 36.66 2.84 -24.88
C VAL F 235 36.17 2.15 -23.60
N ALA F 236 36.27 0.82 -23.57
CA ALA F 236 35.81 0.02 -22.44
C ALA F 236 36.69 0.25 -21.20
N ASN F 237 37.96 0.52 -21.45
CA ASN F 237 38.89 0.77 -20.37
C ASN F 237 38.70 2.17 -19.79
N ASP F 238 38.45 3.13 -20.67
CA ASP F 238 38.11 4.48 -20.26
C ASP F 238 36.91 4.48 -19.32
N ALA F 239 35.86 3.75 -19.72
CA ALA F 239 34.64 3.67 -18.93
C ALA F 239 34.89 3.04 -17.54
N ALA F 240 35.78 2.05 -17.48
CA ALA F 240 36.17 1.39 -16.22
C ALA F 240 36.93 2.33 -15.26
N ARG F 241 37.81 3.16 -15.82
CA ARG F 241 38.60 4.08 -15.02
C ARG F 241 37.72 5.21 -14.53
N ALA F 242 36.83 5.68 -15.41
CA ALA F 242 35.86 6.72 -15.06
C ALA F 242 35.03 6.23 -13.89
N ARG F 243 34.60 4.98 -13.96
CA ARG F 243 33.76 4.39 -12.93
C ARG F 243 34.53 4.11 -11.64
N ASN F 244 35.61 3.36 -11.77
CA ASN F 244 36.26 2.76 -10.61
C ASN F 244 37.35 3.60 -9.95
N GLU F 245 37.88 4.56 -10.68
CA GLU F 245 38.88 5.45 -10.11
C GLU F 245 38.34 6.86 -9.87
N PHE F 246 37.44 7.29 -10.75
CA PHE F 246 36.97 8.68 -10.75
C PHE F 246 35.54 8.90 -10.23
N GLY F 247 34.79 7.82 -10.08
CA GLY F 247 33.48 7.89 -9.45
C GLY F 247 32.38 8.46 -10.33
N TYR F 248 32.56 8.39 -11.63
CA TYR F 248 31.49 8.75 -12.56
C TYR F 248 30.49 7.61 -12.68
N THR F 249 29.22 7.97 -12.89
CA THR F 249 28.18 6.97 -12.96
C THR F 249 27.49 6.99 -14.31
N ARG F 250 28.07 7.73 -15.25
CA ARG F 250 27.49 7.89 -16.59
C ARG F 250 28.62 8.31 -17.51
N TRP F 252 29.43 9.64 -21.83
CA TRP F 252 29.00 9.95 -23.18
C TRP F 252 29.51 8.96 -24.21
N SER F 253 28.70 8.76 -25.25
CA SER F 253 29.03 7.91 -26.39
C SER F 253 28.93 8.74 -27.68
N ILE F 254 29.85 8.50 -28.62
CA ILE F 254 29.85 9.26 -29.86
C ILE F 254 29.75 8.36 -31.12
N HIS F 255 29.62 7.06 -30.87
CA HIS F 255 29.58 6.04 -31.92
C HIS F 255 28.84 4.84 -31.35
N PRO F 256 27.92 4.27 -32.11
CA PRO F 256 27.03 3.23 -31.57
C PRO F 256 27.79 2.00 -31.08
N ALA F 257 29.02 1.84 -31.53
CA ALA F 257 29.85 0.72 -31.12
C ALA F 257 30.45 0.93 -29.73
N GLN F 258 30.37 2.16 -29.24
CA GLN F 258 30.89 2.51 -27.92
C GLN F 258 29.84 2.21 -26.86
N ILE F 259 28.59 2.16 -27.30
CA ILE F 259 27.46 2.11 -26.39
C ILE F 259 27.46 0.86 -25.53
N GLU F 260 27.69 -0.29 -26.13
CA GLU F 260 27.67 -1.54 -25.37
C GLU F 260 28.87 -1.66 -24.43
N ALA F 261 30.00 -1.12 -24.84
CA ALA F 261 31.20 -1.15 -24.02
C ALA F 261 30.98 -0.32 -22.76
N ILE F 262 30.36 0.83 -22.92
CA ILE F 262 30.09 1.74 -21.82
C ILE F 262 29.00 1.20 -20.88
N VAL F 263 27.91 0.72 -21.45
CA VAL F 263 26.85 0.16 -20.64
C VAL F 263 27.34 -1.03 -19.82
N ALA F 264 28.16 -1.89 -20.44
CA ALA F 264 28.75 -3.03 -19.76
C ALA F 264 29.65 -2.62 -18.58
N ALA F 265 30.47 -1.59 -18.81
CA ALA F 265 31.41 -1.10 -17.79
C ALA F 265 30.69 -0.57 -16.56
N PHE F 266 29.46 -0.14 -16.75
CA PHE F 266 28.68 0.43 -15.65
C PHE F 266 27.68 -0.57 -15.05
N ALA F 267 27.67 -1.78 -15.58
CA ALA F 267 26.81 -2.84 -15.07
C ALA F 267 27.08 -3.11 -13.61
N PRO F 268 26.06 -3.59 -12.87
CA PRO F 268 26.22 -3.92 -11.45
C PRO F 268 27.14 -5.12 -11.21
N ARG F 269 27.96 -5.04 -10.17
CA ARG F 269 28.77 -6.17 -9.80
C ARG F 269 28.01 -7.05 -8.83
N ASP F 270 27.46 -8.14 -9.31
CA ASP F 270 26.65 -9.02 -8.49
C ASP F 270 27.50 -9.70 -7.43
N GLU F 271 28.81 -9.71 -7.65
CA GLU F 271 29.74 -10.34 -6.72
C GLU F 271 29.69 -9.68 -5.33
N GLU F 272 29.14 -8.48 -5.28
CA GLU F 272 29.12 -7.67 -4.05
C GLU F 272 28.02 -8.09 -3.08
N ILE F 273 26.97 -8.70 -3.62
CA ILE F 273 25.73 -8.97 -2.88
C ILE F 273 25.87 -10.00 -1.76
N THR F 274 26.52 -11.13 -2.03
CA THR F 274 26.72 -12.14 -1.00
C THR F 274 27.64 -11.61 0.11
N THR F 275 28.69 -10.88 -0.26
CA THR F 275 29.60 -10.27 0.70
C THR F 275 28.85 -9.33 1.65
N ALA F 276 28.04 -8.45 1.05
CA ALA F 276 27.21 -7.51 1.82
C ALA F 276 26.26 -8.22 2.77
N THR F 277 25.63 -9.27 2.26
CA THR F 277 24.67 -10.05 3.05
C THR F 277 25.36 -10.64 4.29
N GLU F 278 26.47 -11.33 4.07
CA GLU F 278 27.23 -11.96 5.15
C GLU F 278 27.68 -10.96 6.22
N ILE F 279 28.34 -9.89 5.78
CA ILE F 279 28.77 -8.84 6.70
C ILE F 279 27.61 -8.27 7.50
N LEU F 280 26.51 -7.94 6.82
CA LEU F 280 25.38 -7.27 7.47
C LEU F 280 24.64 -8.16 8.46
N LEU F 281 24.41 -9.41 8.08
CA LEU F 281 23.78 -10.39 8.98
C LEU F 281 24.58 -10.54 10.28
N ALA F 282 25.91 -10.61 10.14
CA ALA F 282 26.80 -10.68 11.31
C ALA F 282 26.77 -9.39 12.14
N ALA F 283 26.75 -8.25 11.46
CA ALA F 283 26.62 -6.96 12.14
C ALA F 283 25.34 -6.94 12.99
N GLN F 284 24.23 -7.34 12.37
CA GLN F 284 22.93 -7.40 13.01
C GLN F 284 22.98 -8.17 14.33
N SER F 285 23.70 -9.30 14.33
CA SER F 285 23.79 -10.17 15.49
C SER F 285 24.65 -9.60 16.62
N ALA F 286 25.54 -8.70 16.25
CA ALA F 286 26.42 -8.08 17.23
C ALA F 286 25.79 -6.75 17.68
N GLN F 287 24.50 -6.61 17.39
CA GLN F 287 23.77 -5.39 17.71
C GLN F 287 24.44 -4.18 17.08
N TRP F 288 24.88 -4.37 15.83
CA TRP F 288 25.42 -3.28 15.03
C TRP F 288 26.64 -2.62 15.70
N GLY F 289 27.27 -3.36 16.60
CA GLY F 289 28.57 -3.01 17.12
C GLY F 289 29.60 -3.49 16.12
N PRO F 290 30.88 -3.17 16.36
CA PRO F 290 31.92 -3.57 15.42
C PRO F 290 32.04 -5.09 15.30
N THR F 291 32.47 -5.56 14.13
CA THR F 291 32.68 -6.99 13.89
C THR F 291 34.00 -7.24 13.16
N ARG F 292 34.41 -8.49 13.18
CA ARG F 292 35.58 -8.92 12.40
C ARG F 292 35.10 -9.78 11.25
N TYR F 293 35.52 -9.41 10.04
CA TYR F 293 35.23 -10.21 8.85
C TYR F 293 36.52 -10.48 8.09
N HIS F 294 36.83 -11.76 7.93
CA HIS F 294 38.14 -12.19 7.47
C HIS F 294 39.15 -11.59 8.46
N ASP F 295 40.07 -10.77 7.99
CA ASP F 295 41.05 -10.23 8.92
C ASP F 295 40.85 -8.73 9.07
N THR F 296 39.63 -8.29 8.77
CA THR F 296 39.29 -6.88 8.63
C THR F 296 38.25 -6.45 9.65
N LEU F 297 38.47 -5.31 10.29
CA LEU F 297 37.46 -4.74 11.20
C LEU F 297 36.38 -3.96 10.46
N HIS F 298 35.13 -4.24 10.83
CA HIS F 298 33.98 -3.51 10.31
C HIS F 298 33.17 -2.89 11.44
N ASP F 299 32.54 -1.76 11.15
CA ASP F 299 31.59 -1.14 12.05
C ASP F 299 30.54 -0.42 11.21
N ARG F 300 29.67 0.37 11.84
CA ARG F 300 28.56 1.01 11.12
C ARG F 300 28.95 1.87 9.91
N ALA F 301 30.18 2.38 9.88
CA ALA F 301 30.71 3.18 8.78
C ALA F 301 30.92 2.40 7.45
N SER F 302 31.29 1.13 7.58
CA SER F 302 31.42 0.26 6.41
C SER F 302 30.12 -0.51 6.12
N TYR F 303 29.38 -0.88 7.17
CA TYR F 303 28.06 -1.48 7.01
C TYR F 303 27.23 -0.65 6.03
N ARG F 304 27.31 0.67 6.18
CA ARG F 304 26.59 1.58 5.29
C ARG F 304 26.82 1.20 3.83
N TYR F 305 28.08 0.99 3.47
CA TYR F 305 28.43 0.65 2.10
C TYR F 305 27.67 -0.60 1.65
N TYR F 306 27.68 -1.63 2.49
CA TYR F 306 27.11 -2.92 2.13
C TYR F 306 25.60 -2.93 2.12
N TRP F 307 25.01 -2.06 2.94
CA TRP F 307 23.57 -1.84 2.90
C TRP F 307 23.16 -1.08 1.63
N SER F 308 23.97 -0.10 1.26
CA SER F 308 23.78 0.63 0.00
C SER F 308 23.78 -0.38 -1.17
N VAL F 309 24.69 -1.35 -1.10
CA VAL F 309 24.83 -2.41 -2.10
C VAL F 309 23.59 -3.33 -2.18
N LEU F 310 23.10 -3.78 -1.02
CA LEU F 310 21.89 -4.60 -0.93
C LEU F 310 20.63 -3.87 -1.35
N ARG F 311 20.49 -2.63 -0.87
CA ARG F 311 19.35 -1.78 -1.20
C ARG F 311 19.21 -1.54 -2.72
N ARG F 312 20.32 -1.25 -3.39
CA ARG F 312 20.32 -1.01 -4.84
C ARG F 312 20.02 -2.29 -5.62
N ALA F 313 20.47 -3.44 -5.09
CA ALA F 313 20.26 -4.71 -5.76
C ALA F 313 18.79 -5.12 -5.72
N GLN F 314 18.18 -4.99 -4.56
CA GLN F 314 16.79 -5.40 -4.37
C GLN F 314 15.87 -4.44 -5.12
N ALA F 315 16.14 -3.15 -5.00
CA ALA F 315 15.40 -2.15 -5.74
C ALA F 315 15.40 -2.43 -7.24
N THR F 316 16.59 -2.55 -7.82
CA THR F 316 16.74 -2.82 -9.25
C THR F 316 16.40 -4.26 -9.64
N GLY F 317 15.65 -4.94 -8.79
CA GLY F 317 15.19 -6.29 -9.07
C GLY F 317 16.31 -7.28 -9.37
N ARG F 318 17.44 -7.12 -8.70
CA ARG F 318 18.53 -8.06 -8.82
C ARG F 318 18.42 -9.15 -7.76
N ALA F 319 19.03 -10.31 -8.00
CA ALA F 319 18.87 -11.46 -7.12
C ALA F 319 19.52 -11.25 -5.76
N VAL F 320 18.68 -11.16 -4.73
CA VAL F 320 19.15 -11.05 -3.35
C VAL F 320 18.90 -12.36 -2.61
N PRO F 321 19.93 -12.87 -1.88
CA PRO F 321 19.83 -14.14 -1.15
C PRO F 321 18.70 -14.18 -0.11
N GLN F 322 18.03 -15.32 -0.02
CA GLN F 322 16.92 -15.48 0.92
C GLN F 322 17.38 -15.20 2.34
N ASP F 323 18.67 -15.46 2.59
CA ASP F 323 19.30 -15.21 3.89
C ASP F 323 19.21 -13.74 4.32
N ALA F 324 19.05 -12.85 3.35
CA ALA F 324 19.08 -11.41 3.62
C ALA F 324 17.73 -10.86 4.09
N ALA F 325 16.71 -11.72 4.11
CA ALA F 325 15.35 -11.35 4.51
C ALA F 325 15.23 -10.51 5.81
N PRO F 326 15.90 -10.94 6.90
CA PRO F 326 15.83 -10.16 8.14
C PRO F 326 16.54 -8.80 8.10
N LEU F 327 17.09 -8.41 6.95
CA LEU F 327 17.70 -7.10 6.80
C LEU F 327 16.73 -6.12 6.15
N PHE F 328 15.59 -6.65 5.67
CA PHE F 328 14.54 -5.83 5.05
C PHE F 328 13.26 -5.76 5.89
#